data_3ERC
#
_entry.id   3ERC
#
_cell.length_a   69.925
_cell.length_b   77.153
_cell.length_c   108.030
_cell.angle_alpha   89.52
_cell.angle_beta   73.45
_cell.angle_gamma   63.76
#
_symmetry.space_group_name_H-M   'P 1'
#
loop_
_entity.id
_entity.type
_entity.pdbx_description
1 polymer "Cap-specific mRNA (nucleoside-2'-O-)-methyltransferase"
2 polymer 'Poly(A) polymerase catalytic subunit'
3 polymer "RNA/DNA chimera (5'-D(CP*)R(UP*UP*)D(CP*C)-3')"
4 polymer "RNA/DNA chimera (5'-D(CP*)R(UP*UP*)-D(C)-3')"
5 polymer "RNA/DNA chimera (5'-D(CP*CP*)R(UP*UP*)D(C)-3')"
6 non-polymer "URIDINE-5'-MONOPHOSPHATE"
7 non-polymer "3'-DEOXYADENOSINE-5'-TRIPHOSPHATE"
8 non-polymer 'CALCIUM ION'
9 water water
#
loop_
_entity_poly.entity_id
_entity_poly.type
_entity_poly.pdbx_seq_one_letter_code
_entity_poly.pdbx_strand_id
1 'polypeptide(L)'
;MDVVSLDKPFMYFEEIDNELDYEPESANEVAKKLPYQGQLKLLLGELFFLSKLQRHGILDGATVVYIGSAPGTHIRYLRD
HFYNLGVIIKWMLIDGRHHDPILNGLRDVTLVTRFVDEEYLRSIKKQLHPSKIILISDVASAAGGNEPSTADLLSNYALQ
NVMISILNPVASSLKWRCPFPDQWIKDFYIPHGNKMLQPFAPSYSAEMRLLSIYTGENMRLTRVTKSDAVNYEKKMYYLN
KIVRNKVVVNFDYPNQEYDYFHMYFMLRTVYCNKTFPTTKAKVLFLQQSIFRFLNIP
;
A,B
2 'polypeptide(L)'
;MNRNPDQNTLPNITLKIIETYLGRVPSVNEYHMLKSQARNIQKITVFNKDIFVSLVKKNKKRFFSDVNTSASEIKDRILS
YFSKQTQTYNIGKLFTIIELQSVLVTTYTDILGVLTIKAPNVISSKISYNVTSMEELARDMLNSMNVAVIDKAKVMGRHN
VSSLVKNVNKLMEEYLRRHNKSCICYGSYSLYLINPNIRYGDIDILQTNSRTFLIDLAFLIKFITGNNIILSKIPYLRNY
MVIKDENDNHIIDSFNIRQDTMNVVPKIFIDNIYIVDPTFQLLNMIKMFSQIDRLEDLSKDPEKFNARMATMLEYVRYTH
GIVFDGKRNNMPMKCIIDENNRIVTVTTKDYFSFKKCLVYLDENVLSSDILDLNADTSCDFESVTNSVYLIHDNIMYTYF
SNTILLSDKGKVHEISARGLCAHILLYQMLTSGEYKQCLSDLLNSMMNRDKIPIYSHTERDKKPGRHGFINIEKDIIVF
;
C,D
3 'polyribonucleotide' (DC)UU(DC)(DC) E,F
4 'polyribonucleotide' (DC)UU(DC) G
5 'polyribonucleotide' (DC)(DC)UU(DC) I
#
loop_
_chem_comp.id
_chem_comp.type
_chem_comp.name
_chem_comp.formula
3AT non-polymer 3'-DEOXYADENOSINE-5'-TRIPHOSPHATE 'C10 H16 N5 O12 P3'
CA non-polymer 'CALCIUM ION' 'Ca 2'
DC DNA linking 2'-DEOXYCYTIDINE-5'-MONOPHOSPHATE 'C9 H14 N3 O7 P'
U RNA linking URIDINE-5'-MONOPHOSPHATE 'C9 H13 N2 O9 P'
U5P non-polymer URIDINE-5'-MONOPHOSPHATE 'C9 H13 N2 O9 P'
#
# COMPACT_ATOMS: atom_id res chain seq x y z
N MET A 1 -45.68 -1.28 2.36
CA MET A 1 -46.07 -1.34 0.91
C MET A 1 -44.82 -1.49 0.04
N ASP A 2 -43.74 -0.81 0.45
CA ASP A 2 -42.44 -0.82 -0.22
C ASP A 2 -41.65 0.23 0.53
N VAL A 3 -41.58 0.01 1.83
CA VAL A 3 -40.93 0.92 2.75
C VAL A 3 -39.73 0.23 3.34
N VAL A 4 -39.12 0.84 4.35
CA VAL A 4 -37.97 0.26 5.01
C VAL A 4 -37.38 1.11 6.13
N SER A 5 -36.65 0.46 7.03
CA SER A 5 -36.01 1.14 8.14
C SER A 5 -34.51 0.90 8.06
N LEU A 6 -33.76 1.93 7.73
CA LEU A 6 -32.32 1.79 7.60
C LEU A 6 -31.58 2.53 8.66
N ASP A 7 -30.31 2.22 8.82
CA ASP A 7 -29.49 2.87 9.81
C ASP A 7 -28.68 3.95 9.10
N LYS A 8 -28.38 3.69 7.84
CA LYS A 8 -27.65 4.63 7.03
C LYS A 8 -27.64 4.23 5.55
N PRO A 9 -27.59 5.21 4.66
CA PRO A 9 -27.57 4.89 3.24
C PRO A 9 -26.27 4.22 2.86
N PHE A 10 -26.24 3.64 1.68
CA PHE A 10 -25.02 3.06 1.20
C PHE A 10 -24.21 4.24 0.74
N MET A 11 -23.19 4.62 1.50
CA MET A 11 -22.36 5.75 1.13
C MET A 11 -21.39 5.40 0.02
N TYR A 12 -20.60 4.35 0.25
CA TYR A 12 -19.61 3.91 -0.72
C TYR A 12 -19.99 2.54 -1.30
N PHE A 13 -19.38 2.20 -2.45
CA PHE A 13 -19.69 0.95 -3.14
C PHE A 13 -19.36 -0.32 -2.39
N GLU A 14 -18.31 -0.26 -1.59
CA GLU A 14 -17.88 -1.42 -0.82
C GLU A 14 -18.97 -1.80 0.18
N GLU A 15 -19.97 -0.93 0.33
CA GLU A 15 -21.06 -1.14 1.27
C GLU A 15 -22.36 -1.78 0.79
N ILE A 16 -22.58 -1.85 -0.52
CA ILE A 16 -23.79 -2.50 -1.03
C ILE A 16 -23.70 -3.99 -0.63
N ASP A 17 -24.73 -4.52 0.02
CA ASP A 17 -24.68 -5.91 0.48
C ASP A 17 -25.58 -6.92 -0.22
N ASN A 18 -25.74 -6.77 -1.53
CA ASN A 18 -26.58 -7.69 -2.30
C ASN A 18 -26.42 -7.45 -3.81
N GLU A 19 -26.92 -8.37 -4.60
CA GLU A 19 -26.84 -8.26 -6.06
C GLU A 19 -28.21 -8.55 -6.67
N LEU A 20 -28.30 -8.37 -7.99
CA LEU A 20 -29.53 -8.64 -8.72
C LEU A 20 -29.14 -8.60 -10.18
N ASP A 21 -29.52 -9.63 -10.94
CA ASP A 21 -29.17 -9.71 -12.36
C ASP A 21 -29.72 -8.56 -13.20
N TYR A 22 -28.84 -7.85 -13.88
CA TYR A 22 -29.27 -6.74 -14.71
C TYR A 22 -30.29 -7.20 -15.76
N GLU A 23 -31.46 -6.55 -15.75
CA GLU A 23 -32.56 -6.84 -16.67
C GLU A 23 -32.86 -5.52 -17.41
N PRO A 24 -32.41 -5.42 -18.67
CA PRO A 24 -32.55 -4.26 -19.57
C PRO A 24 -33.92 -3.62 -19.86
N GLU A 25 -34.97 -3.96 -19.10
CA GLU A 25 -36.29 -3.35 -19.34
C GLU A 25 -36.23 -1.90 -18.89
N SER A 26 -35.20 -1.61 -18.09
CA SER A 26 -34.92 -0.30 -17.52
C SER A 26 -34.85 0.80 -18.58
N LYS A 33 -36.01 11.07 -9.94
CA LYS A 33 -36.92 11.49 -11.01
C LYS A 33 -37.21 12.99 -10.88
N LEU A 34 -36.29 13.83 -11.35
CA LEU A 34 -36.44 15.29 -11.23
C LEU A 34 -36.06 16.06 -12.49
N PRO A 35 -36.01 17.41 -12.36
CA PRO A 35 -35.67 18.36 -13.42
C PRO A 35 -34.38 19.05 -12.98
N TYR A 36 -33.50 19.35 -13.94
CA TYR A 36 -32.22 19.99 -13.64
C TYR A 36 -31.36 19.08 -12.74
N GLN A 37 -31.86 17.85 -12.55
CA GLN A 37 -31.23 16.81 -11.74
C GLN A 37 -29.80 16.43 -12.12
N GLY A 38 -29.42 16.73 -13.36
CA GLY A 38 -28.08 16.43 -13.80
C GLY A 38 -27.11 17.17 -12.89
N GLN A 39 -27.13 18.50 -12.99
CA GLN A 39 -26.27 19.34 -12.19
C GLN A 39 -26.42 19.12 -10.67
N LEU A 40 -27.42 18.35 -10.27
CA LEU A 40 -27.64 18.07 -8.86
C LEU A 40 -26.78 16.91 -8.41
N LYS A 41 -26.95 15.78 -9.08
CA LYS A 41 -26.18 14.57 -8.78
C LYS A 41 -24.75 14.98 -8.47
N LEU A 42 -24.26 15.94 -9.27
CA LEU A 42 -22.92 16.48 -9.13
C LEU A 42 -22.76 17.43 -7.95
N LEU A 43 -23.65 18.41 -7.83
CA LEU A 43 -23.56 19.37 -6.73
C LEU A 43 -23.27 18.68 -5.40
N LEU A 44 -23.83 17.49 -5.21
CA LEU A 44 -23.63 16.73 -3.98
C LEU A 44 -22.29 16.02 -3.93
N GLY A 45 -22.02 15.17 -4.91
CA GLY A 45 -20.77 14.43 -4.92
C GLY A 45 -19.56 15.32 -4.80
N GLU A 46 -19.72 16.55 -5.27
CA GLU A 46 -18.65 17.53 -5.26
C GLU A 46 -18.67 18.31 -3.96
N LEU A 47 -19.86 18.72 -3.51
CA LEU A 47 -19.94 19.45 -2.25
C LEU A 47 -19.38 18.47 -1.22
N PHE A 48 -19.69 17.19 -1.42
CA PHE A 48 -19.26 16.13 -0.53
C PHE A 48 -17.76 15.87 -0.57
N PHE A 49 -17.24 15.64 -1.76
CA PHE A 49 -15.82 15.38 -1.93
C PHE A 49 -14.99 16.46 -1.27
N LEU A 50 -15.11 17.69 -1.75
CA LEU A 50 -14.36 18.80 -1.22
C LEU A 50 -14.60 19.04 0.26
N SER A 51 -15.82 18.81 0.71
CA SER A 51 -16.11 19.01 2.14
C SER A 51 -15.16 18.15 2.95
N LYS A 52 -14.99 16.91 2.55
CA LYS A 52 -14.07 16.04 3.27
C LYS A 52 -12.68 16.67 3.19
N LEU A 53 -12.22 16.94 1.97
CA LEU A 53 -10.89 17.53 1.77
C LEU A 53 -10.65 18.70 2.71
N GLN A 54 -11.73 19.31 3.17
CA GLN A 54 -11.67 20.43 4.08
C GLN A 54 -11.64 19.93 5.52
N ARG A 55 -12.45 18.91 5.79
CA ARG A 55 -12.53 18.28 7.11
C ARG A 55 -11.21 17.58 7.41
N HIS A 56 -10.39 17.45 6.37
CA HIS A 56 -9.10 16.81 6.52
C HIS A 56 -8.02 17.77 6.14
N GLY A 57 -8.43 18.99 5.82
CA GLY A 57 -7.46 20.04 5.49
C GLY A 57 -7.10 20.22 4.04
N ILE A 58 -6.73 19.12 3.40
CA ILE A 58 -6.32 19.14 2.00
C ILE A 58 -6.83 20.35 1.19
N LEU A 59 -8.12 20.63 1.30
CA LEU A 59 -8.73 21.74 0.57
C LEU A 59 -8.20 23.13 0.90
N ASP A 60 -7.34 23.25 1.89
CA ASP A 60 -6.82 24.56 2.31
C ASP A 60 -5.97 25.32 1.29
N GLY A 61 -6.53 26.39 0.72
CA GLY A 61 -5.81 27.19 -0.26
C GLY A 61 -5.28 26.45 -1.47
N ALA A 62 -5.83 25.28 -1.73
CA ALA A 62 -5.39 24.47 -2.87
C ALA A 62 -6.11 24.90 -4.14
N THR A 63 -5.70 24.33 -5.27
CA THR A 63 -6.33 24.64 -6.55
C THR A 63 -7.08 23.42 -7.07
N VAL A 64 -8.38 23.60 -7.34
CA VAL A 64 -9.21 22.53 -7.85
C VAL A 64 -9.14 22.57 -9.36
N VAL A 65 -8.65 21.49 -9.95
CA VAL A 65 -8.56 21.45 -11.38
C VAL A 65 -9.66 20.55 -11.87
N TYR A 66 -10.70 21.17 -12.36
CA TYR A 66 -11.85 20.44 -12.85
C TYR A 66 -11.73 20.28 -14.36
N ILE A 67 -11.56 19.03 -14.79
CA ILE A 67 -11.42 18.65 -16.18
C ILE A 67 -12.69 17.89 -16.59
N GLY A 68 -13.44 18.44 -17.53
CA GLY A 68 -14.68 17.81 -17.98
C GLY A 68 -15.81 18.50 -17.25
N SER A 69 -15.56 19.75 -16.88
CA SER A 69 -16.50 20.59 -16.14
C SER A 69 -17.76 21.02 -16.88
N ALA A 70 -17.61 22.05 -17.72
CA ALA A 70 -18.71 22.61 -18.49
C ALA A 70 -19.83 21.64 -18.81
N PRO A 71 -21.08 22.14 -18.82
CA PRO A 71 -21.41 23.55 -18.56
C PRO A 71 -20.98 23.93 -17.14
N GLY A 72 -21.14 22.99 -16.22
CA GLY A 72 -20.75 23.22 -14.84
C GLY A 72 -21.50 24.30 -14.08
N THR A 73 -22.77 24.44 -14.38
CA THR A 73 -23.56 25.45 -13.70
C THR A 73 -23.34 25.32 -12.21
N HIS A 74 -23.69 24.17 -11.66
CA HIS A 74 -23.57 23.93 -10.22
C HIS A 74 -22.29 24.48 -9.60
N ILE A 75 -21.17 24.12 -10.18
CA ILE A 75 -19.86 24.55 -9.71
C ILE A 75 -19.90 25.93 -9.06
N ARG A 76 -20.66 26.86 -9.65
CA ARG A 76 -20.75 28.20 -9.08
C ARG A 76 -21.14 28.03 -7.63
N TYR A 77 -22.26 27.39 -7.43
CA TYR A 77 -22.75 27.14 -6.09
C TYR A 77 -21.58 26.75 -5.20
N LEU A 78 -20.97 25.63 -5.53
CA LEU A 78 -19.85 25.12 -4.77
C LEU A 78 -18.93 26.27 -4.46
N ARG A 79 -18.51 27.00 -5.49
CA ARG A 79 -17.62 28.15 -5.28
C ARG A 79 -18.11 29.09 -4.21
N ASP A 80 -19.36 29.51 -4.36
CA ASP A 80 -19.95 30.43 -3.41
C ASP A 80 -19.96 29.82 -2.02
N HIS A 81 -20.21 28.52 -1.94
CA HIS A 81 -20.24 27.85 -0.64
C HIS A 81 -18.95 28.11 0.14
N PHE A 82 -17.85 27.57 -0.37
CA PHE A 82 -16.54 27.70 0.28
C PHE A 82 -16.05 29.13 0.48
N TYR A 83 -16.35 30.00 -0.48
CA TYR A 83 -15.93 31.38 -0.35
C TYR A 83 -16.58 31.79 0.94
N ASN A 84 -17.90 31.68 0.96
CA ASN A 84 -18.66 32.02 2.14
C ASN A 84 -18.11 31.33 3.38
N LEU A 85 -17.32 30.28 3.19
CA LEU A 85 -16.74 29.57 4.33
C LEU A 85 -15.35 30.04 4.73
N GLY A 86 -14.89 31.11 4.10
CA GLY A 86 -13.58 31.62 4.42
C GLY A 86 -12.51 30.89 3.64
N VAL A 87 -12.82 29.68 3.21
CA VAL A 87 -11.87 28.87 2.47
C VAL A 87 -11.31 29.60 1.26
N ILE A 88 -10.07 29.26 0.95
CA ILE A 88 -9.36 29.85 -0.16
C ILE A 88 -9.09 28.78 -1.19
N ILE A 89 -9.52 29.02 -2.42
CA ILE A 89 -9.31 28.06 -3.48
C ILE A 89 -9.35 28.70 -4.85
N LYS A 90 -8.42 28.29 -5.70
CA LYS A 90 -8.40 28.78 -7.07
C LYS A 90 -9.18 27.71 -7.81
N TRP A 91 -10.06 28.11 -8.71
CA TRP A 91 -10.83 27.13 -9.44
C TRP A 91 -10.46 27.11 -10.92
N MET A 92 -9.78 26.06 -11.35
CA MET A 92 -9.41 25.96 -12.75
C MET A 92 -10.30 24.99 -13.49
N LEU A 93 -11.12 25.54 -14.37
CA LEU A 93 -12.04 24.73 -15.15
C LEU A 93 -11.59 24.65 -16.60
N ILE A 94 -11.26 23.44 -17.03
CA ILE A 94 -10.84 23.22 -18.39
C ILE A 94 -11.86 22.33 -19.07
N ASP A 95 -12.22 22.66 -20.31
CA ASP A 95 -13.18 21.85 -21.06
C ASP A 95 -13.29 22.46 -22.44
N GLY A 96 -13.22 21.60 -23.45
CA GLY A 96 -13.32 22.05 -24.83
C GLY A 96 -14.57 22.84 -25.12
N ARG A 97 -15.66 22.50 -24.43
CA ARG A 97 -16.93 23.20 -24.61
C ARG A 97 -16.93 24.36 -23.63
N HIS A 98 -17.93 25.24 -23.74
CA HIS A 98 -17.98 26.40 -22.86
C HIS A 98 -18.71 26.22 -21.54
N HIS A 99 -18.51 27.18 -20.64
CA HIS A 99 -19.09 27.16 -19.31
C HIS A 99 -20.23 28.15 -19.06
N ASP A 100 -21.18 27.72 -18.23
CA ASP A 100 -22.34 28.55 -17.87
C ASP A 100 -21.81 29.90 -17.45
N PRO A 101 -22.04 30.92 -18.28
CA PRO A 101 -21.64 32.31 -18.10
C PRO A 101 -21.56 32.74 -16.66
N ILE A 102 -22.39 32.14 -15.82
CA ILE A 102 -22.39 32.49 -14.41
C ILE A 102 -21.04 32.20 -13.80
N LEU A 103 -20.10 31.78 -14.62
CA LEU A 103 -18.77 31.48 -14.13
C LEU A 103 -17.73 32.52 -14.54
N ASN A 104 -18.05 33.35 -15.53
CA ASN A 104 -17.13 34.39 -15.95
C ASN A 104 -16.96 35.41 -14.85
N GLY A 105 -16.15 36.42 -15.10
CA GLY A 105 -15.96 37.45 -14.11
C GLY A 105 -15.52 37.02 -12.72
N LEU A 106 -15.34 35.72 -12.49
CA LEU A 106 -14.89 35.27 -11.17
C LEU A 106 -13.36 35.29 -11.10
N ARG A 107 -12.83 36.13 -10.21
CA ARG A 107 -11.39 36.25 -10.05
C ARG A 107 -10.79 34.94 -9.58
N ASP A 108 -11.52 34.22 -8.73
CA ASP A 108 -11.05 32.95 -8.19
C ASP A 108 -11.20 31.78 -9.15
N VAL A 109 -11.67 32.07 -10.37
CA VAL A 109 -11.86 31.03 -11.37
C VAL A 109 -11.23 31.35 -12.73
N THR A 110 -10.49 30.39 -13.26
CA THR A 110 -9.85 30.54 -14.57
C THR A 110 -10.67 29.64 -15.47
N LEU A 111 -10.94 30.04 -16.70
CA LEU A 111 -11.71 29.18 -17.59
C LEU A 111 -10.98 28.86 -18.87
N VAL A 112 -10.43 27.65 -18.94
CA VAL A 112 -9.71 27.22 -20.13
C VAL A 112 -10.74 26.65 -21.11
N THR A 113 -10.62 27.06 -22.36
CA THR A 113 -11.53 26.59 -23.39
C THR A 113 -10.72 25.71 -24.33
N ARG A 114 -9.97 24.79 -23.72
CA ARG A 114 -9.13 23.87 -24.45
C ARG A 114 -9.42 22.42 -24.06
N PHE A 115 -8.91 21.50 -24.86
CA PHE A 115 -9.07 20.07 -24.60
C PHE A 115 -7.73 19.43 -24.19
N VAL A 116 -7.80 18.56 -23.20
CA VAL A 116 -6.60 17.93 -22.64
C VAL A 116 -5.89 16.85 -23.42
N ASP A 117 -4.57 16.77 -23.20
CA ASP A 117 -3.69 15.81 -23.83
C ASP A 117 -2.41 15.77 -23.03
N GLU A 118 -1.41 15.06 -23.54
CA GLU A 118 -0.14 14.97 -22.87
C GLU A 118 0.45 16.36 -22.59
N GLU A 119 1.07 16.98 -23.59
CA GLU A 119 1.68 18.29 -23.39
C GLU A 119 0.89 19.20 -22.47
N TYR A 120 -0.42 19.31 -22.68
CA TYR A 120 -1.22 20.20 -21.86
C TYR A 120 -1.11 20.05 -20.36
N LEU A 121 -1.19 18.83 -19.86
CA LEU A 121 -1.06 18.62 -18.42
C LEU A 121 0.33 19.06 -17.99
N ARG A 122 1.34 18.61 -18.73
CA ARG A 122 2.73 18.96 -18.43
C ARG A 122 2.87 20.47 -18.30
N SER A 123 2.05 21.22 -19.03
CA SER A 123 2.08 22.68 -18.99
C SER A 123 1.45 23.21 -17.71
N ILE A 124 0.13 23.07 -17.59
CA ILE A 124 -0.59 23.54 -16.41
C ILE A 124 0.10 23.05 -15.16
N LYS A 125 0.57 21.80 -15.17
CA LYS A 125 1.26 21.32 -14.00
C LYS A 125 2.35 22.32 -13.70
N LYS A 126 3.29 22.49 -14.63
CA LYS A 126 4.39 23.42 -14.46
C LYS A 126 3.87 24.77 -14.00
N GLN A 127 2.83 25.24 -14.67
CA GLN A 127 2.24 26.52 -14.34
C GLN A 127 1.80 26.63 -12.89
N LEU A 128 0.85 25.78 -12.51
CA LEU A 128 0.26 25.75 -11.16
C LEU A 128 1.21 25.43 -10.03
N HIS A 129 2.09 24.47 -10.26
CA HIS A 129 3.06 24.05 -9.26
C HIS A 129 3.59 25.29 -8.58
N PRO A 130 3.89 25.20 -7.28
CA PRO A 130 3.80 24.08 -6.35
C PRO A 130 2.51 24.07 -5.56
N SER A 131 1.56 24.93 -5.95
CA SER A 131 0.29 24.98 -5.24
C SER A 131 -0.13 23.54 -5.26
N LYS A 132 -0.76 23.06 -4.20
CA LYS A 132 -1.19 21.66 -4.21
C LYS A 132 -2.45 21.56 -5.09
N ILE A 133 -2.55 20.51 -5.91
CA ILE A 133 -3.68 20.35 -6.81
C ILE A 133 -4.73 19.31 -6.42
N ILE A 134 -5.99 19.66 -6.66
CA ILE A 134 -7.14 18.81 -6.38
C ILE A 134 -7.84 18.52 -7.71
N LEU A 135 -7.80 17.26 -8.13
CA LEU A 135 -8.37 16.84 -9.41
C LEU A 135 -9.80 16.34 -9.37
N ILE A 136 -10.62 16.91 -10.25
CA ILE A 136 -12.03 16.51 -10.36
C ILE A 136 -12.33 16.19 -11.83
N SER A 137 -12.27 14.93 -12.22
CA SER A 137 -12.54 14.60 -13.62
C SER A 137 -13.93 14.06 -13.88
N ASP A 138 -14.56 14.62 -14.90
CA ASP A 138 -15.89 14.23 -15.31
C ASP A 138 -15.85 14.10 -16.82
N VAL A 139 -14.67 13.76 -17.34
CA VAL A 139 -14.47 13.60 -18.76
C VAL A 139 -15.58 12.76 -19.44
N ALA A 140 -15.96 13.19 -20.63
CA ALA A 140 -16.99 12.53 -21.41
C ALA A 140 -16.43 11.91 -22.71
N SER A 141 -17.33 11.69 -23.66
CA SER A 141 -17.01 11.09 -24.96
C SER A 141 -18.26 10.84 -25.85
N GLY A 145 -23.76 10.54 -28.32
CA GLY A 145 -25.02 10.40 -27.61
C GLY A 145 -25.47 8.97 -27.38
N ASN A 146 -26.24 8.75 -26.31
CA ASN A 146 -26.80 7.45 -25.88
C ASN A 146 -26.10 6.80 -24.66
N GLU A 147 -24.77 6.61 -24.77
CA GLU A 147 -23.94 6.05 -23.70
C GLU A 147 -22.62 5.47 -24.19
N PRO A 148 -21.50 6.06 -23.77
CA PRO A 148 -20.13 5.68 -24.10
C PRO A 148 -19.85 4.20 -24.23
N SER A 149 -19.13 3.87 -25.30
CA SER A 149 -18.75 2.50 -25.56
C SER A 149 -17.53 2.24 -24.69
N THR A 150 -17.38 1.00 -24.26
CA THR A 150 -16.24 0.61 -23.42
C THR A 150 -14.97 1.16 -24.06
N ALA A 151 -14.97 1.20 -25.40
CA ALA A 151 -13.85 1.71 -26.15
C ALA A 151 -13.50 3.09 -25.61
N ASP A 152 -14.52 3.92 -25.45
CA ASP A 152 -14.33 5.28 -24.95
C ASP A 152 -14.12 5.27 -23.45
N LEU A 153 -14.93 4.49 -22.76
CA LEU A 153 -14.83 4.41 -21.32
C LEU A 153 -13.38 4.30 -20.94
N LEU A 154 -12.67 3.41 -21.61
CA LEU A 154 -11.26 3.19 -21.35
C LEU A 154 -10.40 4.41 -21.66
N SER A 155 -10.35 4.80 -22.93
CA SER A 155 -9.56 5.95 -23.33
C SER A 155 -9.70 7.07 -22.34
N ASN A 156 -10.93 7.23 -21.85
CA ASN A 156 -11.21 8.25 -20.85
C ASN A 156 -10.41 7.90 -19.60
N TYR A 157 -10.77 6.79 -18.95
CA TYR A 157 -10.10 6.33 -17.73
C TYR A 157 -8.59 6.34 -17.93
N ALA A 158 -8.17 5.89 -19.11
CA ALA A 158 -6.77 5.88 -19.45
C ALA A 158 -6.29 7.29 -19.25
N LEU A 159 -7.02 8.23 -19.83
CA LEU A 159 -6.68 9.64 -19.73
C LEU A 159 -6.75 10.17 -18.30
N GLN A 160 -7.75 9.76 -17.53
CA GLN A 160 -7.87 10.23 -16.15
C GLN A 160 -6.68 9.78 -15.34
N ASN A 161 -6.24 8.54 -15.55
CA ASN A 161 -5.10 8.00 -14.83
C ASN A 161 -3.81 8.76 -15.15
N VAL A 162 -3.82 9.48 -16.27
CA VAL A 162 -2.68 10.28 -16.70
C VAL A 162 -2.68 11.63 -16.01
N MET A 163 -3.83 12.29 -16.01
CA MET A 163 -3.93 13.57 -15.34
C MET A 163 -3.25 13.30 -14.02
N ILE A 164 -3.80 12.35 -13.28
CA ILE A 164 -3.29 11.94 -11.97
C ILE A 164 -1.77 11.95 -11.92
N SER A 165 -1.18 11.00 -12.61
CA SER A 165 0.25 10.86 -12.68
C SER A 165 0.96 12.18 -12.98
N ILE A 166 0.37 12.99 -13.84
CA ILE A 166 0.97 14.28 -14.20
C ILE A 166 0.75 15.35 -13.13
N LEU A 167 -0.47 15.87 -13.06
CA LEU A 167 -0.80 16.90 -12.06
C LEU A 167 -0.48 16.44 -10.65
N ASN A 168 -0.05 15.20 -10.51
CA ASN A 168 0.28 14.64 -9.21
C ASN A 168 -0.46 15.40 -8.12
N PRO A 169 -1.77 15.23 -8.07
CA PRO A 169 -2.63 15.89 -7.08
C PRO A 169 -2.56 15.22 -5.72
N VAL A 170 -3.19 15.82 -4.72
CA VAL A 170 -3.21 15.29 -3.38
C VAL A 170 -4.45 14.44 -3.16
N ALA A 171 -5.56 14.84 -3.80
CA ALA A 171 -6.84 14.14 -3.73
C ALA A 171 -7.53 14.28 -5.08
N SER A 172 -8.42 13.36 -5.40
CA SER A 172 -9.09 13.46 -6.69
C SER A 172 -10.43 12.77 -6.75
N SER A 173 -11.38 13.43 -7.40
CA SER A 173 -12.70 12.87 -7.56
C SER A 173 -12.81 12.53 -9.03
N LEU A 174 -12.70 11.24 -9.33
CA LEU A 174 -12.75 10.78 -10.70
C LEU A 174 -14.00 10.05 -11.08
N LYS A 175 -14.50 10.35 -12.28
CA LYS A 175 -15.68 9.67 -12.78
C LYS A 175 -15.31 8.20 -12.83
N TRP A 176 -16.28 7.32 -12.58
CA TRP A 176 -15.99 5.89 -12.58
C TRP A 176 -17.23 5.03 -12.72
N ARG A 177 -17.37 4.40 -13.88
CA ARG A 177 -18.48 3.52 -14.16
C ARG A 177 -17.87 2.33 -14.87
N CYS A 178 -17.91 1.18 -14.20
CA CYS A 178 -17.32 -0.02 -14.76
C CYS A 178 -17.88 -0.29 -16.16
N PRO A 179 -17.02 -0.71 -17.10
CA PRO A 179 -17.49 -1.00 -18.47
C PRO A 179 -18.32 -2.26 -18.46
N PHE A 180 -19.47 -2.22 -19.11
CA PHE A 180 -20.35 -3.39 -19.13
C PHE A 180 -19.67 -4.73 -19.45
N PRO A 181 -19.91 -5.75 -18.61
CA PRO A 181 -19.30 -7.06 -18.81
C PRO A 181 -19.40 -7.55 -20.26
N ASP A 182 -20.62 -7.85 -20.68
CA ASP A 182 -20.88 -8.34 -22.04
C ASP A 182 -20.21 -7.54 -23.15
N GLN A 183 -19.64 -6.40 -22.80
CA GLN A 183 -18.97 -5.55 -23.78
C GLN A 183 -17.50 -5.35 -23.37
N TRP A 184 -17.04 -6.12 -22.39
CA TRP A 184 -15.67 -6.01 -21.90
C TRP A 184 -14.67 -6.12 -23.06
N ILE A 185 -13.52 -5.50 -22.87
CA ILE A 185 -12.47 -5.51 -23.88
C ILE A 185 -11.19 -5.99 -23.25
N LYS A 186 -10.53 -5.10 -22.53
CA LYS A 186 -9.30 -5.42 -21.84
C LYS A 186 -9.44 -4.90 -20.41
N ASP A 187 -8.46 -5.22 -19.56
CA ASP A 187 -8.47 -4.76 -18.18
C ASP A 187 -7.73 -3.46 -18.09
N PHE A 188 -7.75 -2.86 -16.92
CA PHE A 188 -7.09 -1.60 -16.72
C PHE A 188 -7.05 -1.36 -15.23
N TYR A 189 -6.33 -0.32 -14.83
CA TYR A 189 -6.22 0.00 -13.44
C TYR A 189 -6.73 1.42 -13.24
N ILE A 190 -7.37 1.68 -12.12
CA ILE A 190 -7.84 3.02 -11.82
C ILE A 190 -7.22 3.25 -10.47
N PRO A 191 -6.98 4.50 -10.12
CA PRO A 191 -6.38 4.69 -8.81
C PRO A 191 -7.23 4.14 -7.69
N HIS A 192 -6.56 3.80 -6.60
CA HIS A 192 -7.19 3.29 -5.39
C HIS A 192 -8.03 4.46 -4.90
N GLY A 193 -9.01 4.20 -4.06
CA GLY A 193 -9.86 5.28 -3.58
C GLY A 193 -11.29 4.83 -3.36
N ASN A 194 -11.96 5.42 -2.39
CA ASN A 194 -13.32 5.03 -2.11
C ASN A 194 -14.20 5.50 -3.24
N LYS A 195 -15.26 4.74 -3.51
CA LYS A 195 -16.19 5.05 -4.58
C LYS A 195 -17.55 5.37 -3.97
N MET A 196 -17.98 6.61 -4.08
CA MET A 196 -19.25 7.01 -3.49
C MET A 196 -20.38 6.90 -4.47
N LEU A 197 -21.50 6.39 -3.97
CA LEU A 197 -22.67 6.26 -4.79
C LEU A 197 -23.18 7.66 -4.92
N GLN A 198 -23.87 7.94 -6.02
CA GLN A 198 -24.39 9.27 -6.25
C GLN A 198 -25.90 9.39 -6.13
N PRO A 199 -26.37 10.36 -5.34
CA PRO A 199 -27.82 10.53 -5.17
C PRO A 199 -28.42 11.18 -6.42
N PHE A 200 -29.73 11.09 -6.57
CA PHE A 200 -30.43 11.67 -7.71
C PHE A 200 -29.70 11.46 -9.01
N ALA A 201 -29.24 10.23 -9.19
CA ALA A 201 -28.51 9.84 -10.38
C ALA A 201 -29.37 8.93 -11.24
N PRO A 202 -29.16 8.94 -12.55
CA PRO A 202 -29.93 8.11 -13.46
C PRO A 202 -30.47 6.88 -12.77
N SER A 203 -31.77 6.69 -12.91
CA SER A 203 -32.46 5.57 -12.33
C SER A 203 -31.56 4.35 -12.32
N TYR A 204 -30.99 4.01 -13.48
CA TYR A 204 -30.14 2.83 -13.58
C TYR A 204 -28.71 3.04 -14.05
N SER A 205 -28.02 3.99 -13.44
CA SER A 205 -26.63 4.25 -13.80
C SER A 205 -25.73 3.51 -12.84
N ALA A 206 -24.51 3.26 -13.28
CA ALA A 206 -23.54 2.56 -12.46
C ALA A 206 -22.39 3.52 -12.23
N GLU A 207 -22.65 4.79 -12.50
CA GLU A 207 -21.64 5.81 -12.31
C GLU A 207 -21.44 6.07 -10.83
N MET A 208 -20.23 6.46 -10.47
CA MET A 208 -19.89 6.74 -9.09
C MET A 208 -18.53 7.39 -9.12
N ARG A 209 -18.31 8.38 -8.27
CA ARG A 209 -17.03 9.07 -8.26
C ARG A 209 -15.96 8.35 -7.46
N LEU A 210 -14.79 8.19 -8.07
CA LEU A 210 -13.70 7.52 -7.41
C LEU A 210 -12.95 8.56 -6.61
N LEU A 211 -13.27 8.62 -5.32
CA LEU A 211 -12.64 9.56 -4.43
C LEU A 211 -11.36 8.94 -3.91
N SER A 212 -10.23 9.58 -4.17
CA SER A 212 -8.97 9.05 -3.70
C SER A 212 -7.96 10.12 -3.32
N ILE A 213 -7.36 9.94 -2.14
CA ILE A 213 -6.36 10.84 -1.59
C ILE A 213 -5.00 10.18 -1.72
N TYR A 214 -4.00 10.94 -2.13
CA TYR A 214 -2.68 10.41 -2.37
C TYR A 214 -1.64 10.52 -1.27
N THR A 215 -0.75 9.52 -1.27
CA THR A 215 0.34 9.34 -0.31
C THR A 215 1.58 10.20 -0.60
N GLY A 216 1.84 10.43 -1.87
CA GLY A 216 3.00 11.22 -2.27
C GLY A 216 3.80 10.50 -3.32
N GLU A 217 4.70 9.64 -2.85
CA GLU A 217 5.55 8.88 -3.76
C GLU A 217 5.01 7.48 -3.87
N ASN A 218 3.77 7.31 -3.45
CA ASN A 218 3.14 6.01 -3.49
C ASN A 218 1.74 5.98 -4.11
N MET A 219 1.72 6.01 -5.43
CA MET A 219 0.48 5.96 -6.19
C MET A 219 0.02 4.54 -6.05
N ARG A 220 -1.27 4.32 -6.19
CA ARG A 220 -1.82 3.00 -6.08
C ARG A 220 -2.97 2.83 -7.04
N LEU A 221 -2.95 1.74 -7.79
CA LEU A 221 -4.01 1.46 -8.74
C LEU A 221 -4.56 0.10 -8.43
N THR A 222 -5.82 -0.12 -8.78
CA THR A 222 -6.46 -1.39 -8.52
C THR A 222 -6.75 -2.01 -9.85
N ARG A 223 -6.25 -3.22 -10.06
CA ARG A 223 -6.48 -3.87 -11.33
C ARG A 223 -7.96 -4.19 -11.47
N VAL A 224 -8.51 -3.85 -12.63
CA VAL A 224 -9.91 -4.11 -12.88
C VAL A 224 -10.08 -5.28 -13.83
N THR A 225 -10.95 -6.19 -13.44
CA THR A 225 -11.20 -7.39 -14.22
C THR A 225 -12.69 -7.52 -14.49
N LYS A 226 -13.03 -8.36 -15.45
CA LYS A 226 -14.43 -8.57 -15.78
C LYS A 226 -15.17 -9.24 -14.64
N SER A 227 -14.49 -10.09 -13.89
CA SER A 227 -15.16 -10.75 -12.77
C SER A 227 -15.56 -9.61 -11.86
N ASP A 228 -14.64 -8.67 -11.70
CA ASP A 228 -14.86 -7.50 -10.88
C ASP A 228 -16.09 -6.79 -11.44
N ALA A 229 -16.12 -6.62 -12.76
CA ALA A 229 -17.22 -5.92 -13.44
C ALA A 229 -18.60 -6.52 -13.22
N VAL A 230 -18.68 -7.83 -13.07
CA VAL A 230 -19.95 -8.48 -12.83
C VAL A 230 -20.51 -8.02 -11.51
N ASN A 231 -19.66 -8.08 -10.49
CA ASN A 231 -20.03 -7.64 -9.16
C ASN A 231 -20.74 -6.28 -9.24
N TYR A 232 -20.17 -5.35 -10.01
CA TYR A 232 -20.74 -4.01 -10.17
C TYR A 232 -22.17 -4.03 -10.66
N GLU A 233 -22.33 -4.46 -11.90
CA GLU A 233 -23.65 -4.54 -12.50
C GLU A 233 -24.60 -5.12 -11.47
N LYS A 234 -24.26 -6.30 -10.96
CA LYS A 234 -25.10 -6.97 -9.97
C LYS A 234 -25.40 -6.08 -8.77
N LYS A 235 -24.37 -5.80 -7.99
CA LYS A 235 -24.56 -4.97 -6.81
C LYS A 235 -25.27 -3.66 -7.15
N MET A 236 -24.72 -2.91 -8.10
CA MET A 236 -25.31 -1.64 -8.51
C MET A 236 -26.78 -1.75 -8.86
N TYR A 237 -27.10 -2.68 -9.76
CA TYR A 237 -28.48 -2.90 -10.17
C TYR A 237 -29.38 -3.08 -8.95
N TYR A 238 -28.90 -3.83 -7.97
CA TYR A 238 -29.64 -4.06 -6.73
C TYR A 238 -30.01 -2.71 -6.13
N LEU A 239 -28.99 -1.88 -6.00
CA LEU A 239 -29.13 -0.55 -5.45
C LEU A 239 -30.20 0.23 -6.16
N ASN A 240 -29.99 0.46 -7.44
CA ASN A 240 -30.92 1.21 -8.26
C ASN A 240 -32.36 0.73 -8.29
N LYS A 241 -32.56 -0.59 -8.27
CA LYS A 241 -33.92 -1.13 -8.34
C LYS A 241 -34.57 -1.47 -7.02
N ILE A 242 -33.81 -1.99 -6.08
CA ILE A 242 -34.38 -2.39 -4.81
C ILE A 242 -34.16 -1.38 -3.70
N VAL A 243 -32.93 -0.90 -3.60
CA VAL A 243 -32.53 0.05 -2.57
C VAL A 243 -33.14 1.43 -2.68
N ARG A 244 -32.73 2.14 -3.71
CA ARG A 244 -33.22 3.48 -3.92
C ARG A 244 -34.75 3.56 -3.94
N ASN A 245 -35.42 2.59 -4.56
CA ASN A 245 -36.87 2.65 -4.63
C ASN A 245 -37.58 2.28 -3.33
N LYS A 246 -36.90 2.45 -2.21
CA LYS A 246 -37.51 2.13 -0.93
C LYS A 246 -37.80 3.41 -0.14
N VAL A 247 -38.53 3.28 0.96
CA VAL A 247 -38.85 4.45 1.74
C VAL A 247 -38.37 4.26 3.16
N VAL A 248 -37.55 5.20 3.62
CA VAL A 248 -37.02 5.11 4.96
C VAL A 248 -38.05 5.74 5.88
N VAL A 249 -38.92 4.89 6.40
CA VAL A 249 -40.01 5.31 7.29
C VAL A 249 -39.60 5.90 8.64
N ASN A 250 -38.35 5.70 9.06
CA ASN A 250 -37.89 6.23 10.34
C ASN A 250 -37.26 7.60 10.16
N PHE A 251 -36.56 7.75 9.04
CA PHE A 251 -35.89 8.99 8.66
C PHE A 251 -36.84 10.16 8.80
N ASP A 252 -36.63 10.97 9.82
CA ASP A 252 -37.51 12.10 10.05
C ASP A 252 -37.17 13.30 9.18
N TYR A 253 -37.50 13.20 7.89
CA TYR A 253 -37.22 14.28 6.97
C TYR A 253 -38.46 14.53 6.14
N PRO A 254 -38.65 15.77 5.66
CA PRO A 254 -39.81 16.06 4.83
C PRO A 254 -39.98 14.97 3.78
N ASN A 255 -39.05 14.94 2.84
CA ASN A 255 -39.09 13.93 1.80
C ASN A 255 -38.41 12.67 2.37
N GLN A 256 -38.97 11.51 2.11
CA GLN A 256 -38.40 10.28 2.64
C GLN A 256 -37.82 9.29 1.63
N GLU A 257 -37.80 9.63 0.35
CA GLU A 257 -37.25 8.71 -0.65
C GLU A 257 -35.84 8.38 -0.25
N TYR A 258 -35.40 7.17 -0.56
CA TYR A 258 -34.03 6.78 -0.22
C TYR A 258 -33.08 7.92 -0.55
N ASP A 259 -33.05 8.31 -1.82
CA ASP A 259 -32.14 9.38 -2.21
C ASP A 259 -32.15 10.60 -1.30
N TYR A 260 -33.32 11.14 -0.99
CA TYR A 260 -33.34 12.28 -0.10
C TYR A 260 -32.66 11.88 1.20
N PHE A 261 -32.88 10.62 1.62
CA PHE A 261 -32.27 10.09 2.84
C PHE A 261 -30.77 10.03 2.63
N HIS A 262 -30.39 9.60 1.44
CA HIS A 262 -28.99 9.48 1.05
C HIS A 262 -28.39 10.87 1.01
N MET A 263 -29.04 11.77 0.27
CA MET A 263 -28.59 13.16 0.13
C MET A 263 -28.43 13.80 1.48
N TYR A 264 -29.20 13.33 2.44
CA TYR A 264 -29.13 13.85 3.78
C TYR A 264 -27.74 13.55 4.35
N PHE A 265 -27.45 12.26 4.47
CA PHE A 265 -26.19 11.77 5.00
C PHE A 265 -24.95 12.37 4.36
N MET A 266 -25.10 12.95 3.18
CA MET A 266 -23.97 13.55 2.54
C MET A 266 -23.80 14.92 3.12
N LEU A 267 -24.86 15.71 3.08
CA LEU A 267 -24.84 17.08 3.59
C LEU A 267 -24.56 17.16 5.07
N ARG A 268 -24.95 16.12 5.80
CA ARG A 268 -24.72 16.10 7.25
C ARG A 268 -23.26 16.39 7.50
N THR A 269 -22.40 16.00 6.57
CA THR A 269 -20.99 16.20 6.74
C THR A 269 -20.50 17.52 6.18
N VAL A 270 -21.35 18.21 5.43
CA VAL A 270 -20.92 19.48 4.87
C VAL A 270 -20.81 20.51 5.96
N TYR A 271 -19.96 21.50 5.75
CA TYR A 271 -19.75 22.57 6.70
C TYR A 271 -20.50 23.83 6.32
N CYS A 272 -20.97 24.56 7.33
CA CYS A 272 -21.68 25.81 7.12
C CYS A 272 -21.65 26.63 8.41
N ASN A 273 -21.03 27.82 8.34
CA ASN A 273 -20.91 28.70 9.51
C ASN A 273 -22.24 29.04 10.18
N LYS A 274 -23.18 29.60 9.42
CA LYS A 274 -24.48 29.96 9.97
C LYS A 274 -24.90 29.00 11.08
N THR A 275 -25.35 29.55 12.21
CA THR A 275 -25.75 28.72 13.33
C THR A 275 -27.05 28.00 13.01
N PHE A 276 -27.14 26.73 13.40
CA PHE A 276 -28.31 25.90 13.17
C PHE A 276 -28.64 25.01 14.37
N PRO A 277 -29.95 24.80 14.64
CA PRO A 277 -30.37 23.95 15.76
C PRO A 277 -30.05 22.47 15.44
N THR A 278 -31.08 21.65 15.18
CA THR A 278 -30.82 20.24 14.86
C THR A 278 -30.02 20.18 13.57
N THR A 279 -29.64 18.99 13.12
CA THR A 279 -28.90 18.91 11.87
C THR A 279 -29.95 19.01 10.80
N LYS A 280 -31.03 18.27 10.99
CA LYS A 280 -32.13 18.28 10.05
C LYS A 280 -32.22 19.75 9.65
N ALA A 281 -32.03 20.61 10.63
CA ALA A 281 -32.09 22.04 10.44
C ALA A 281 -31.11 22.50 9.37
N LYS A 282 -29.84 22.18 9.55
CA LYS A 282 -28.81 22.57 8.58
C LYS A 282 -29.05 21.91 7.23
N VAL A 283 -29.04 20.59 7.22
CA VAL A 283 -29.24 19.84 5.99
C VAL A 283 -30.37 20.47 5.23
N LEU A 284 -31.55 20.36 5.80
CA LEU A 284 -32.74 20.91 5.19
C LEU A 284 -32.47 22.25 4.51
N PHE A 285 -31.78 23.15 5.21
CA PHE A 285 -31.49 24.44 4.61
C PHE A 285 -30.65 24.26 3.39
N LEU A 286 -29.51 23.60 3.57
CA LEU A 286 -28.63 23.36 2.44
C LEU A 286 -29.50 22.85 1.30
N GLN A 287 -30.08 21.68 1.48
CA GLN A 287 -30.93 21.12 0.45
C GLN A 287 -31.67 22.24 -0.19
N GLN A 288 -32.49 22.90 0.61
CA GLN A 288 -33.27 24.03 0.13
C GLN A 288 -32.34 24.90 -0.71
N SER A 289 -31.39 25.57 -0.07
CA SER A 289 -30.48 26.43 -0.81
C SER A 289 -29.94 25.80 -2.07
N ILE A 290 -29.64 24.52 -2.01
CA ILE A 290 -29.11 23.81 -3.15
C ILE A 290 -30.11 23.77 -4.28
N PHE A 291 -31.24 23.11 -4.02
CA PHE A 291 -32.31 23.01 -5.00
C PHE A 291 -32.63 24.41 -5.45
N ARG A 292 -32.50 25.34 -4.52
CA ARG A 292 -32.75 26.73 -4.79
C ARG A 292 -31.93 27.05 -6.03
N PHE A 293 -30.62 26.99 -5.87
CA PHE A 293 -29.71 27.31 -6.93
C PHE A 293 -30.06 26.81 -8.32
N LEU A 294 -30.20 25.51 -8.48
CA LEU A 294 -30.54 24.96 -9.79
C LEU A 294 -31.93 25.38 -10.15
N ASN A 295 -32.69 25.61 -9.09
CA ASN A 295 -34.09 25.99 -9.15
C ASN A 295 -34.91 24.75 -9.45
N ILE A 296 -35.21 24.02 -8.38
CA ILE A 296 -35.99 22.78 -8.42
C ILE A 296 -36.96 22.93 -7.23
N PRO A 297 -38.28 22.82 -7.47
CA PRO A 297 -39.32 22.95 -6.43
C PRO A 297 -39.03 22.34 -5.06
N MET B 1 45.34 -0.16 4.46
CA MET B 1 45.79 0.52 3.21
C MET B 1 44.58 1.07 2.43
N ASP B 2 43.49 0.29 2.46
CA ASP B 2 42.21 0.62 1.80
C ASP B 2 41.40 -0.65 1.96
N VAL B 3 41.29 -1.06 3.21
CA VAL B 3 40.61 -2.27 3.59
C VAL B 3 39.38 -1.92 4.38
N VAL B 4 38.75 -2.92 4.98
CA VAL B 4 37.54 -2.69 5.76
C VAL B 4 36.92 -3.94 6.36
N SER B 5 36.14 -3.76 7.42
CA SER B 5 35.47 -4.87 8.08
C SER B 5 33.98 -4.60 8.04
N LEU B 6 33.25 -5.38 7.26
CA LEU B 6 31.82 -5.18 7.16
C LEU B 6 31.05 -6.33 7.74
N ASP B 7 29.76 -6.11 7.94
CA ASP B 7 28.91 -7.15 8.49
C ASP B 7 28.18 -7.80 7.34
N LYS B 8 27.90 -7.00 6.32
CA LYS B 8 27.23 -7.47 5.12
C LYS B 8 27.29 -6.45 3.99
N PRO B 9 27.27 -6.94 2.74
CA PRO B 9 27.33 -6.01 1.61
C PRO B 9 26.05 -5.24 1.52
N PHE B 10 26.06 -4.21 0.70
CA PHE B 10 24.84 -3.46 0.49
C PHE B 10 24.08 -4.32 -0.50
N MET B 11 23.02 -4.98 -0.04
CA MET B 11 22.24 -5.83 -0.91
C MET B 11 21.31 -5.02 -1.78
N TYR B 12 20.49 -4.20 -1.15
CA TYR B 12 19.53 -3.35 -1.86
C TYR B 12 19.91 -1.88 -1.76
N PHE B 13 19.37 -1.06 -2.65
CA PHE B 13 19.68 0.37 -2.70
C PHE B 13 19.27 1.17 -1.48
N GLU B 14 18.20 0.77 -0.84
CA GLU B 14 17.71 1.47 0.34
C GLU B 14 18.75 1.37 1.45
N GLU B 15 19.75 0.52 1.25
CA GLU B 15 20.80 0.28 2.24
C GLU B 15 22.10 1.06 2.17
N ILE B 16 22.38 1.72 1.05
CA ILE B 16 23.59 2.52 0.93
C ILE B 16 23.44 3.66 1.94
N ASP B 17 24.44 3.86 2.79
CA ASP B 17 24.35 4.89 3.84
C ASP B 17 25.27 6.11 3.70
N ASN B 18 25.48 6.56 2.48
CA ASN B 18 26.33 7.71 2.24
C ASN B 18 26.24 8.16 0.79
N GLU B 19 26.77 9.35 0.50
CA GLU B 19 26.76 9.90 -0.84
C GLU B 19 28.14 10.44 -1.20
N LEU B 20 28.30 10.85 -2.45
CA LEU B 20 29.56 11.41 -2.93
C LEU B 20 29.24 12.03 -4.29
N ASP B 21 29.62 13.28 -4.48
CA ASP B 21 29.34 14.00 -5.73
C ASP B 21 29.96 13.35 -6.96
N TYR B 22 29.11 13.00 -7.93
CA TYR B 22 29.59 12.39 -9.14
C TYR B 22 30.65 13.26 -9.82
N GLU B 23 31.83 12.67 -10.05
CA GLU B 23 32.96 13.34 -10.69
C GLU B 23 33.32 12.50 -11.92
N PRO B 24 32.92 12.96 -13.12
CA PRO B 24 33.13 12.33 -14.44
C PRO B 24 34.52 11.89 -14.93
N GLU B 25 35.53 11.87 -14.05
CA GLU B 25 36.87 11.42 -14.48
C GLU B 25 36.82 9.91 -14.72
N SER B 26 35.77 9.31 -14.17
CA SER B 26 35.48 7.87 -14.26
C SER B 26 35.49 7.36 -15.71
N LYS B 33 36.47 -5.65 -12.51
CA LYS B 33 37.43 -5.57 -13.61
C LYS B 33 37.77 -6.98 -14.15
N LEU B 34 36.89 -7.53 -14.99
CA LEU B 34 37.06 -8.89 -15.54
C LEU B 34 36.77 -9.02 -17.02
N PRO B 35 36.70 -10.28 -17.50
CA PRO B 35 36.42 -10.67 -18.88
C PRO B 35 35.12 -11.49 -18.86
N TYR B 36 34.29 -11.31 -19.89
CA TYR B 36 33.02 -12.02 -19.98
C TYR B 36 32.10 -11.59 -18.81
N GLN B 37 32.56 -10.57 -18.07
CA GLN B 37 31.88 -10.00 -16.92
C GLN B 37 30.46 -9.49 -17.16
N GLY B 38 30.13 -9.21 -18.42
CA GLY B 38 28.81 -8.74 -18.75
C GLY B 38 27.83 -9.80 -18.31
N GLN B 39 27.87 -10.93 -18.99
CA GLN B 39 26.99 -12.04 -18.68
C GLN B 39 27.06 -12.53 -17.23
N LEU B 40 28.04 -12.02 -16.47
CA LEU B 40 28.19 -12.41 -15.06
C LEU B 40 27.29 -11.57 -14.18
N LYS B 41 27.45 -10.25 -14.29
CA LYS B 41 26.65 -9.30 -13.52
C LYS B 41 25.23 -9.83 -13.49
N LEU B 42 24.78 -10.30 -14.65
CA LEU B 42 23.46 -10.86 -14.83
C LEU B 42 23.26 -12.23 -14.19
N LEU B 43 24.15 -13.18 -14.49
CA LEU B 43 24.04 -14.53 -13.95
C LEU B 43 23.67 -14.49 -12.47
N LEU B 44 24.21 -13.51 -11.76
CA LEU B 44 23.94 -13.37 -10.33
C LEU B 44 22.59 -12.76 -10.03
N GLY B 45 22.35 -11.56 -10.53
CA GLY B 45 21.08 -10.90 -10.26
C GLY B 45 19.89 -11.76 -10.62
N GLU B 46 20.10 -12.64 -11.58
CA GLU B 46 19.05 -13.52 -12.05
C GLU B 46 19.03 -14.80 -11.24
N LEU B 47 20.20 -15.37 -10.97
CA LEU B 47 20.24 -16.57 -10.17
C LEU B 47 19.61 -16.18 -8.83
N PHE B 48 19.90 -14.94 -8.43
CA PHE B 48 19.41 -14.37 -7.18
C PHE B 48 17.92 -14.11 -7.17
N PHE B 49 17.44 -13.37 -8.15
CA PHE B 49 16.02 -13.06 -8.26
C PHE B 49 15.16 -14.31 -8.17
N LEU B 50 15.33 -15.20 -9.14
CA LEU B 50 14.58 -16.44 -9.20
C LEU B 50 14.77 -17.32 -7.97
N SER B 51 15.97 -17.33 -7.40
CA SER B 51 16.21 -18.13 -6.23
C SER B 51 15.21 -17.73 -5.18
N LYS B 52 15.02 -16.44 -4.98
CA LYS B 52 14.07 -15.98 -4.00
C LYS B 52 12.69 -16.50 -4.40
N LEU B 53 12.28 -16.19 -5.63
CA LEU B 53 10.98 -16.63 -6.13
C LEU B 53 10.73 -18.09 -5.82
N GLN B 54 11.80 -18.84 -5.64
CA GLN B 54 11.72 -20.27 -5.33
C GLN B 54 11.62 -20.46 -3.83
N ARG B 55 12.38 -19.67 -3.10
CA ARG B 55 12.40 -19.69 -1.63
C ARG B 55 11.05 -19.17 -1.12
N HIS B 56 10.27 -18.62 -2.04
CA HIS B 56 8.98 -18.11 -1.66
C HIS B 56 7.92 -18.81 -2.48
N GLY B 57 8.37 -19.74 -3.31
CA GLY B 57 7.45 -20.53 -4.10
C GLY B 57 7.14 -20.04 -5.50
N ILE B 58 6.78 -18.76 -5.60
CA ILE B 58 6.43 -18.16 -6.89
C ILE B 58 7.01 -18.87 -8.12
N LEU B 59 8.29 -19.18 -8.10
CA LEU B 59 8.94 -19.84 -9.23
C LEU B 59 8.44 -21.24 -9.58
N ASP B 60 7.55 -21.80 -8.77
CA ASP B 60 7.04 -23.15 -9.00
C ASP B 60 6.26 -23.37 -10.30
N GLY B 61 6.85 -24.08 -11.25
CA GLY B 61 6.18 -24.36 -12.53
C GLY B 61 5.68 -23.16 -13.30
N ALA B 62 6.22 -21.98 -12.99
CA ALA B 62 5.81 -20.76 -13.65
C ALA B 62 6.58 -20.58 -14.96
N THR B 63 6.23 -19.55 -15.71
CA THR B 63 6.91 -19.28 -16.96
C THR B 63 7.68 -17.96 -16.85
N VAL B 64 8.97 -18.01 -17.13
CA VAL B 64 9.82 -16.82 -17.07
C VAL B 64 9.81 -16.18 -18.43
N VAL B 65 9.32 -14.95 -18.49
CA VAL B 65 9.30 -14.25 -19.76
C VAL B 65 10.40 -13.22 -19.75
N TYR B 66 11.49 -13.56 -20.40
CA TYR B 66 12.65 -12.70 -20.45
C TYR B 66 12.58 -11.87 -21.72
N ILE B 67 12.39 -10.57 -21.54
CA ILE B 67 12.31 -9.61 -22.64
C ILE B 67 13.58 -8.75 -22.62
N GLY B 68 14.39 -8.84 -23.67
CA GLY B 68 15.63 -8.08 -23.75
C GLY B 68 16.76 -9.02 -23.34
N SER B 69 16.52 -10.30 -23.59
CA SER B 69 17.43 -11.38 -23.25
C SER B 69 18.73 -11.45 -24.04
N ALA B 70 18.64 -11.97 -25.25
CA ALA B 70 19.77 -12.14 -26.15
C ALA B 70 20.89 -11.15 -25.92
N PRO B 71 22.15 -11.59 -26.09
CA PRO B 71 22.49 -12.96 -26.48
C PRO B 71 22.00 -13.93 -25.41
N GLY B 72 22.12 -13.51 -24.15
CA GLY B 72 21.66 -14.31 -23.02
C GLY B 72 22.39 -15.63 -22.81
N THR B 73 23.68 -15.64 -23.08
CA THR B 73 24.46 -16.85 -22.90
C THR B 73 24.17 -17.40 -21.51
N HIS B 74 24.49 -16.62 -20.50
CA HIS B 74 24.28 -17.04 -19.12
C HIS B 74 23.00 -17.80 -18.87
N ILE B 75 21.89 -17.21 -19.28
CA ILE B 75 20.59 -17.81 -19.11
C ILE B 75 20.62 -19.34 -19.16
N ARG B 76 21.42 -19.91 -20.04
CA ARG B 76 21.51 -21.36 -20.13
C ARG B 76 21.84 -21.86 -18.75
N TYR B 77 22.94 -21.37 -18.22
CA TYR B 77 23.35 -21.75 -16.89
C TYR B 77 22.15 -21.80 -15.99
N LEU B 78 21.53 -20.64 -15.81
CA LEU B 78 20.36 -20.53 -14.97
C LEU B 78 19.46 -21.70 -15.24
N ARG B 79 19.11 -21.89 -16.50
CA ARG B 79 18.22 -23.01 -16.87
C ARG B 79 18.68 -24.33 -16.30
N ASP B 80 19.94 -24.65 -16.57
CA ASP B 80 20.50 -25.89 -16.09
C ASP B 80 20.44 -25.98 -14.59
N HIS B 81 20.66 -24.85 -13.92
CA HIS B 81 20.61 -24.82 -12.45
C HIS B 81 19.30 -25.41 -11.93
N PHE B 82 18.21 -24.69 -12.18
CA PHE B 82 16.88 -25.09 -11.73
C PHE B 82 16.42 -26.44 -12.22
N TYR B 83 16.79 -26.80 -13.45
CA TYR B 83 16.38 -28.09 -13.98
C TYR B 83 16.99 -29.04 -12.97
N ASN B 84 18.30 -28.95 -12.86
CA ASN B 84 19.02 -29.78 -11.92
C ASN B 84 18.39 -29.72 -10.53
N LEU B 85 17.59 -28.70 -10.26
CA LEU B 85 16.95 -28.58 -8.95
C LEU B 85 15.56 -29.17 -8.88
N GLY B 86 15.14 -29.83 -9.94
CA GLY B 86 13.82 -30.43 -9.95
C GLY B 86 12.76 -29.44 -10.36
N VAL B 87 13.07 -28.16 -10.19
CA VAL B 87 12.13 -27.09 -10.53
C VAL B 87 11.66 -27.20 -11.96
N ILE B 88 10.42 -26.78 -12.14
CA ILE B 88 9.78 -26.81 -13.44
C ILE B 88 9.53 -25.38 -13.90
N ILE B 89 10.02 -25.05 -15.09
CA ILE B 89 9.85 -23.70 -15.61
C ILE B 89 9.95 -23.65 -17.11
N LYS B 90 9.06 -22.89 -17.74
CA LYS B 90 9.11 -22.74 -19.19
C LYS B 90 9.88 -21.46 -19.32
N TRP B 91 10.82 -21.41 -20.27
CA TRP B 91 11.61 -20.21 -20.46
C TRP B 91 11.30 -19.55 -21.77
N MET B 92 10.64 -18.40 -21.73
CA MET B 92 10.31 -17.69 -22.96
C MET B 92 11.22 -16.50 -23.14
N LEU B 93 12.08 -16.60 -24.14
CA LEU B 93 13.01 -15.53 -24.43
C LEU B 93 12.63 -14.80 -25.71
N ILE B 94 12.32 -13.53 -25.59
CA ILE B 94 11.93 -12.73 -26.73
C ILE B 94 12.96 -11.63 -26.88
N ASP B 95 13.38 -11.36 -28.11
CA ASP B 95 14.35 -10.30 -28.36
C ASP B 95 14.53 -10.23 -29.86
N GLY B 96 14.49 -9.02 -30.39
CA GLY B 96 14.66 -8.81 -31.82
C GLY B 96 15.95 -9.39 -32.37
N ARG B 97 17.00 -9.39 -31.56
CA ARG B 97 18.28 -9.94 -31.98
C ARG B 97 18.26 -11.43 -31.61
N HIS B 98 19.29 -12.16 -32.04
CA HIS B 98 19.34 -13.58 -31.77
C HIS B 98 20.01 -14.02 -30.49
N HIS B 99 19.77 -15.27 -30.12
CA HIS B 99 20.29 -15.85 -28.89
C HIS B 99 21.43 -16.85 -29.06
N ASP B 100 22.34 -16.84 -28.09
CA ASP B 100 23.50 -17.74 -28.09
C ASP B 100 22.97 -19.14 -28.34
N PRO B 101 23.26 -19.68 -29.52
CA PRO B 101 22.86 -21.00 -29.99
C PRO B 101 22.73 -22.04 -28.89
N ILE B 102 23.52 -21.89 -27.83
CA ILE B 102 23.47 -22.83 -26.74
C ILE B 102 22.10 -22.84 -26.13
N LEU B 103 21.18 -22.08 -26.72
CA LEU B 103 19.83 -22.02 -26.19
C LEU B 103 18.82 -22.76 -27.07
N ASN B 104 19.21 -23.08 -28.30
CA ASN B 104 18.34 -23.82 -29.20
C ASN B 104 18.13 -25.23 -28.68
N GLY B 105 17.36 -26.02 -29.40
CA GLY B 105 17.14 -27.39 -28.98
C GLY B 105 16.63 -27.63 -27.57
N LEU B 106 16.38 -26.57 -26.80
CA LEU B 106 15.89 -26.75 -25.44
C LEU B 106 14.36 -26.79 -25.47
N ARG B 107 13.80 -27.92 -25.06
CA ARG B 107 12.36 -28.10 -25.05
C ARG B 107 11.71 -27.14 -24.06
N ASP B 108 12.40 -26.89 -22.95
CA ASP B 108 11.88 -25.99 -21.93
C ASP B 108 12.04 -24.52 -22.26
N VAL B 109 12.57 -24.24 -23.45
CA VAL B 109 12.79 -22.85 -23.89
C VAL B 109 12.23 -22.54 -25.27
N THR B 110 11.49 -21.44 -25.36
CA THR B 110 10.91 -20.97 -26.60
C THR B 110 11.76 -19.76 -26.96
N LEU B 111 12.07 -19.58 -28.24
CA LEU B 111 12.87 -18.43 -28.61
C LEU B 111 12.19 -17.56 -29.65
N VAL B 112 11.62 -16.45 -29.21
CA VAL B 112 10.97 -15.52 -30.11
C VAL B 112 12.00 -14.58 -30.68
N THR B 113 11.94 -14.40 -32.00
CA THR B 113 12.89 -13.52 -32.65
C THR B 113 12.11 -12.29 -33.13
N ARG B 114 11.33 -11.74 -32.20
CA ARG B 114 10.50 -10.59 -32.49
C ARG B 114 10.74 -9.48 -31.49
N PHE B 115 10.25 -8.28 -31.80
CA PHE B 115 10.37 -7.13 -30.93
C PHE B 115 9.01 -6.75 -30.34
N VAL B 116 9.01 -6.41 -29.06
CA VAL B 116 7.78 -6.09 -28.33
C VAL B 116 7.08 -4.75 -28.59
N ASP B 117 5.75 -4.79 -28.42
CA ASP B 117 4.88 -3.65 -28.59
C ASP B 117 3.57 -3.98 -27.92
N GLU B 118 2.58 -3.13 -28.13
CA GLU B 118 1.27 -3.34 -27.54
C GLU B 118 0.71 -4.70 -27.92
N GLU B 119 0.16 -4.80 -29.13
CA GLU B 119 -0.46 -6.05 -29.56
C GLU B 119 0.32 -7.27 -29.10
N TYR B 120 1.63 -7.27 -29.28
CA TYR B 120 2.41 -8.44 -28.92
C TYR B 120 2.22 -8.97 -27.52
N LEU B 121 2.25 -8.10 -26.52
CA LEU B 121 2.06 -8.56 -25.16
C LEU B 121 0.68 -9.16 -25.04
N ARG B 122 -0.30 -8.42 -25.54
CA ARG B 122 -1.69 -8.86 -25.51
C ARG B 122 -1.81 -10.28 -26.06
N SER B 123 -0.94 -10.62 -26.98
CA SER B 123 -0.95 -11.94 -27.60
C SER B 123 -0.38 -12.98 -26.67
N ILE B 124 0.93 -12.90 -26.44
CA ILE B 124 1.60 -13.85 -25.57
C ILE B 124 0.85 -13.96 -24.27
N LYS B 125 0.35 -12.85 -23.76
CA LYS B 125 -0.40 -12.94 -22.53
C LYS B 125 -1.48 -13.97 -22.76
N LYS B 126 -2.36 -13.70 -23.69
CA LYS B 126 -3.44 -14.62 -24.01
C LYS B 126 -2.91 -16.03 -24.16
N GLN B 127 -1.84 -16.16 -24.93
CA GLN B 127 -1.25 -17.46 -25.18
C GLN B 127 -0.88 -18.22 -23.91
N LEU B 128 0.05 -17.64 -23.16
CA LEU B 128 0.57 -18.20 -21.92
C LEU B 128 -0.43 -18.41 -20.81
N HIS B 129 -1.32 -17.44 -20.64
CA HIS B 129 -2.35 -17.51 -19.60
C HIS B 129 -2.88 -18.93 -19.55
N PRO B 130 -3.25 -19.42 -18.36
CA PRO B 130 -3.22 -18.83 -17.04
C PRO B 130 -1.96 -19.17 -16.27
N SER B 131 -0.99 -19.77 -16.94
CA SER B 131 0.25 -20.12 -16.28
C SER B 131 0.66 -18.83 -15.62
N LYS B 132 1.24 -18.88 -14.42
CA LYS B 132 1.63 -17.64 -13.80
C LYS B 132 2.92 -17.17 -14.48
N ILE B 133 3.02 -15.85 -14.74
CA ILE B 133 4.19 -15.30 -15.42
C ILE B 133 5.21 -14.54 -14.57
N ILE B 134 6.49 -14.77 -14.87
CA ILE B 134 7.63 -14.13 -14.19
C ILE B 134 8.36 -13.28 -15.22
N LEU B 135 8.32 -11.97 -15.03
CA LEU B 135 8.93 -11.02 -15.96
C LEU B 135 10.35 -10.60 -15.63
N ILE B 136 11.23 -10.70 -16.63
CA ILE B 136 12.63 -10.30 -16.48
C ILE B 136 12.97 -9.37 -17.64
N SER B 137 12.91 -8.06 -17.43
CA SER B 137 13.24 -7.15 -18.52
C SER B 137 14.64 -6.55 -18.44
N ASP B 138 15.32 -6.62 -19.58
CA ASP B 138 16.66 -6.07 -19.71
C ASP B 138 16.68 -5.29 -21.00
N VAL B 139 15.53 -4.74 -21.36
CA VAL B 139 15.38 -3.96 -22.57
C VAL B 139 16.50 -2.91 -22.74
N ALA B 140 16.94 -2.76 -23.99
CA ALA B 140 18.00 -1.83 -24.34
C ALA B 140 17.49 -0.70 -25.24
N SER B 141 18.43 -0.06 -25.95
CA SER B 141 18.14 1.05 -26.86
C SER B 141 19.42 1.65 -27.50
N GLY B 145 25.01 3.00 -29.24
CA GLY B 145 26.25 2.81 -28.49
C GLY B 145 26.65 3.99 -27.63
N ASN B 146 27.37 3.71 -26.55
CA ASN B 146 27.89 4.68 -25.56
C ASN B 146 27.13 4.73 -24.23
N GLU B 147 25.81 4.94 -24.30
CA GLU B 147 24.90 4.96 -23.14
C GLU B 147 23.60 5.71 -23.39
N PRO B 148 22.48 4.99 -23.33
CA PRO B 148 21.11 5.48 -23.53
C PRO B 148 20.82 6.88 -23.01
N SER B 149 20.12 7.64 -23.84
CA SER B 149 19.73 8.99 -23.48
C SER B 149 18.48 8.83 -22.64
N THR B 150 18.27 9.75 -21.71
CA THR B 150 17.09 9.71 -20.85
C THR B 150 15.87 9.51 -21.73
N ALA B 151 15.93 10.09 -22.92
CA ALA B 151 14.86 9.97 -23.87
C ALA B 151 14.50 8.50 -24.02
N ASP B 152 15.53 7.68 -24.20
CA ASP B 152 15.35 6.24 -24.37
C ASP B 152 15.07 5.60 -23.05
N LEU B 153 15.85 5.98 -22.05
CA LEU B 153 15.68 5.42 -20.72
C LEU B 153 14.21 5.33 -20.41
N LEU B 154 13.52 6.44 -20.65
CA LEU B 154 12.09 6.51 -20.37
C LEU B 154 11.26 5.57 -21.24
N SER B 155 11.28 5.79 -22.56
CA SER B 155 10.52 4.95 -23.46
C SER B 155 10.66 3.51 -23.06
N ASN B 156 11.86 3.13 -22.64
CA ASN B 156 12.11 1.76 -22.19
C ASN B 156 11.25 1.51 -20.96
N TYR B 157 11.56 2.21 -19.87
CA TYR B 157 10.83 2.07 -18.61
C TYR B 157 9.33 2.17 -18.86
N ALA B 158 8.95 3.10 -19.73
CA ALA B 158 7.57 3.28 -20.09
C ALA B 158 7.10 1.92 -20.57
N LEU B 159 7.89 1.32 -21.45
CA LEU B 159 7.57 0.01 -22.01
C LEU B 159 7.59 -1.10 -20.97
N GLN B 160 8.56 -1.07 -20.07
CA GLN B 160 8.62 -2.10 -19.06
C GLN B 160 7.37 -2.06 -18.18
N ASN B 161 6.92 -0.85 -17.86
CA ASN B 161 5.73 -0.67 -17.02
C ASN B 161 4.47 -1.21 -17.71
N VAL B 162 4.55 -1.36 -19.02
CA VAL B 162 3.44 -1.88 -19.82
C VAL B 162 3.43 -3.40 -19.79
N MET B 163 4.60 -4.00 -20.02
CA MET B 163 4.69 -5.45 -19.99
C MET B 163 3.94 -5.79 -18.72
N ILE B 164 4.46 -5.27 -17.62
CA ILE B 164 3.88 -5.49 -16.30
C ILE B 164 2.38 -5.52 -16.34
N SER B 165 1.80 -4.36 -16.53
CA SER B 165 0.35 -4.20 -16.59
C SER B 165 -0.32 -5.24 -17.48
N ILE B 166 0.33 -5.59 -18.58
CA ILE B 166 -0.21 -6.58 -19.52
C ILE B 166 -0.01 -8.01 -19.03
N LEU B 167 1.22 -8.51 -19.15
CA LEU B 167 1.52 -9.87 -18.70
C LEU B 167 1.12 -10.10 -17.26
N ASN B 168 0.66 -9.05 -16.60
CA ASN B 168 0.27 -9.12 -15.21
C ASN B 168 0.96 -10.29 -14.53
N PRO B 169 2.28 -10.17 -14.35
CA PRO B 169 3.11 -11.20 -13.73
C PRO B 169 2.95 -11.20 -12.21
N VAL B 170 3.55 -12.20 -11.56
CA VAL B 170 3.50 -12.32 -10.11
C VAL B 170 4.70 -11.65 -9.49
N ALA B 171 5.84 -11.72 -10.17
CA ALA B 171 7.10 -11.12 -9.74
C ALA B 171 7.85 -10.65 -10.97
N SER B 172 8.73 -9.68 -10.81
CA SER B 172 9.46 -9.20 -11.96
C SER B 172 10.80 -8.56 -11.65
N SER B 173 11.79 -8.87 -12.47
CA SER B 173 13.12 -8.30 -12.30
C SER B 173 13.27 -7.33 -13.45
N LEU B 174 13.16 -6.05 -13.14
CA LEU B 174 13.26 -5.03 -14.17
C LEU B 174 14.50 -4.22 -14.12
N LYS B 175 15.06 -3.94 -15.29
CA LYS B 175 16.25 -3.12 -15.39
C LYS B 175 15.85 -1.77 -14.81
N TRP B 176 16.78 -1.10 -14.14
CA TRP B 176 16.48 0.18 -13.52
C TRP B 176 17.72 1.00 -13.21
N ARG B 177 17.87 2.09 -13.95
CA ARG B 177 18.98 3.00 -13.75
C ARG B 177 18.37 4.38 -13.88
N CYS B 178 18.38 5.11 -12.78
CA CYS B 178 17.80 6.43 -12.78
C CYS B 178 18.41 7.30 -13.89
N PRO B 179 17.58 8.11 -14.57
CA PRO B 179 18.10 8.97 -15.63
C PRO B 179 18.91 10.10 -15.03
N PHE B 180 20.08 10.35 -15.57
CA PHE B 180 20.94 11.39 -15.03
C PHE B 180 20.25 12.72 -14.74
N PRO B 181 20.42 13.25 -13.53
CA PRO B 181 19.80 14.52 -13.17
C PRO B 181 19.96 15.60 -14.23
N ASP B 182 21.19 16.07 -14.42
CA ASP B 182 21.50 17.12 -15.38
C ASP B 182 20.89 16.91 -16.75
N GLN B 183 20.35 15.71 -16.98
CA GLN B 183 19.72 15.39 -18.26
C GLN B 183 18.24 15.04 -18.08
N TRP B 184 17.73 15.28 -16.87
CA TRP B 184 16.33 14.98 -16.55
C TRP B 184 15.38 15.59 -17.58
N ILE B 185 14.23 14.96 -17.76
CA ILE B 185 13.24 15.43 -18.70
C ILE B 185 11.92 15.58 -17.98
N LYS B 186 11.24 14.46 -17.75
CA LYS B 186 9.97 14.44 -17.06
C LYS B 186 10.06 13.34 -16.01
N ASP B 187 9.04 13.26 -15.15
CA ASP B 187 9.01 12.23 -14.13
C ASP B 187 8.29 11.03 -14.66
N PHE B 188 8.28 9.96 -13.88
CA PHE B 188 7.63 8.74 -14.30
C PHE B 188 7.52 7.88 -13.08
N TYR B 189 6.81 6.77 -13.21
CA TYR B 189 6.65 5.85 -12.11
C TYR B 189 7.18 4.50 -12.55
N ILE B 190 7.78 3.76 -11.63
CA ILE B 190 8.25 2.43 -11.95
C ILE B 190 7.58 1.62 -10.88
N PRO B 191 7.35 0.34 -11.13
CA PRO B 191 6.70 -0.42 -10.07
C PRO B 191 7.48 -0.42 -8.79
N HIS B 192 6.75 -0.61 -7.70
CA HIS B 192 7.32 -0.68 -6.36
C HIS B 192 8.17 -1.96 -6.42
N GLY B 193 9.12 -2.09 -5.51
CA GLY B 193 9.96 -3.28 -5.53
C GLY B 193 11.35 -2.98 -5.06
N ASN B 194 12.00 -3.94 -4.42
CA ASN B 194 13.33 -3.72 -3.92
C ASN B 194 14.27 -3.64 -5.09
N LYS B 195 15.33 -2.85 -4.95
CA LYS B 195 16.31 -2.65 -6.00
C LYS B 195 17.64 -3.21 -5.52
N MET B 196 18.10 -4.28 -6.18
CA MET B 196 19.35 -4.90 -5.76
C MET B 196 20.52 -4.37 -6.52
N LEU B 197 21.60 -4.14 -5.79
CA LEU B 197 22.81 -3.65 -6.40
C LEU B 197 23.36 -4.85 -7.11
N GLN B 198 24.11 -4.61 -8.19
CA GLN B 198 24.67 -5.68 -8.99
C GLN B 198 26.18 -5.84 -8.85
N PRO B 199 26.63 -7.06 -8.56
CA PRO B 199 28.06 -7.31 -8.42
C PRO B 199 28.72 -7.33 -9.79
N PHE B 200 30.04 -7.20 -9.82
CA PHE B 200 30.80 -7.22 -11.06
C PHE B 200 30.13 -6.44 -12.16
N ALA B 201 29.66 -5.25 -11.79
CA ALA B 201 28.97 -4.37 -12.70
C ALA B 201 29.86 -3.18 -13.03
N PRO B 202 29.69 -2.59 -14.21
CA PRO B 202 30.48 -1.44 -14.61
C PRO B 202 30.96 -0.66 -13.42
N SER B 203 32.26 -0.43 -13.41
CA SER B 203 32.90 0.31 -12.34
C SER B 203 31.98 1.41 -11.83
N TYR B 204 31.47 2.22 -12.75
CA TYR B 204 30.60 3.32 -12.36
C TYR B 204 29.20 3.35 -12.96
N SER B 205 28.50 2.23 -12.86
CA SER B 205 27.14 2.15 -13.36
C SER B 205 26.18 2.39 -12.21
N ALA B 206 24.97 2.82 -12.55
CA ALA B 206 23.95 3.06 -11.54
C ALA B 206 22.81 2.12 -11.83
N GLU B 207 23.11 1.10 -12.61
CA GLU B 207 22.10 0.11 -12.97
C GLU B 207 21.85 -0.77 -11.76
N MET B 208 20.63 -1.29 -11.69
CA MET B 208 20.23 -2.15 -10.59
C MET B 208 18.89 -2.71 -10.97
N ARG B 209 18.65 -3.97 -10.66
CA ARG B 209 17.40 -4.60 -11.02
C ARG B 209 16.28 -4.30 -10.03
N LEU B 210 15.14 -3.89 -10.55
CA LEU B 210 14.00 -3.59 -9.72
C LEU B 210 13.23 -4.87 -9.53
N LEU B 211 13.48 -5.50 -8.40
CA LEU B 211 12.83 -6.75 -8.06
C LEU B 211 11.52 -6.41 -7.37
N SER B 212 10.42 -6.87 -7.94
CA SER B 212 9.12 -6.60 -7.35
C SER B 212 8.13 -7.72 -7.53
N ILE B 213 7.48 -8.08 -6.42
CA ILE B 213 6.47 -9.14 -6.38
C ILE B 213 5.10 -8.48 -6.26
N TYR B 214 4.14 -8.99 -7.02
CA TYR B 214 2.82 -8.39 -7.06
C TYR B 214 1.75 -8.97 -6.16
N THR B 215 0.84 -8.09 -5.76
CA THR B 215 -0.30 -8.35 -4.88
C THR B 215 -1.51 -8.98 -5.57
N GLY B 216 -1.72 -8.62 -6.83
CA GLY B 216 -2.84 -9.15 -7.59
C GLY B 216 -3.64 -8.05 -8.24
N GLU B 217 -4.56 -7.49 -7.49
CA GLU B 217 -5.38 -6.41 -8.01
C GLU B 217 -4.86 -5.12 -7.45
N ASN B 218 -3.63 -5.15 -6.94
CA ASN B 218 -3.03 -3.97 -6.37
C ASN B 218 -1.59 -3.67 -6.84
N MET B 219 -1.51 -3.09 -8.04
CA MET B 219 -0.23 -2.72 -8.64
C MET B 219 0.18 -1.51 -7.85
N ARG B 220 1.48 -1.25 -7.81
CA ARG B 220 1.98 -0.12 -7.07
C ARG B 220 3.18 0.46 -7.80
N LEU B 221 3.16 1.77 -8.00
CA LEU B 221 4.25 2.43 -8.68
C LEU B 221 4.77 3.51 -7.76
N THR B 222 6.04 3.86 -7.91
CA THR B 222 6.64 4.88 -7.08
C THR B 222 6.96 6.05 -7.99
N ARG B 223 6.47 7.23 -7.64
CA ARG B 223 6.74 8.38 -8.48
C ARG B 223 8.22 8.71 -8.40
N VAL B 224 8.83 8.93 -9.55
CA VAL B 224 10.23 9.27 -9.59
C VAL B 224 10.40 10.73 -9.90
N THR B 225 11.25 11.38 -9.12
CA THR B 225 11.51 12.80 -9.27
C THR B 225 13.00 13.04 -9.37
N LYS B 226 13.37 14.22 -9.84
CA LYS B 226 14.78 14.56 -9.99
C LYS B 226 15.46 14.64 -8.65
N SER B 227 14.72 15.05 -7.62
CA SER B 227 15.33 15.13 -6.30
C SER B 227 15.70 13.72 -5.98
N ASP B 228 14.80 12.81 -6.31
CA ASP B 228 15.00 11.40 -6.07
C ASP B 228 16.27 11.01 -6.83
N ALA B 229 16.36 11.44 -8.08
CA ALA B 229 17.50 11.13 -8.95
C ALA B 229 18.87 11.54 -8.42
N VAL B 230 18.92 12.66 -7.71
CA VAL B 230 20.19 13.13 -7.15
C VAL B 230 20.69 12.13 -6.14
N ASN B 231 19.80 11.73 -5.25
CA ASN B 231 20.10 10.75 -4.24
C ASN B 231 20.84 9.56 -4.88
N TYR B 232 20.31 9.06 -6.00
CA TYR B 232 20.92 7.93 -6.70
C TYR B 232 22.36 8.17 -7.07
N GLU B 233 22.57 9.13 -7.97
CA GLU B 233 23.91 9.46 -8.41
C GLU B 233 24.81 9.52 -7.18
N LYS B 234 24.43 10.35 -6.22
CA LYS B 234 25.22 10.50 -5.01
C LYS B 234 25.48 9.17 -4.33
N LYS B 235 24.44 8.57 -3.80
CA LYS B 235 24.58 7.29 -3.12
C LYS B 235 25.33 6.28 -3.97
N MET B 236 24.84 6.04 -5.18
CA MET B 236 25.47 5.07 -6.08
C MET B 236 26.96 5.32 -6.27
N TYR B 237 27.30 6.54 -6.64
CA TYR B 237 28.68 6.92 -6.86
C TYR B 237 29.51 6.53 -5.63
N TYR B 238 28.98 6.78 -4.44
CA TYR B 238 29.66 6.43 -3.20
C TYR B 238 30.03 4.96 -3.26
N LEU B 239 29.01 4.16 -3.54
CA LEU B 239 29.15 2.73 -3.64
C LEU B 239 30.28 2.36 -4.57
N ASN B 240 30.12 2.72 -5.84
CA ASN B 240 31.10 2.41 -6.85
C ASN B 240 32.53 2.85 -6.58
N LYS B 241 32.70 4.02 -5.97
CA LYS B 241 34.06 4.54 -5.72
C LYS B 241 34.66 4.25 -4.35
N ILE B 242 33.83 4.30 -3.32
CA ILE B 242 34.33 4.08 -1.98
C ILE B 242 34.09 2.68 -1.47
N VAL B 243 32.87 2.21 -1.64
CA VAL B 243 32.46 0.90 -1.17
C VAL B 243 33.10 -0.29 -1.86
N ARG B 244 32.75 -0.46 -3.12
CA ARG B 244 33.27 -1.57 -3.87
C ARG B 244 34.79 -1.64 -3.85
N ASN B 245 35.46 -0.50 -3.94
CA ASN B 245 36.92 -0.52 -3.96
C ASN B 245 37.56 -0.77 -2.60
N LYS B 246 36.85 -1.43 -1.71
CA LYS B 246 37.40 -1.70 -0.40
C LYS B 246 37.67 -3.20 -0.25
N VAL B 247 38.35 -3.58 0.82
CA VAL B 247 38.66 -4.98 1.03
C VAL B 247 38.10 -5.44 2.37
N VAL B 248 37.29 -6.49 2.33
CA VAL B 248 36.69 -7.02 3.54
C VAL B 248 37.67 -8.00 4.13
N VAL B 249 38.50 -7.46 5.00
CA VAL B 249 39.56 -8.22 5.65
C VAL B 249 39.10 -9.36 6.56
N ASN B 250 37.84 -9.36 6.97
CA ASN B 250 37.34 -10.41 7.85
C ASN B 250 36.74 -11.54 7.05
N PHE B 251 36.12 -11.17 5.94
CA PHE B 251 35.49 -12.11 5.02
C PHE B 251 36.45 -13.23 4.67
N ASP B 252 36.22 -14.42 5.22
CA ASP B 252 37.11 -15.53 4.96
C ASP B 252 36.84 -16.22 3.64
N TYR B 253 37.22 -15.56 2.55
CA TYR B 253 37.01 -16.11 1.23
C TYR B 253 38.27 -15.96 0.44
N PRO B 254 38.50 -16.86 -0.53
CA PRO B 254 39.71 -16.75 -1.34
C PRO B 254 39.87 -15.31 -1.78
N ASN B 255 39.00 -14.87 -2.67
CA ASN B 255 39.07 -13.50 -3.14
C ASN B 255 38.35 -12.63 -2.12
N GLN B 256 38.91 -11.46 -1.81
CA GLN B 256 38.28 -10.60 -0.83
C GLN B 256 37.73 -9.26 -1.31
N GLU B 257 37.78 -8.99 -2.61
CA GLU B 257 37.24 -7.72 -3.11
C GLU B 257 35.80 -7.60 -2.68
N TYR B 258 35.36 -6.38 -2.42
CA TYR B 258 33.98 -6.17 -2.00
C TYR B 258 33.07 -7.04 -2.86
N ASP B 259 33.10 -6.84 -4.16
CA ASP B 259 32.23 -7.61 -5.03
C ASP B 259 32.22 -9.11 -4.76
N TYR B 260 33.38 -9.72 -4.64
CA TYR B 260 33.40 -11.15 -4.37
C TYR B 260 32.65 -11.37 -3.06
N PHE B 261 32.83 -10.45 -2.12
CA PHE B 261 32.16 -10.51 -0.83
C PHE B 261 30.65 -10.37 -1.08
N HIS B 262 30.30 -9.44 -1.96
CA HIS B 262 28.92 -9.16 -2.32
C HIS B 262 28.35 -10.40 -3.00
N MET B 263 29.03 -10.85 -4.04
CA MET B 263 28.63 -12.03 -4.80
C MET B 263 28.43 -13.21 -3.88
N TYR B 264 29.15 -13.20 -2.77
CA TYR B 264 29.04 -14.27 -1.81
C TYR B 264 27.64 -14.24 -1.24
N PHE B 265 27.31 -13.13 -0.57
CA PHE B 265 26.01 -12.95 0.06
C PHE B 265 24.82 -13.20 -0.85
N MET B 266 25.03 -13.20 -2.16
CA MET B 266 23.93 -13.45 -3.07
C MET B 266 23.75 -14.95 -3.17
N LEU B 267 24.83 -15.64 -3.50
CA LEU B 267 24.81 -17.09 -3.66
C LEU B 267 24.48 -17.81 -2.37
N ARG B 268 24.81 -17.21 -1.24
CA ARG B 268 24.53 -17.82 0.05
C ARG B 268 23.07 -18.18 0.08
N THR B 269 22.25 -17.42 -0.62
CA THR B 269 20.82 -17.68 -0.63
C THR B 269 20.37 -18.60 -1.73
N VAL B 270 21.27 -18.90 -2.67
CA VAL B 270 20.89 -19.80 -3.76
C VAL B 270 20.78 -21.22 -3.24
N TYR B 271 19.94 -22.01 -3.90
CA TYR B 271 19.72 -23.39 -3.53
C TYR B 271 20.51 -24.35 -4.42
N CYS B 272 20.92 -25.46 -3.82
CA CYS B 272 21.67 -26.46 -4.55
C CYS B 272 21.60 -27.76 -3.78
N ASN B 273 21.02 -28.79 -4.39
CA ASN B 273 20.87 -30.10 -3.74
C ASN B 273 22.17 -30.71 -3.23
N LYS B 274 23.15 -30.86 -4.11
CA LYS B 274 24.44 -31.44 -3.71
C LYS B 274 24.80 -31.08 -2.26
N THR B 275 25.21 -32.07 -1.48
CA THR B 275 25.55 -31.84 -0.09
C THR B 275 26.86 -31.06 0.01
N PHE B 276 26.89 -30.09 0.92
CA PHE B 276 28.07 -29.24 1.13
C PHE B 276 28.32 -28.99 2.61
N PRO B 277 29.59 -28.93 3.03
CA PRO B 277 29.94 -28.67 4.43
C PRO B 277 29.62 -27.20 4.79
N THR B 278 30.62 -26.36 5.00
CA THR B 278 30.36 -24.96 5.32
C THR B 278 29.61 -24.33 4.14
N THR B 279 29.21 -23.07 4.25
CA THR B 279 28.54 -22.41 3.12
C THR B 279 29.63 -22.02 2.16
N LYS B 280 30.70 -21.44 2.72
CA LYS B 280 31.85 -21.04 1.93
C LYS B 280 31.99 -22.17 0.94
N ALA B 281 31.79 -23.39 1.43
CA ALA B 281 31.88 -24.59 0.61
C ALA B 281 30.95 -24.52 -0.61
N LYS B 282 29.66 -24.31 -0.36
CA LYS B 282 28.68 -24.22 -1.44
C LYS B 282 28.96 -23.03 -2.36
N VAL B 283 28.92 -21.84 -1.77
CA VAL B 283 29.15 -20.62 -2.53
C VAL B 283 30.32 -20.85 -3.44
N LEU B 284 31.48 -21.01 -2.83
CA LEU B 284 32.70 -21.23 -3.55
C LEU B 284 32.49 -22.12 -4.75
N PHE B 285 31.82 -23.25 -4.57
CA PHE B 285 31.58 -24.14 -5.69
C PHE B 285 30.79 -23.43 -6.73
N LEU B 286 29.64 -22.91 -6.35
CA LEU B 286 28.81 -22.19 -7.29
C LEU B 286 29.69 -21.23 -8.04
N GLN B 287 30.25 -20.25 -7.33
CA GLN B 287 31.12 -19.29 -7.96
C GLN B 287 31.92 -20.01 -9.00
N GLN B 288 32.71 -20.96 -8.52
CA GLN B 288 33.52 -21.77 -9.42
C GLN B 288 32.66 -22.16 -10.61
N SER B 289 31.69 -23.05 -10.40
CA SER B 289 30.84 -23.51 -11.49
C SER B 289 30.33 -22.37 -12.36
N ILE B 290 30.00 -21.24 -11.75
CA ILE B 290 29.50 -20.09 -12.49
C ILE B 290 30.57 -19.56 -13.42
N PHE B 291 31.67 -19.10 -12.83
CA PHE B 291 32.78 -18.57 -13.60
C PHE B 291 33.15 -19.63 -14.61
N ARG B 292 33.00 -20.87 -14.20
CA ARG B 292 33.31 -22.00 -15.06
C ARG B 292 32.55 -21.75 -16.35
N PHE B 293 31.22 -21.74 -16.26
CA PHE B 293 30.35 -21.55 -17.39
C PHE B 293 30.75 -20.49 -18.38
N LEU B 294 30.87 -19.24 -17.93
CA LEU B 294 31.25 -18.15 -18.84
C LEU B 294 32.69 -18.39 -19.28
N ASN B 295 33.41 -19.06 -18.40
CA ASN B 295 34.81 -19.37 -18.56
C ASN B 295 35.60 -18.13 -18.24
N ILE B 296 35.84 -17.95 -16.95
CA ILE B 296 36.61 -16.83 -16.39
C ILE B 296 37.52 -17.51 -15.34
N PRO B 297 38.86 -17.30 -15.43
CA PRO B 297 39.85 -17.89 -14.51
C PRO B 297 39.48 -17.97 -13.03
N ASN C 12 29.31 -35.87 -40.70
CA ASN C 12 30.11 -36.27 -39.50
C ASN C 12 29.29 -37.10 -38.51
N ILE C 13 29.98 -37.64 -37.51
CA ILE C 13 29.40 -38.49 -36.45
C ILE C 13 28.06 -37.95 -35.96
N THR C 14 27.86 -36.64 -36.11
CA THR C 14 26.63 -36.01 -35.67
C THR C 14 25.42 -36.39 -36.53
N LEU C 15 25.48 -36.10 -37.83
CA LEU C 15 24.36 -36.44 -38.71
C LEU C 15 24.04 -37.91 -38.54
N LYS C 16 25.08 -38.73 -38.36
CA LYS C 16 24.93 -40.18 -38.17
C LYS C 16 23.84 -40.47 -37.14
N ILE C 17 24.12 -40.07 -35.91
CA ILE C 17 23.26 -40.25 -34.76
C ILE C 17 21.82 -39.84 -35.01
N ILE C 18 21.64 -38.76 -35.78
CA ILE C 18 20.31 -38.23 -36.08
C ILE C 18 19.49 -39.15 -36.99
N GLU C 19 20.17 -39.91 -37.84
CA GLU C 19 19.47 -40.83 -38.71
C GLU C 19 19.28 -42.16 -38.03
N THR C 20 20.31 -42.57 -37.31
CA THR C 20 20.28 -43.81 -36.56
C THR C 20 19.17 -43.72 -35.53
N TYR C 21 18.76 -42.47 -35.27
CA TYR C 21 17.71 -42.17 -34.31
C TYR C 21 16.39 -41.92 -35.01
N LEU C 22 16.45 -41.06 -36.03
CA LEU C 22 15.25 -40.73 -36.80
C LEU C 22 14.81 -41.90 -37.65
N GLY C 23 15.67 -42.90 -37.78
CA GLY C 23 15.33 -44.03 -38.60
C GLY C 23 15.02 -43.41 -39.95
N ARG C 24 15.88 -42.49 -40.38
CA ARG C 24 15.74 -41.77 -41.63
C ARG C 24 16.66 -40.57 -41.65
N VAL C 25 16.68 -39.89 -42.78
CA VAL C 25 17.50 -38.70 -42.97
C VAL C 25 16.87 -37.47 -42.34
N PRO C 26 17.66 -36.60 -41.71
CA PRO C 26 17.11 -35.39 -41.08
C PRO C 26 16.93 -34.29 -42.12
N SER C 27 15.81 -33.58 -42.05
CA SER C 27 15.57 -32.52 -43.01
C SER C 27 16.57 -31.40 -42.79
N VAL C 28 16.56 -30.43 -43.70
CA VAL C 28 17.47 -29.29 -43.62
C VAL C 28 17.43 -28.72 -42.20
N ASN C 29 16.21 -28.55 -41.69
CA ASN C 29 15.99 -28.02 -40.34
C ASN C 29 16.29 -29.04 -39.24
N GLU C 30 15.47 -30.09 -39.20
CA GLU C 30 15.61 -31.17 -38.20
C GLU C 30 17.05 -31.34 -37.74
N TYR C 31 18.00 -31.24 -38.67
CA TYR C 31 19.38 -31.36 -38.26
C TYR C 31 19.68 -30.31 -37.20
N HIS C 32 19.71 -29.03 -37.62
CA HIS C 32 20.01 -27.90 -36.72
C HIS C 32 19.37 -28.04 -35.34
N MET C 33 18.10 -28.41 -35.31
CA MET C 33 17.38 -28.57 -34.05
C MET C 33 18.02 -29.62 -33.13
N LEU C 34 17.78 -30.88 -33.48
CA LEU C 34 18.28 -32.02 -32.74
C LEU C 34 19.79 -32.01 -32.55
N LYS C 35 20.50 -31.41 -33.51
CA LYS C 35 21.96 -31.29 -33.47
C LYS C 35 22.40 -31.12 -32.02
N SER C 36 21.63 -30.31 -31.30
CA SER C 36 21.86 -30.02 -29.90
C SER C 36 21.83 -31.28 -29.03
N GLN C 37 20.77 -32.08 -29.21
CA GLN C 37 20.56 -33.33 -28.47
C GLN C 37 21.56 -34.43 -28.78
N ALA C 38 22.83 -34.12 -28.56
CA ALA C 38 23.94 -35.03 -28.83
C ALA C 38 23.77 -36.43 -28.26
N ARG C 39 24.62 -36.75 -27.29
CA ARG C 39 24.62 -38.04 -26.62
C ARG C 39 23.22 -38.45 -26.20
N ASN C 40 22.40 -37.47 -25.80
CA ASN C 40 21.03 -37.76 -25.39
C ASN C 40 20.47 -38.75 -26.40
N ILE C 41 20.42 -38.31 -27.65
CA ILE C 41 19.94 -39.12 -28.74
C ILE C 41 20.86 -40.31 -29.01
N GLN C 42 22.17 -40.08 -29.00
CA GLN C 42 23.14 -41.17 -29.25
C GLN C 42 23.00 -42.23 -28.18
N LYS C 43 23.16 -41.82 -26.94
CA LYS C 43 23.04 -42.73 -25.82
C LYS C 43 21.74 -43.52 -25.93
N ILE C 44 20.61 -42.81 -26.05
CA ILE C 44 19.33 -43.49 -26.15
C ILE C 44 19.43 -44.70 -27.05
N THR C 45 20.13 -44.52 -28.16
CA THR C 45 20.28 -45.60 -29.15
C THR C 45 21.21 -46.73 -28.69
N VAL C 46 22.51 -46.48 -28.60
CA VAL C 46 23.45 -47.53 -28.18
C VAL C 46 23.19 -47.89 -26.72
N PHE C 47 21.91 -48.08 -26.43
CA PHE C 47 21.39 -48.44 -25.14
C PHE C 47 20.57 -49.70 -25.41
N ASN C 48 20.92 -50.79 -24.76
CA ASN C 48 20.22 -52.04 -24.97
C ASN C 48 18.74 -51.95 -24.63
N LYS C 49 17.91 -52.18 -25.63
CA LYS C 49 16.48 -52.13 -25.45
C LYS C 49 16.03 -53.41 -24.74
N ASP C 50 16.53 -54.54 -25.23
CA ASP C 50 16.19 -55.86 -24.70
C ASP C 50 16.16 -55.83 -23.18
N ILE C 51 17.34 -55.72 -22.58
CA ILE C 51 17.48 -55.69 -21.14
C ILE C 51 16.30 -54.92 -20.55
N PHE C 52 15.92 -53.84 -21.22
CA PHE C 52 14.79 -53.07 -20.72
C PHE C 52 13.56 -53.93 -20.84
N VAL C 53 13.28 -54.37 -22.06
CA VAL C 53 12.12 -55.20 -22.35
C VAL C 53 11.92 -56.29 -21.30
N SER C 54 13.03 -56.85 -20.81
CA SER C 54 12.94 -57.89 -19.81
C SER C 54 12.83 -57.37 -18.37
N LEU C 55 13.25 -56.13 -18.13
CA LEU C 55 13.18 -55.56 -16.77
C LEU C 55 11.75 -55.17 -16.41
N VAL C 56 10.99 -54.68 -17.39
CA VAL C 56 9.59 -54.32 -17.12
C VAL C 56 8.88 -55.64 -16.91
N LYS C 57 9.39 -56.67 -17.57
CA LYS C 57 8.82 -58.01 -17.47
C LYS C 57 9.10 -58.50 -16.05
N LYS C 58 10.38 -58.50 -15.70
CA LYS C 58 10.83 -58.93 -14.38
C LYS C 58 10.04 -58.23 -13.29
N ASN C 59 9.54 -57.05 -13.61
CA ASN C 59 8.73 -56.27 -12.68
C ASN C 59 7.30 -56.79 -12.76
N LYS C 60 6.76 -56.79 -13.99
CA LYS C 60 5.41 -57.25 -14.24
C LYS C 60 5.05 -58.24 -13.15
N LYS C 61 5.79 -59.34 -13.12
CA LYS C 61 5.56 -60.36 -12.12
C LYS C 61 6.25 -59.95 -10.82
N ARG C 62 5.52 -59.24 -9.95
CA ARG C 62 6.07 -58.82 -8.66
C ARG C 62 5.16 -57.77 -8.04
N PHE C 63 4.66 -56.88 -8.88
CA PHE C 63 3.78 -55.82 -8.41
C PHE C 63 2.62 -55.80 -9.40
N PHE C 64 2.85 -56.45 -10.54
CA PHE C 64 1.86 -56.53 -11.61
C PHE C 64 1.72 -57.93 -12.16
N SER C 65 1.80 -58.93 -11.29
CA SER C 65 1.66 -60.33 -11.70
C SER C 65 0.26 -60.58 -12.29
N ASP C 66 -0.73 -59.88 -11.72
CA ASP C 66 -2.14 -59.96 -12.12
C ASP C 66 -2.55 -59.07 -13.31
N VAL C 67 -1.85 -59.16 -14.44
CA VAL C 67 -2.23 -58.29 -15.56
C VAL C 67 -2.53 -59.03 -16.86
N ASN C 68 -3.42 -58.43 -17.64
CA ASN C 68 -3.87 -58.97 -18.94
C ASN C 68 -2.87 -58.70 -20.08
N THR C 69 -1.58 -58.98 -19.86
CA THR C 69 -0.57 -58.72 -20.89
C THR C 69 0.38 -59.89 -21.12
N SER C 70 1.07 -59.87 -22.27
CA SER C 70 2.02 -60.93 -22.65
C SER C 70 3.42 -60.44 -22.96
N ALA C 71 4.40 -61.33 -22.82
CA ALA C 71 5.81 -61.04 -23.07
C ALA C 71 6.14 -60.44 -24.45
N SER C 72 5.48 -60.95 -25.48
CA SER C 72 5.68 -60.48 -26.86
C SER C 72 4.80 -59.22 -27.09
N GLU C 73 3.73 -59.13 -26.31
CA GLU C 73 2.81 -58.00 -26.37
C GLU C 73 3.51 -56.79 -25.75
N ILE C 74 3.91 -56.93 -24.49
CA ILE C 74 4.62 -55.88 -23.78
C ILE C 74 5.85 -55.50 -24.57
N LYS C 75 6.75 -56.47 -24.76
CA LYS C 75 7.99 -56.27 -25.50
C LYS C 75 7.81 -55.24 -26.60
N ASP C 76 6.71 -55.32 -27.35
CA ASP C 76 6.49 -54.34 -28.40
C ASP C 76 6.41 -52.96 -27.75
N ARG C 77 5.30 -52.70 -27.04
CA ARG C 77 5.11 -51.44 -26.35
C ARG C 77 6.45 -50.72 -26.16
N ILE C 78 7.31 -51.35 -25.37
CA ILE C 78 8.63 -50.83 -25.08
C ILE C 78 9.32 -50.41 -26.37
N LEU C 79 9.56 -51.37 -27.24
CA LEU C 79 10.21 -51.09 -28.51
C LEU C 79 9.34 -50.06 -29.27
N SER C 80 8.05 -50.38 -29.35
CA SER C 80 7.03 -49.58 -30.00
C SER C 80 7.22 -48.09 -29.67
N TYR C 81 7.62 -47.81 -28.43
CA TYR C 81 7.83 -46.44 -28.02
C TYR C 81 9.18 -46.00 -28.61
N PHE C 82 10.24 -46.73 -28.30
CA PHE C 82 11.56 -46.38 -28.82
C PHE C 82 11.61 -46.44 -30.34
N SER C 83 10.44 -46.57 -30.98
CA SER C 83 10.38 -46.65 -32.43
C SER C 83 9.68 -45.46 -33.11
N LYS C 84 9.02 -44.62 -32.32
CA LYS C 84 8.30 -43.47 -32.87
C LYS C 84 9.19 -42.33 -33.39
N GLN C 85 10.51 -42.41 -33.18
CA GLN C 85 11.40 -41.37 -33.66
C GLN C 85 11.28 -41.31 -35.17
N THR C 86 11.04 -42.48 -35.76
CA THR C 86 10.93 -42.63 -37.20
C THR C 86 9.63 -42.12 -37.84
N GLN C 87 8.58 -42.02 -37.04
CA GLN C 87 7.28 -41.55 -37.53
C GLN C 87 7.02 -40.11 -37.12
N THR C 88 7.62 -39.71 -36.01
CA THR C 88 7.46 -38.36 -35.51
C THR C 88 8.21 -37.36 -36.39
N TYR C 89 7.45 -36.44 -36.98
CA TYR C 89 8.00 -35.42 -37.87
C TYR C 89 7.84 -34.01 -37.30
N ASN C 90 7.15 -33.91 -36.17
CA ASN C 90 6.93 -32.64 -35.49
C ASN C 90 8.13 -32.43 -34.59
N ILE C 91 8.98 -31.50 -35.00
CA ILE C 91 10.18 -31.18 -34.22
C ILE C 91 9.87 -31.09 -32.74
N GLY C 92 8.72 -30.51 -32.41
CA GLY C 92 8.32 -30.39 -31.02
C GLY C 92 8.08 -31.76 -30.40
N LYS C 93 7.17 -32.54 -31.00
CA LYS C 93 6.86 -33.89 -30.52
C LYS C 93 8.15 -34.72 -30.49
N LEU C 94 9.00 -34.49 -31.48
CA LEU C 94 10.28 -35.17 -31.55
C LEU C 94 11.06 -34.85 -30.27
N PHE C 95 11.38 -33.57 -30.08
CA PHE C 95 12.08 -33.10 -28.89
C PHE C 95 11.42 -33.65 -27.64
N THR C 96 10.09 -33.71 -27.68
CA THR C 96 9.30 -34.19 -26.56
C THR C 96 9.54 -35.66 -26.24
N ILE C 97 9.52 -36.50 -27.26
CA ILE C 97 9.74 -37.91 -27.01
C ILE C 97 11.17 -38.22 -26.64
N ILE C 98 12.11 -37.37 -27.05
CA ILE C 98 13.52 -37.60 -26.74
C ILE C 98 13.86 -37.37 -25.26
N GLU C 99 13.25 -36.34 -24.68
CA GLU C 99 13.50 -36.02 -23.29
C GLU C 99 12.95 -37.11 -22.37
N LEU C 100 11.87 -37.75 -22.82
CA LEU C 100 11.24 -38.80 -22.06
C LEU C 100 11.96 -40.12 -22.25
N GLN C 101 12.43 -40.40 -23.46
CA GLN C 101 13.14 -41.65 -23.68
C GLN C 101 14.38 -41.63 -22.79
N SER C 102 14.94 -40.44 -22.62
CA SER C 102 16.13 -40.25 -21.80
C SER C 102 15.90 -40.50 -20.31
N VAL C 103 14.69 -40.23 -19.84
CA VAL C 103 14.37 -40.44 -18.44
C VAL C 103 14.47 -41.94 -18.19
N LEU C 104 13.88 -42.74 -19.10
CA LEU C 104 13.95 -44.17 -18.95
C LEU C 104 15.42 -44.52 -18.90
N VAL C 105 16.08 -44.28 -20.02
CA VAL C 105 17.50 -44.57 -20.21
C VAL C 105 18.49 -44.37 -19.05
N THR C 106 18.34 -43.30 -18.29
CA THR C 106 19.27 -43.04 -17.19
C THR C 106 18.72 -43.40 -15.82
N THR C 107 17.42 -43.23 -15.62
CA THR C 107 16.84 -43.51 -14.32
C THR C 107 16.10 -44.81 -14.11
N TYR C 108 15.48 -45.36 -15.15
CA TYR C 108 14.73 -46.59 -14.95
C TYR C 108 15.50 -47.59 -14.12
N THR C 109 16.76 -47.84 -14.50
CA THR C 109 17.59 -48.77 -13.75
C THR C 109 17.70 -48.32 -12.30
N ASP C 110 18.38 -47.19 -12.09
CA ASP C 110 18.61 -46.62 -10.77
C ASP C 110 17.38 -46.41 -9.89
N ILE C 111 16.35 -45.81 -10.46
CA ILE C 111 15.13 -45.49 -9.72
C ILE C 111 14.07 -46.61 -9.55
N LEU C 112 13.79 -47.34 -10.62
CA LEU C 112 12.78 -48.39 -10.58
C LEU C 112 13.33 -49.82 -10.65
N GLY C 113 14.02 -50.14 -11.74
CA GLY C 113 14.57 -51.47 -11.90
C GLY C 113 15.10 -52.04 -10.60
N VAL C 114 15.88 -51.24 -9.89
CA VAL C 114 16.44 -51.66 -8.63
C VAL C 114 15.46 -52.45 -7.79
N LEU C 115 14.20 -52.00 -7.76
CA LEU C 115 13.16 -52.67 -7.00
C LEU C 115 13.38 -54.17 -7.06
N THR C 116 13.23 -54.71 -8.26
CA THR C 116 13.38 -56.14 -8.50
C THR C 116 14.79 -56.67 -8.25
N ILE C 117 15.26 -56.54 -7.00
CA ILE C 117 16.56 -57.03 -6.54
C ILE C 117 16.60 -56.97 -5.01
N ASN C 130 -1.81 -51.53 22.94
CA ASN C 130 -0.76 -50.50 22.96
C ASN C 130 -1.23 -49.12 22.44
N VAL C 131 -1.62 -49.08 21.16
CA VAL C 131 -2.11 -47.88 20.47
C VAL C 131 -3.60 -47.55 20.75
N THR C 132 -4.48 -48.55 20.55
CA THR C 132 -5.92 -48.40 20.78
C THR C 132 -6.24 -47.54 22.00
N SER C 133 -5.41 -47.64 23.03
CA SER C 133 -5.55 -46.89 24.27
C SER C 133 -6.22 -45.51 24.14
N MET C 134 -5.63 -44.63 23.34
CA MET C 134 -6.15 -43.27 23.15
C MET C 134 -7.44 -43.16 22.34
N GLU C 135 -7.93 -44.29 21.81
CA GLU C 135 -9.16 -44.27 21.02
C GLU C 135 -10.19 -43.39 21.70
N GLU C 136 -10.07 -43.32 23.02
CA GLU C 136 -10.97 -42.48 23.81
C GLU C 136 -10.71 -41.03 23.41
N LEU C 137 -9.58 -40.51 23.89
CA LEU C 137 -9.14 -39.14 23.64
C LEU C 137 -9.41 -38.72 22.19
N ALA C 138 -9.09 -39.62 21.25
CA ALA C 138 -9.29 -39.34 19.83
C ALA C 138 -10.70 -38.81 19.64
N ARG C 139 -11.68 -39.64 19.94
CA ARG C 139 -13.10 -39.27 19.82
C ARG C 139 -13.36 -37.93 20.51
N ASP C 140 -12.90 -37.84 21.76
CA ASP C 140 -13.08 -36.66 22.57
C ASP C 140 -12.58 -35.34 21.95
N MET C 141 -11.29 -35.31 21.59
CA MET C 141 -10.68 -34.11 21.00
C MET C 141 -11.35 -33.82 19.67
N LEU C 142 -11.63 -34.89 18.94
CA LEU C 142 -12.28 -34.81 17.64
C LEU C 142 -13.62 -34.08 17.76
N ASN C 143 -14.45 -34.58 18.68
CA ASN C 143 -15.78 -34.04 18.96
C ASN C 143 -15.76 -32.55 19.25
N SER C 144 -14.88 -32.14 20.15
CA SER C 144 -14.74 -30.74 20.54
C SER C 144 -14.95 -29.91 19.26
N MET C 145 -14.41 -30.45 18.17
CA MET C 145 -14.49 -29.86 16.84
C MET C 145 -15.87 -30.22 16.24
N ASN C 146 -15.89 -31.13 15.27
CA ASN C 146 -17.12 -31.60 14.62
C ASN C 146 -18.21 -30.61 14.13
N VAL C 147 -18.09 -29.34 14.46
CA VAL C 147 -19.07 -28.35 14.04
C VAL C 147 -18.82 -27.98 12.58
N ALA C 148 -19.58 -28.57 11.65
CA ALA C 148 -19.41 -28.27 10.23
C ALA C 148 -20.69 -27.82 9.50
N VAL C 149 -20.77 -28.13 8.21
CA VAL C 149 -21.91 -27.78 7.34
C VAL C 149 -23.15 -27.28 8.08
N VAL C 161 -9.96 -43.01 -9.45
CA VAL C 161 -9.32 -44.03 -8.62
C VAL C 161 -9.46 -45.46 -9.25
N SER C 162 -8.46 -45.87 -10.05
CA SER C 162 -8.48 -47.19 -10.69
C SER C 162 -7.59 -48.15 -9.89
N SER C 163 -8.00 -49.40 -9.80
CA SER C 163 -7.27 -50.41 -9.03
C SER C 163 -5.77 -50.54 -9.33
N LEU C 164 -5.27 -49.77 -10.30
CA LEU C 164 -3.86 -49.81 -10.59
C LEU C 164 -3.28 -49.28 -9.29
N VAL C 165 -4.15 -48.55 -8.57
CA VAL C 165 -3.86 -47.98 -7.27
C VAL C 165 -3.20 -49.09 -6.46
N LYS C 166 -3.84 -50.25 -6.50
CA LYS C 166 -3.38 -51.44 -5.80
C LYS C 166 -1.96 -51.84 -6.15
N ASN C 167 -1.74 -52.26 -7.40
CA ASN C 167 -0.42 -52.68 -7.85
C ASN C 167 0.62 -51.65 -7.35
N VAL C 168 0.41 -50.39 -7.71
CA VAL C 168 1.30 -49.32 -7.32
C VAL C 168 1.58 -49.31 -5.82
N ASN C 169 0.51 -49.29 -5.03
CA ASN C 169 0.65 -49.31 -3.58
C ASN C 169 1.53 -50.48 -3.16
N LYS C 170 1.78 -51.40 -4.07
CA LYS C 170 2.63 -52.57 -3.78
C LYS C 170 4.09 -52.24 -4.15
N LEU C 171 4.25 -51.40 -5.16
CA LEU C 171 5.58 -50.97 -5.61
C LEU C 171 6.15 -50.04 -4.57
N MET C 172 5.38 -48.99 -4.26
CA MET C 172 5.78 -47.98 -3.31
C MET C 172 6.34 -48.53 -2.00
N GLU C 173 5.79 -49.66 -1.55
CA GLU C 173 6.27 -50.27 -0.32
C GLU C 173 7.77 -50.50 -0.47
N GLU C 174 8.12 -51.37 -1.41
CA GLU C 174 9.52 -51.68 -1.68
C GLU C 174 10.34 -50.41 -1.89
N TYR C 175 9.74 -49.43 -2.55
CA TYR C 175 10.39 -48.16 -2.85
C TYR C 175 10.98 -47.53 -1.59
N LEU C 176 10.11 -47.17 -0.67
CA LEU C 176 10.52 -46.57 0.59
C LEU C 176 11.69 -47.35 1.20
N ARG C 177 11.66 -48.67 1.03
CA ARG C 177 12.68 -49.57 1.55
C ARG C 177 14.00 -49.34 0.81
N ARG C 178 13.93 -49.43 -0.52
CA ARG C 178 15.10 -49.27 -1.37
C ARG C 178 15.66 -47.87 -1.22
N HIS C 179 14.82 -46.90 -1.60
CA HIS C 179 15.15 -45.46 -1.57
C HIS C 179 14.79 -44.76 -0.25
N ASN C 180 15.64 -44.93 0.76
CA ASN C 180 15.43 -44.30 2.07
C ASN C 180 15.64 -42.79 1.96
N LYS C 181 16.83 -42.43 1.49
CA LYS C 181 17.25 -41.06 1.36
C LYS C 181 16.79 -40.26 0.14
N SER C 182 16.02 -40.89 -0.76
CA SER C 182 15.54 -40.20 -1.96
C SER C 182 14.05 -40.35 -2.08
N CYS C 183 13.41 -40.53 -0.93
CA CYS C 183 11.97 -40.69 -0.88
C CYS C 183 11.54 -40.97 0.55
N ILE C 184 10.79 -40.04 1.11
CA ILE C 184 10.29 -40.19 2.47
C ILE C 184 8.77 -40.16 2.37
N CYS C 185 8.12 -40.84 3.30
CA CYS C 185 6.66 -40.99 3.30
C CYS C 185 5.89 -40.45 4.52
N TYR C 186 4.57 -40.34 4.34
CA TYR C 186 3.67 -39.89 5.39
C TYR C 186 2.22 -40.23 5.04
N GLY C 187 1.32 -39.39 5.53
CA GLY C 187 -0.08 -39.60 5.27
C GLY C 187 -0.58 -40.88 5.89
N SER C 188 -1.77 -41.29 5.45
CA SER C 188 -2.43 -42.49 5.94
C SER C 188 -1.50 -43.71 6.10
N TYR C 189 -0.85 -44.11 5.02
CA TYR C 189 0.03 -45.27 5.06
C TYR C 189 0.86 -45.32 6.34
N SER C 190 1.88 -44.48 6.40
CA SER C 190 2.80 -44.38 7.54
C SER C 190 2.27 -44.83 8.90
N LEU C 191 1.16 -44.26 9.36
CA LEU C 191 0.61 -44.63 10.67
C LEU C 191 0.31 -46.14 10.77
N TYR C 192 -0.05 -46.75 9.66
CA TYR C 192 -0.31 -48.18 9.62
C TYR C 192 1.02 -48.90 9.86
N LEU C 193 2.13 -48.18 9.72
CA LEU C 193 3.45 -48.78 9.97
C LEU C 193 3.80 -48.66 11.46
N ILE C 194 2.88 -48.11 12.24
CA ILE C 194 3.03 -47.96 13.70
C ILE C 194 1.79 -48.58 14.33
N ASN C 195 0.74 -48.67 13.52
CA ASN C 195 -0.50 -49.29 13.93
C ASN C 195 -1.08 -50.01 12.73
N PRO C 196 -0.67 -51.27 12.53
CA PRO C 196 -1.14 -52.10 11.41
C PRO C 196 -2.66 -52.21 11.37
N ASN C 197 -3.29 -51.45 12.25
CA ASN C 197 -4.74 -51.39 12.37
C ASN C 197 -5.19 -50.01 11.86
N ILE C 198 -4.50 -49.51 10.83
CA ILE C 198 -4.85 -48.22 10.25
C ILE C 198 -5.29 -48.33 8.79
N ARG C 199 -6.58 -48.04 8.54
CA ARG C 199 -7.18 -48.14 7.20
C ARG C 199 -6.81 -46.99 6.23
N TYR C 200 -5.76 -47.24 5.43
CA TYR C 200 -5.27 -46.25 4.48
C TYR C 200 -5.67 -46.56 3.04
N GLY C 201 -5.40 -45.58 2.16
CA GLY C 201 -5.71 -45.73 0.75
C GLY C 201 -4.52 -45.38 -0.14
N ASP C 202 -3.84 -44.28 0.16
CA ASP C 202 -2.70 -43.85 -0.62
C ASP C 202 -1.39 -43.77 0.14
N ILE C 203 -0.35 -44.35 -0.45
CA ILE C 203 0.97 -44.28 0.15
C ILE C 203 1.42 -42.89 -0.28
N ASP C 204 1.47 -41.95 0.66
CA ASP C 204 1.85 -40.57 0.37
C ASP C 204 3.36 -40.31 0.55
N ILE C 205 3.96 -39.56 -0.36
CA ILE C 205 5.39 -39.31 -0.27
C ILE C 205 5.90 -37.92 -0.65
N LEU C 206 7.16 -37.71 -0.28
CA LEU C 206 7.93 -36.51 -0.55
C LEU C 206 9.22 -37.12 -1.05
N GLN C 207 9.71 -36.67 -2.21
CA GLN C 207 10.94 -37.20 -2.78
C GLN C 207 11.71 -36.18 -3.63
N THR C 208 13.02 -36.16 -3.46
CA THR C 208 13.92 -35.25 -4.16
C THR C 208 13.94 -35.34 -5.69
N ASN C 209 13.31 -36.37 -6.25
CA ASN C 209 13.34 -36.54 -7.69
C ASN C 209 11.96 -36.78 -8.30
N SER C 210 10.92 -36.63 -7.50
CA SER C 210 9.55 -36.83 -7.93
C SER C 210 9.33 -36.63 -9.43
N ARG C 211 10.03 -35.65 -10.02
CA ARG C 211 9.88 -35.35 -11.44
C ARG C 211 10.22 -36.57 -12.29
N THR C 212 11.30 -37.25 -11.95
CA THR C 212 11.72 -38.47 -12.64
C THR C 212 10.76 -39.58 -12.23
N PHE C 213 10.79 -39.88 -10.93
CA PHE C 213 9.96 -40.90 -10.30
C PHE C 213 8.64 -41.14 -10.99
N LEU C 214 7.94 -40.06 -11.33
CA LEU C 214 6.66 -40.22 -11.97
C LEU C 214 6.80 -40.57 -13.45
N ILE C 215 7.69 -39.87 -14.16
CA ILE C 215 7.91 -40.17 -15.59
C ILE C 215 8.14 -41.67 -15.70
N ASP C 216 9.09 -42.17 -14.95
CA ASP C 216 9.42 -43.59 -14.93
C ASP C 216 8.12 -44.37 -14.73
N LEU C 217 7.62 -44.39 -13.49
CA LEU C 217 6.38 -45.08 -13.16
C LEU C 217 5.38 -44.94 -14.30
N ALA C 218 5.20 -43.70 -14.75
CA ALA C 218 4.27 -43.42 -15.84
C ALA C 218 4.49 -44.49 -16.89
N PHE C 219 5.72 -44.59 -17.36
CA PHE C 219 6.06 -45.58 -18.36
C PHE C 219 5.80 -46.98 -17.85
N LEU C 220 6.22 -47.24 -16.62
CA LEU C 220 6.00 -48.56 -16.04
C LEU C 220 4.57 -48.95 -16.38
N ILE C 221 3.62 -48.15 -15.89
CA ILE C 221 2.20 -48.38 -16.13
C ILE C 221 1.85 -48.34 -17.61
N LYS C 222 2.29 -47.30 -18.31
CA LYS C 222 2.03 -47.16 -19.74
C LYS C 222 2.42 -48.44 -20.50
N PHE C 223 3.46 -49.12 -20.02
CA PHE C 223 3.97 -50.36 -20.64
C PHE C 223 3.16 -51.57 -20.18
N ILE C 224 3.54 -52.14 -19.05
CA ILE C 224 2.83 -53.30 -18.52
C ILE C 224 1.32 -53.23 -18.76
N THR C 225 0.70 -52.11 -18.39
CA THR C 225 -0.74 -51.91 -18.55
C THR C 225 -1.16 -51.83 -20.00
N GLY C 226 -0.47 -50.97 -20.73
CA GLY C 226 -0.82 -50.72 -22.11
C GLY C 226 -1.75 -49.53 -21.99
N ASN C 227 -1.80 -48.96 -20.79
CA ASN C 227 -2.65 -47.82 -20.54
C ASN C 227 -1.98 -46.50 -20.89
N ASN C 228 -2.78 -45.59 -21.43
CA ASN C 228 -2.34 -44.25 -21.82
C ASN C 228 -2.57 -43.25 -20.68
N ILE C 229 -1.66 -43.23 -19.71
CA ILE C 229 -1.81 -42.32 -18.60
C ILE C 229 -1.35 -40.90 -18.89
N ILE C 230 -1.51 -40.07 -17.87
CA ILE C 230 -1.18 -38.68 -17.94
C ILE C 230 -0.56 -38.27 -16.62
N LEU C 231 0.37 -37.34 -16.68
CA LEU C 231 1.03 -36.86 -15.48
C LEU C 231 0.81 -35.36 -15.44
N SER C 232 0.18 -34.89 -14.38
CA SER C 232 -0.11 -33.46 -14.26
C SER C 232 0.46 -32.74 -13.01
N LYS C 233 0.60 -31.42 -13.14
CA LYS C 233 1.10 -30.57 -12.07
C LYS C 233 -0.11 -29.69 -11.75
N ILE C 234 -0.47 -29.63 -10.47
CA ILE C 234 -1.62 -28.85 -10.04
C ILE C 234 -1.25 -27.49 -9.47
N PRO C 235 -1.32 -26.45 -10.30
CA PRO C 235 -1.00 -25.07 -9.96
C PRO C 235 -1.28 -24.67 -8.53
N TYR C 236 -2.23 -25.34 -7.88
CA TYR C 236 -2.61 -25.04 -6.51
C TYR C 236 -1.56 -25.50 -5.49
N LEU C 237 -1.24 -26.78 -5.52
CA LEU C 237 -0.25 -27.30 -4.58
C LEU C 237 1.18 -26.97 -5.03
N ARG C 238 2.05 -26.70 -4.06
CA ARG C 238 3.45 -26.35 -4.35
C ARG C 238 4.29 -27.60 -4.62
N ASN C 239 4.91 -27.64 -5.81
CA ASN C 239 5.75 -28.79 -6.20
C ASN C 239 4.90 -30.03 -6.17
N TYR C 240 3.88 -30.08 -7.02
CA TYR C 240 2.98 -31.22 -7.02
C TYR C 240 2.67 -31.79 -8.38
N MET C 241 2.93 -33.09 -8.51
CA MET C 241 2.63 -33.84 -9.74
C MET C 241 2.00 -35.18 -9.38
N VAL C 242 0.77 -35.36 -9.82
CA VAL C 242 0.05 -36.58 -9.55
C VAL C 242 -0.20 -37.28 -10.87
N ILE C 243 0.28 -38.51 -10.99
CA ILE C 243 0.04 -39.26 -12.21
C ILE C 243 -1.37 -39.80 -12.04
N LYS C 244 -2.30 -39.31 -12.86
CA LYS C 244 -3.67 -39.80 -12.79
C LYS C 244 -3.82 -40.90 -13.83
N ASP C 245 -5.06 -41.32 -14.08
CA ASP C 245 -5.32 -42.37 -15.07
C ASP C 245 -5.84 -41.84 -16.40
N GLU C 246 -5.85 -42.75 -17.36
CA GLU C 246 -6.34 -42.51 -18.70
C GLU C 246 -7.72 -41.85 -18.60
N ASN C 247 -8.45 -42.21 -17.55
CA ASN C 247 -9.80 -41.70 -17.32
C ASN C 247 -9.86 -40.79 -16.08
N ASP C 248 -8.70 -40.27 -15.66
CA ASP C 248 -8.59 -39.41 -14.49
C ASP C 248 -8.66 -40.18 -13.18
N ASN C 249 -8.40 -41.49 -13.24
CA ASN C 249 -8.43 -42.34 -12.05
C ASN C 249 -7.13 -42.10 -11.29
N HIS C 250 -7.19 -41.31 -10.22
CA HIS C 250 -6.00 -41.00 -9.47
C HIS C 250 -5.15 -42.22 -9.13
N ILE C 251 -4.08 -42.42 -9.91
CA ILE C 251 -3.17 -43.52 -9.70
C ILE C 251 -2.35 -43.23 -8.45
N ILE C 252 -1.64 -42.10 -8.46
CA ILE C 252 -0.81 -41.70 -7.32
C ILE C 252 -0.16 -40.33 -7.49
N ASP C 253 -0.21 -39.53 -6.42
CA ASP C 253 0.36 -38.18 -6.42
C ASP C 253 1.66 -38.07 -5.63
N SER C 254 2.46 -37.06 -5.94
CA SER C 254 3.73 -36.84 -5.23
C SER C 254 4.09 -35.36 -5.05
N PHE C 255 4.86 -35.08 -4.02
CA PHE C 255 5.34 -33.72 -3.71
C PHE C 255 6.88 -33.75 -3.79
N ASN C 256 7.48 -32.79 -4.49
CA ASN C 256 8.94 -32.75 -4.63
C ASN C 256 9.54 -31.77 -3.62
N ILE C 257 10.71 -32.09 -3.08
CA ILE C 257 11.37 -31.22 -2.11
C ILE C 257 12.88 -31.23 -2.23
N ARG C 258 13.48 -30.05 -2.10
CA ARG C 258 14.92 -29.90 -2.19
C ARG C 258 15.57 -30.92 -1.27
N GLN C 259 16.80 -31.31 -1.55
CA GLN C 259 17.51 -32.25 -0.69
C GLN C 259 17.65 -31.51 0.62
N ASP C 260 17.87 -30.21 0.49
CA ASP C 260 17.99 -29.30 1.63
C ASP C 260 16.87 -29.67 2.59
N THR C 261 15.64 -29.37 2.18
CA THR C 261 14.46 -29.65 2.98
C THR C 261 14.35 -31.12 3.38
N MET C 262 14.64 -32.01 2.45
CA MET C 262 14.57 -33.44 2.73
C MET C 262 15.22 -33.79 4.07
N ASN C 263 16.28 -33.07 4.43
CA ASN C 263 16.97 -33.35 5.69
C ASN C 263 16.24 -32.81 6.91
N VAL C 264 16.00 -31.51 6.92
CA VAL C 264 15.31 -30.87 8.04
C VAL C 264 13.97 -31.49 8.40
N VAL C 265 13.42 -32.29 7.49
CA VAL C 265 12.12 -32.92 7.78
C VAL C 265 12.28 -33.93 8.90
N PRO C 266 11.36 -33.89 9.87
CA PRO C 266 11.38 -34.82 10.99
C PRO C 266 11.21 -36.23 10.46
N LYS C 267 12.31 -36.86 10.08
CA LYS C 267 12.25 -38.23 9.56
C LYS C 267 12.40 -39.30 10.66
N ILE C 268 11.74 -40.45 10.44
CA ILE C 268 11.78 -41.56 11.39
C ILE C 268 12.01 -42.88 10.65
N PHE C 269 12.66 -43.83 11.32
CA PHE C 269 12.91 -45.13 10.73
C PHE C 269 12.09 -46.26 11.37
N ILE C 270 11.56 -47.12 10.50
CA ILE C 270 10.77 -48.27 10.90
C ILE C 270 10.39 -49.03 9.64
N ASP C 271 10.91 -50.25 9.52
CA ASP C 271 10.64 -51.10 8.38
C ASP C 271 11.53 -50.74 7.17
N ASN C 272 12.74 -50.26 7.47
CA ASN C 272 13.69 -49.90 6.42
C ASN C 272 13.18 -48.81 5.49
N ILE C 273 12.23 -48.03 5.99
CA ILE C 273 11.65 -46.94 5.23
C ILE C 273 11.51 -45.73 6.17
N TYR C 274 11.63 -44.52 5.61
CA TYR C 274 11.52 -43.32 6.43
C TYR C 274 10.11 -42.75 6.42
N ILE C 275 9.60 -42.43 7.61
CA ILE C 275 8.27 -41.84 7.73
C ILE C 275 8.48 -40.45 8.28
N VAL C 276 7.49 -39.60 8.08
CA VAL C 276 7.56 -38.25 8.58
C VAL C 276 7.22 -38.38 10.06
N ASP C 277 8.21 -38.19 10.93
CA ASP C 277 7.99 -38.27 12.37
C ASP C 277 6.53 -37.94 12.73
N PRO C 278 5.76 -38.94 13.21
CA PRO C 278 4.35 -38.83 13.59
C PRO C 278 3.98 -37.58 14.39
N THR C 279 4.95 -37.04 15.13
CA THR C 279 4.74 -35.83 15.92
C THR C 279 4.38 -34.72 14.95
N PHE C 280 5.33 -34.48 14.06
CA PHE C 280 5.17 -33.48 13.02
C PHE C 280 3.84 -33.78 12.32
N GLN C 281 3.74 -34.98 11.77
CA GLN C 281 2.54 -35.42 11.07
C GLN C 281 1.25 -35.10 11.83
N LEU C 282 1.35 -34.96 13.15
CA LEU C 282 0.17 -34.67 13.95
C LEU C 282 -0.08 -33.17 14.02
N LEU C 283 0.99 -32.40 13.84
CA LEU C 283 0.90 -30.95 13.86
C LEU C 283 0.07 -30.50 12.64
N ASN C 284 0.36 -31.09 11.49
CA ASN C 284 -0.39 -30.76 10.28
C ASN C 284 -1.82 -31.23 10.54
N MET C 285 -1.93 -32.32 11.28
CA MET C 285 -3.22 -32.90 11.63
C MET C 285 -4.08 -31.76 12.16
N ILE C 286 -3.46 -31.00 13.04
CA ILE C 286 -4.09 -29.86 13.68
C ILE C 286 -4.24 -28.72 12.69
N LYS C 287 -3.27 -28.55 11.82
CA LYS C 287 -3.33 -27.47 10.85
C LYS C 287 -4.36 -27.77 9.76
N MET C 288 -4.60 -29.04 9.53
CA MET C 288 -5.57 -29.46 8.52
C MET C 288 -6.97 -29.06 8.93
N PHE C 289 -7.32 -29.38 10.17
CA PHE C 289 -8.65 -29.09 10.69
C PHE C 289 -9.02 -27.64 10.86
N SER C 290 -8.20 -26.74 10.33
CA SER C 290 -8.52 -25.32 10.38
C SER C 290 -8.98 -25.02 8.97
N GLN C 291 -9.13 -26.09 8.20
CA GLN C 291 -9.60 -26.00 6.84
C GLN C 291 -11.06 -26.41 6.87
N ILE C 292 -11.96 -25.43 6.90
CA ILE C 292 -13.39 -25.72 6.93
C ILE C 292 -13.69 -26.89 6.01
N ASP C 293 -13.24 -26.77 4.77
CA ASP C 293 -13.42 -27.81 3.77
C ASP C 293 -13.22 -29.19 4.40
N ARG C 294 -12.19 -29.31 5.22
CA ARG C 294 -11.83 -30.55 5.89
C ARG C 294 -12.69 -30.83 7.14
N LEU C 295 -13.54 -29.86 7.50
CA LEU C 295 -14.44 -30.01 8.63
C LEU C 295 -15.78 -30.48 8.06
N GLU C 296 -15.97 -30.29 6.76
CA GLU C 296 -17.17 -30.74 6.07
C GLU C 296 -16.76 -32.15 5.62
N ASP C 297 -15.64 -32.58 6.18
CA ASP C 297 -15.03 -33.88 5.94
C ASP C 297 -14.93 -34.58 7.28
N LEU C 298 -14.99 -33.78 8.35
CA LEU C 298 -14.93 -34.31 9.71
C LEU C 298 -16.37 -34.70 10.05
N SER C 299 -17.30 -33.85 9.64
CA SER C 299 -18.71 -34.13 9.86
C SER C 299 -19.03 -35.17 8.79
N LYS C 300 -18.27 -36.27 8.83
CA LYS C 300 -18.42 -37.37 7.88
C LYS C 300 -17.80 -38.67 8.43
N ASP C 301 -16.47 -38.72 8.43
CA ASP C 301 -15.70 -39.86 8.92
C ASP C 301 -15.13 -39.59 10.32
N PRO C 302 -15.99 -39.17 11.27
CA PRO C 302 -15.50 -38.88 12.63
C PRO C 302 -14.60 -39.98 13.19
N GLU C 303 -14.64 -41.15 12.54
CA GLU C 303 -13.82 -42.27 12.98
C GLU C 303 -12.55 -42.37 12.15
N LYS C 304 -12.67 -42.07 10.85
CA LYS C 304 -11.52 -42.14 9.95
C LYS C 304 -10.31 -41.49 10.58
N PHE C 305 -10.50 -40.26 11.04
CA PHE C 305 -9.42 -39.51 11.68
C PHE C 305 -9.21 -40.02 13.10
N ASN C 306 -10.29 -40.53 13.69
CA ASN C 306 -10.29 -41.06 15.05
C ASN C 306 -9.20 -42.11 15.30
N ALA C 307 -8.73 -42.73 14.23
CA ALA C 307 -7.70 -43.75 14.30
C ALA C 307 -6.32 -43.13 14.12
N ARG C 308 -6.09 -42.53 12.96
CA ARG C 308 -4.81 -41.88 12.68
C ARG C 308 -4.52 -41.03 13.90
N MET C 309 -5.54 -40.26 14.28
CA MET C 309 -5.48 -39.38 15.42
C MET C 309 -4.68 -39.99 16.57
N ALA C 310 -5.39 -40.74 17.42
CA ALA C 310 -4.80 -41.39 18.58
C ALA C 310 -3.52 -42.14 18.25
N THR C 311 -3.41 -42.68 17.03
CA THR C 311 -2.19 -43.40 16.67
C THR C 311 -1.02 -42.44 16.82
N MET C 312 -1.35 -41.14 16.84
CA MET C 312 -0.37 -40.08 17.01
C MET C 312 -0.30 -39.64 18.46
N LEU C 313 -1.45 -39.33 19.05
CA LEU C 313 -1.51 -38.95 20.46
C LEU C 313 -0.73 -40.03 21.22
N GLU C 314 -0.85 -41.25 20.72
CA GLU C 314 -0.20 -42.44 21.29
C GLU C 314 1.32 -42.43 21.09
N TYR C 315 1.74 -42.11 19.87
CA TYR C 315 3.16 -42.09 19.56
C TYR C 315 3.92 -41.19 20.50
N VAL C 316 3.65 -39.89 20.41
CA VAL C 316 4.33 -38.93 21.26
C VAL C 316 4.21 -39.23 22.75
N ARG C 317 2.99 -39.44 23.23
CA ARG C 317 2.75 -39.74 24.64
C ARG C 317 3.74 -40.80 25.13
N TYR C 318 3.99 -41.77 24.26
CA TYR C 318 4.93 -42.83 24.57
C TYR C 318 6.39 -42.43 24.27
N THR C 319 6.58 -41.67 23.19
CA THR C 319 7.89 -41.22 22.75
C THR C 319 8.51 -40.12 23.63
N HIS C 320 7.76 -39.04 23.80
CA HIS C 320 8.22 -37.90 24.60
C HIS C 320 7.31 -37.71 25.81
N GLY C 321 6.76 -38.83 26.30
CA GLY C 321 5.87 -38.81 27.46
C GLY C 321 5.03 -37.54 27.57
N ILE C 322 4.06 -37.38 26.68
CA ILE C 322 3.25 -36.19 26.70
C ILE C 322 2.26 -36.07 27.85
N VAL C 323 2.46 -35.02 28.64
CA VAL C 323 1.63 -34.70 29.80
C VAL C 323 0.16 -34.62 29.34
N PHE C 324 -0.58 -35.70 29.59
CA PHE C 324 -1.99 -35.75 29.20
C PHE C 324 -2.96 -35.63 30.37
N ASP C 325 -3.20 -34.38 30.76
CA ASP C 325 -4.12 -34.04 31.84
C ASP C 325 -4.85 -32.83 31.29
N GLY C 326 -6.18 -32.89 31.25
CA GLY C 326 -6.96 -31.78 30.73
C GLY C 326 -6.44 -30.38 31.08
N LYS C 327 -5.70 -30.30 32.19
CA LYS C 327 -5.10 -29.07 32.71
C LYS C 327 -3.97 -28.53 31.81
N ARG C 328 -4.19 -27.35 31.20
CA ARG C 328 -3.15 -26.75 30.36
C ARG C 328 -3.28 -25.26 30.03
N ASN C 329 -2.27 -24.53 30.51
CA ASN C 329 -2.15 -23.07 30.36
C ASN C 329 -1.60 -22.54 29.02
N ASN C 330 -1.51 -21.22 28.97
CA ASN C 330 -1.00 -20.41 27.87
C ASN C 330 -1.07 -21.07 26.49
N MET C 331 -2.25 -21.60 26.14
CA MET C 331 -2.45 -22.25 24.85
C MET C 331 -3.15 -21.36 23.82
N PRO C 332 -3.32 -21.85 22.58
CA PRO C 332 -3.96 -20.95 21.61
C PRO C 332 -3.73 -19.45 21.86
N MET C 333 -2.46 -19.02 21.73
CA MET C 333 -2.08 -17.62 21.92
C MET C 333 -3.13 -16.71 21.29
N LYS C 334 -3.41 -15.59 21.94
CA LYS C 334 -4.41 -14.66 21.43
C LYS C 334 -4.10 -14.31 19.97
N CYS C 335 -4.93 -14.82 19.07
CA CYS C 335 -4.78 -14.60 17.65
C CYS C 335 -5.69 -13.43 17.26
N ILE C 336 -5.14 -12.41 16.62
CA ILE C 336 -5.92 -11.25 16.23
C ILE C 336 -5.94 -11.11 14.70
N ILE C 337 -7.09 -11.41 14.10
CA ILE C 337 -7.22 -11.37 12.65
C ILE C 337 -7.65 -10.05 12.02
N ASP C 338 -6.71 -9.16 11.73
CA ASP C 338 -7.13 -7.94 11.07
C ASP C 338 -7.73 -8.47 9.77
N GLU C 339 -9.02 -8.20 9.56
CA GLU C 339 -9.70 -8.69 8.37
C GLU C 339 -9.54 -7.76 7.16
N ASN C 340 -9.05 -6.55 7.41
CA ASN C 340 -8.82 -5.57 6.34
C ASN C 340 -7.51 -5.85 5.61
N ASN C 341 -6.60 -6.56 6.26
CA ASN C 341 -5.32 -6.87 5.65
C ASN C 341 -5.27 -8.34 5.37
N ARG C 342 -6.24 -9.06 5.90
CA ARG C 342 -6.30 -10.51 5.75
C ARG C 342 -5.00 -11.08 6.34
N ILE C 343 -4.71 -10.69 7.58
CA ILE C 343 -3.51 -11.14 8.28
C ILE C 343 -3.73 -11.25 9.78
N VAL C 344 -3.45 -12.43 10.30
CA VAL C 344 -3.61 -12.72 11.71
C VAL C 344 -2.54 -12.05 12.54
N THR C 345 -2.45 -12.43 13.81
CA THR C 345 -1.46 -11.89 14.74
C THR C 345 -1.44 -12.77 16.01
N VAL C 346 -0.51 -13.73 16.05
CA VAL C 346 -0.38 -14.64 17.19
C VAL C 346 0.73 -14.26 18.16
N THR C 347 0.44 -14.41 19.46
CA THR C 347 1.39 -14.07 20.51
C THR C 347 2.13 -15.26 21.09
N THR C 348 3.05 -15.79 20.29
CA THR C 348 3.85 -16.95 20.70
C THR C 348 4.63 -16.65 21.99
N LYS C 349 4.86 -15.36 22.25
CA LYS C 349 5.58 -14.88 23.41
C LYS C 349 5.88 -15.94 24.47
N ASP C 350 4.84 -16.42 25.14
CA ASP C 350 4.94 -17.41 26.21
C ASP C 350 5.67 -18.68 25.81
N TYR C 351 6.39 -18.63 24.69
CA TYR C 351 7.09 -19.81 24.22
C TYR C 351 8.39 -19.47 23.51
N PHE C 352 8.33 -18.56 22.54
CA PHE C 352 9.54 -18.21 21.79
C PHE C 352 9.94 -16.75 21.91
N SER C 353 11.25 -16.52 21.82
CA SER C 353 11.86 -15.20 21.92
C SER C 353 10.99 -14.10 21.32
N PHE C 354 10.45 -14.38 20.14
CA PHE C 354 9.59 -13.45 19.42
C PHE C 354 8.18 -13.49 19.99
N LYS C 355 7.64 -12.32 20.31
CA LYS C 355 6.32 -12.23 20.89
C LYS C 355 5.26 -12.53 19.85
N LYS C 356 5.27 -11.73 18.79
CA LYS C 356 4.30 -11.86 17.72
C LYS C 356 4.77 -12.80 16.62
N CYS C 357 3.81 -13.18 15.80
CA CYS C 357 4.01 -14.05 14.67
C CYS C 357 2.92 -13.60 13.72
N LEU C 358 3.32 -12.81 12.74
CA LEU C 358 2.38 -12.27 11.78
C LEU C 358 2.06 -13.32 10.74
N VAL C 359 0.97 -14.03 10.97
CA VAL C 359 0.55 -15.08 10.06
C VAL C 359 -0.20 -14.45 8.91
N TYR C 360 0.45 -14.38 7.75
CA TYR C 360 -0.18 -13.79 6.59
C TYR C 360 -1.17 -14.78 5.99
N LEU C 361 -2.11 -14.26 5.21
CA LEU C 361 -3.12 -15.08 4.55
C LEU C 361 -3.10 -14.82 3.04
N ASP C 362 -2.08 -14.07 2.62
CA ASP C 362 -1.87 -13.70 1.22
C ASP C 362 -0.39 -13.85 0.93
N GLU C 363 0.02 -15.09 0.72
CA GLU C 363 1.41 -15.43 0.44
C GLU C 363 2.11 -14.39 -0.43
N ASN C 364 1.51 -14.09 -1.58
CA ASN C 364 2.09 -13.14 -2.53
C ASN C 364 2.34 -11.80 -1.87
N VAL C 365 1.71 -11.54 -0.74
CA VAL C 365 1.90 -10.28 -0.03
C VAL C 365 3.16 -10.42 0.80
N LEU C 366 3.06 -11.32 1.78
CA LEU C 366 4.15 -11.63 2.68
C LEU C 366 5.47 -11.59 1.94
N SER C 367 5.49 -12.21 0.76
CA SER C 367 6.68 -12.26 -0.06
C SER C 367 7.23 -10.88 -0.36
N SER C 368 6.39 -9.99 -0.87
CA SER C 368 6.84 -8.65 -1.20
C SER C 368 7.27 -7.88 0.03
N ASP C 369 6.42 -7.88 1.05
CA ASP C 369 6.74 -7.17 2.28
C ASP C 369 8.03 -7.75 2.84
N ILE C 370 8.18 -9.07 2.70
CA ILE C 370 9.39 -9.74 3.17
C ILE C 370 10.55 -9.11 2.42
N LEU C 371 10.39 -8.99 1.11
CA LEU C 371 11.39 -8.39 0.25
C LEU C 371 11.64 -6.99 0.78
N ASP C 372 10.54 -6.28 1.08
CA ASP C 372 10.63 -4.93 1.61
C ASP C 372 11.45 -4.95 2.89
N LEU C 373 11.35 -6.05 3.65
CA LEU C 373 12.12 -6.20 4.87
C LEU C 373 13.57 -6.41 4.52
N ASN C 374 13.84 -6.41 3.22
CA ASN C 374 15.19 -6.58 2.73
C ASN C 374 15.76 -7.90 3.20
N ALA C 375 14.87 -8.86 3.48
CA ALA C 375 15.29 -10.20 3.93
C ALA C 375 15.26 -11.17 2.74
N ASP C 376 16.37 -11.87 2.54
CA ASP C 376 16.48 -12.78 1.41
C ASP C 376 16.88 -14.20 1.82
N THR C 377 16.92 -14.42 3.12
CA THR C 377 17.28 -15.72 3.65
C THR C 377 16.17 -16.23 4.54
N SER C 378 14.94 -16.22 4.01
CA SER C 378 13.78 -16.69 4.75
C SER C 378 13.82 -18.20 4.67
N CYS C 379 13.40 -18.88 5.72
CA CYS C 379 13.41 -20.35 5.74
C CYS C 379 12.21 -20.96 5.04
N ASP C 380 12.43 -21.54 3.86
CA ASP C 380 11.32 -22.17 3.16
C ASP C 380 11.42 -23.66 3.29
N PHE C 381 10.32 -24.27 3.70
CA PHE C 381 10.29 -25.70 3.86
C PHE C 381 9.26 -26.27 2.89
N GLU C 382 9.35 -25.78 1.67
CA GLU C 382 8.48 -26.18 0.57
C GLU C 382 7.06 -26.60 0.94
N SER C 383 6.53 -27.58 0.22
CA SER C 383 5.18 -28.07 0.44
C SER C 383 4.94 -28.67 1.82
N VAL C 384 5.98 -28.70 2.64
CA VAL C 384 5.80 -29.23 3.98
C VAL C 384 4.94 -28.24 4.74
N THR C 385 5.56 -27.18 5.25
CA THR C 385 4.87 -26.14 6.00
C THR C 385 3.99 -25.29 5.10
N ASN C 386 4.20 -25.41 3.78
CA ASN C 386 3.45 -24.64 2.80
C ASN C 386 3.62 -23.15 3.05
N SER C 387 4.87 -22.76 3.28
CA SER C 387 5.15 -21.37 3.55
C SER C 387 6.62 -21.21 3.82
N VAL C 388 7.01 -19.96 3.99
CA VAL C 388 8.38 -19.58 4.26
C VAL C 388 8.29 -18.75 5.54
N TYR C 389 8.90 -19.22 6.63
CA TYR C 389 8.87 -18.48 7.91
C TYR C 389 10.00 -17.48 7.98
N LEU C 390 9.76 -16.33 8.58
CA LEU C 390 10.79 -15.32 8.71
C LEU C 390 10.75 -14.64 10.08
N ILE C 391 11.93 -14.31 10.60
CA ILE C 391 11.99 -13.64 11.88
C ILE C 391 12.78 -12.35 11.79
N HIS C 392 12.37 -11.43 10.92
CA HIS C 392 13.07 -10.18 10.83
C HIS C 392 12.72 -9.50 12.13
N ASP C 393 13.67 -8.73 12.65
CA ASP C 393 13.53 -8.00 13.91
C ASP C 393 12.63 -8.62 14.98
N ASN C 394 13.11 -9.72 15.56
CA ASN C 394 12.42 -10.44 16.63
C ASN C 394 10.94 -10.72 16.43
N ILE C 395 10.50 -10.65 15.18
CA ILE C 395 9.11 -10.93 14.85
C ILE C 395 9.02 -11.98 13.77
N MET C 396 8.03 -12.86 13.91
CA MET C 396 7.82 -13.92 12.94
C MET C 396 6.72 -13.62 11.93
N TYR C 397 7.10 -13.69 10.65
CA TYR C 397 6.19 -13.46 9.55
C TYR C 397 5.99 -14.81 8.89
N THR C 398 4.75 -15.12 8.55
CA THR C 398 4.48 -16.40 7.90
C THR C 398 3.16 -16.39 7.13
N TYR C 399 2.94 -17.44 6.35
CA TYR C 399 1.74 -17.59 5.56
C TYR C 399 1.01 -18.90 5.84
N PHE C 400 -0.27 -18.78 6.22
CA PHE C 400 -1.08 -19.93 6.53
C PHE C 400 -1.78 -20.47 5.29
N SER C 401 -1.40 -21.67 4.88
CA SER C 401 -1.95 -22.29 3.68
C SER C 401 -3.45 -22.58 3.69
N ASN C 402 -4.11 -22.45 4.84
CA ASN C 402 -5.55 -22.75 4.91
C ASN C 402 -6.48 -21.56 5.16
N THR C 403 -7.78 -21.85 5.29
CA THR C 403 -8.79 -20.81 5.55
C THR C 403 -8.87 -20.67 7.06
N ILE C 404 -9.18 -19.47 7.54
CA ILE C 404 -9.28 -19.26 8.98
C ILE C 404 -10.71 -19.37 9.50
N LEU C 405 -10.85 -20.07 10.63
CA LEU C 405 -12.14 -20.30 11.26
C LEU C 405 -12.53 -19.20 12.24
N LEU C 406 -13.79 -18.76 12.13
CA LEU C 406 -14.33 -17.73 13.01
C LEU C 406 -15.45 -18.28 13.90
N SER C 407 -15.39 -17.94 15.19
CA SER C 407 -16.38 -18.36 16.16
C SER C 407 -17.43 -17.26 16.19
N ASP C 408 -17.07 -16.12 15.60
CA ASP C 408 -17.94 -14.97 15.55
C ASP C 408 -17.24 -13.91 14.72
N LYS C 409 -17.93 -12.80 14.46
CA LYS C 409 -17.36 -11.69 13.67
C LYS C 409 -16.08 -11.16 14.31
N GLY C 410 -14.94 -11.44 13.70
CA GLY C 410 -13.66 -10.98 14.22
C GLY C 410 -13.09 -11.93 15.25
N LYS C 411 -13.93 -12.86 15.69
CA LYS C 411 -13.55 -13.84 16.69
C LYS C 411 -12.97 -15.08 15.99
N VAL C 412 -11.69 -15.32 16.24
CA VAL C 412 -10.97 -16.44 15.63
C VAL C 412 -11.32 -17.76 16.26
N HIS C 413 -12.27 -18.48 15.68
CA HIS C 413 -12.65 -19.77 16.24
C HIS C 413 -11.36 -20.51 16.66
N GLU C 414 -11.45 -21.18 17.80
CA GLU C 414 -10.33 -21.93 18.39
C GLU C 414 -9.61 -22.95 17.51
N ILE C 415 -10.37 -23.77 16.78
CA ILE C 415 -9.75 -24.77 15.94
C ILE C 415 -8.80 -24.13 14.94
N SER C 416 -8.77 -22.80 14.94
CA SER C 416 -7.87 -22.02 14.10
C SER C 416 -6.55 -21.90 14.85
N ALA C 417 -6.62 -21.31 16.04
CA ALA C 417 -5.44 -21.15 16.88
C ALA C 417 -4.81 -22.54 17.02
N ARG C 418 -5.55 -23.56 16.59
CA ARG C 418 -5.05 -24.93 16.61
C ARG C 418 -3.95 -25.00 15.54
N GLY C 419 -4.37 -24.98 14.29
CA GLY C 419 -3.43 -25.05 13.19
C GLY C 419 -2.41 -23.93 13.27
N LEU C 420 -2.90 -22.70 13.44
CA LEU C 420 -2.03 -21.54 13.54
C LEU C 420 -0.79 -21.92 14.32
N CYS C 421 -0.99 -22.40 15.54
CA CYS C 421 0.11 -22.82 16.40
C CYS C 421 0.99 -23.84 15.69
N ALA C 422 0.46 -25.07 15.57
CA ALA C 422 1.13 -26.19 14.91
C ALA C 422 2.09 -25.67 13.86
N HIS C 423 1.53 -24.88 12.93
CA HIS C 423 2.29 -24.26 11.84
C HIS C 423 3.65 -23.89 12.43
N ILE C 424 3.63 -22.87 13.27
CA ILE C 424 4.83 -22.38 13.92
C ILE C 424 5.70 -23.53 14.39
N LEU C 425 5.10 -24.42 15.17
CA LEU C 425 5.80 -25.57 15.71
C LEU C 425 6.49 -26.34 14.61
N LEU C 426 5.81 -26.50 13.48
CA LEU C 426 6.39 -27.21 12.34
C LEU C 426 7.77 -26.58 12.15
N TYR C 427 7.79 -25.25 12.10
CA TYR C 427 9.02 -24.49 11.95
C TYR C 427 9.94 -24.97 13.02
N GLN C 428 9.47 -24.79 14.25
CA GLN C 428 10.20 -25.19 15.43
C GLN C 428 10.81 -26.56 15.27
N MET C 429 10.10 -27.44 14.59
CA MET C 429 10.58 -28.81 14.38
C MET C 429 11.58 -28.95 13.24
N LEU C 430 11.36 -28.23 12.14
CA LEU C 430 12.25 -28.31 11.01
C LEU C 430 13.54 -27.55 11.30
N THR C 431 13.59 -27.00 12.50
CA THR C 431 14.72 -26.21 12.97
C THR C 431 15.25 -26.72 14.30
N SER C 432 14.53 -27.69 14.87
CA SER C 432 14.87 -28.31 16.16
C SER C 432 14.95 -27.31 17.31
N GLY C 433 13.79 -26.90 17.82
CA GLY C 433 13.77 -25.94 18.91
C GLY C 433 12.77 -26.26 19.99
N GLU C 434 12.85 -25.51 21.09
CA GLU C 434 11.96 -25.69 22.25
C GLU C 434 10.50 -25.74 21.80
N TYR C 435 9.98 -26.96 21.61
CA TYR C 435 8.61 -27.15 21.17
C TYR C 435 7.83 -28.12 22.06
N LYS C 436 8.39 -29.30 22.28
CA LYS C 436 7.79 -30.37 23.11
C LYS C 436 6.79 -29.75 24.06
N GLN C 437 7.32 -28.81 24.82
CA GLN C 437 6.57 -28.08 25.81
C GLN C 437 5.28 -27.58 25.17
N CYS C 438 5.38 -26.59 24.28
CA CYS C 438 4.19 -26.05 23.66
C CYS C 438 3.21 -27.06 23.08
N LEU C 439 3.73 -28.03 22.33
CA LEU C 439 2.85 -29.03 21.74
C LEU C 439 2.03 -29.75 22.79
N SER C 440 2.74 -30.35 23.75
CA SER C 440 2.10 -31.08 24.84
C SER C 440 1.00 -30.14 25.36
N ASP C 441 1.40 -28.91 25.63
CA ASP C 441 0.50 -27.87 26.11
C ASP C 441 -0.69 -27.71 25.15
N LEU C 442 -0.39 -27.57 23.86
CA LEU C 442 -1.41 -27.39 22.85
C LEU C 442 -2.43 -28.52 22.85
N LEU C 443 -1.92 -29.75 22.94
CA LEU C 443 -2.75 -30.94 22.95
C LEU C 443 -3.81 -30.90 24.02
N ASN C 444 -3.37 -30.74 25.26
CA ASN C 444 -4.28 -30.68 26.41
C ASN C 444 -5.43 -29.70 26.22
N SER C 445 -5.18 -28.64 25.46
CA SER C 445 -6.21 -27.64 25.20
C SER C 445 -7.33 -28.18 24.28
N MET C 446 -7.11 -29.37 23.73
CA MET C 446 -8.06 -30.03 22.83
C MET C 446 -9.00 -30.98 23.56
N MET C 447 -8.58 -31.41 24.75
CA MET C 447 -9.34 -32.33 25.60
C MET C 447 -10.71 -31.70 25.98
N ASN C 448 -11.79 -32.36 25.55
CA ASN C 448 -13.18 -31.94 25.78
C ASN C 448 -13.43 -30.43 25.78
N ARG C 449 -14.08 -29.98 24.71
CA ARG C 449 -14.38 -28.57 24.54
C ARG C 449 -15.69 -28.29 23.78
N ASP C 450 -16.21 -27.08 23.96
CA ASP C 450 -17.45 -26.65 23.30
C ASP C 450 -17.41 -26.82 21.79
N LYS C 451 -18.39 -27.54 21.26
CA LYS C 451 -18.51 -27.68 19.81
C LYS C 451 -18.94 -26.26 19.43
N ILE C 452 -18.02 -25.31 19.55
CA ILE C 452 -18.31 -23.90 19.28
C ILE C 452 -18.76 -23.63 17.84
N PRO C 453 -19.85 -22.87 17.69
CA PRO C 453 -20.37 -22.56 16.37
C PRO C 453 -19.34 -21.81 15.53
N ILE C 454 -19.35 -22.06 14.22
CA ILE C 454 -18.44 -21.41 13.30
C ILE C 454 -19.16 -20.26 12.57
N TYR C 455 -18.91 -19.03 13.02
CA TYR C 455 -19.54 -17.87 12.41
C TYR C 455 -19.18 -17.67 10.94
N SER C 456 -17.89 -17.53 10.64
CA SER C 456 -17.43 -17.34 9.25
C SER C 456 -16.04 -17.92 9.02
N HIS C 457 -15.51 -17.70 7.82
CA HIS C 457 -14.16 -18.18 7.50
C HIS C 457 -13.53 -17.39 6.34
N THR C 458 -12.21 -17.32 6.34
CA THR C 458 -11.43 -16.59 5.33
C THR C 458 -11.36 -17.29 3.99
N GLU C 459 -11.32 -16.49 2.93
CA GLU C 459 -11.22 -17.02 1.57
C GLU C 459 -9.76 -17.13 1.16
N ARG C 460 -9.19 -18.34 1.29
CA ARG C 460 -7.81 -18.60 0.92
C ARG C 460 -7.39 -17.98 -0.43
N ASP C 461 -6.26 -17.28 -0.43
CA ASP C 461 -5.75 -16.64 -1.63
C ASP C 461 -5.61 -17.63 -2.80
N LYS C 462 -6.04 -17.20 -3.97
CA LYS C 462 -5.98 -18.05 -5.16
C LYS C 462 -4.56 -18.14 -5.66
N LYS C 463 -4.10 -19.37 -5.89
CA LYS C 463 -2.76 -19.57 -6.42
C LYS C 463 -2.95 -19.72 -7.91
N PRO C 464 -2.23 -18.91 -8.69
CA PRO C 464 -2.28 -18.91 -10.16
C PRO C 464 -1.51 -20.04 -10.87
N GLY C 465 -1.44 -19.99 -12.20
CA GLY C 465 -0.73 -21.01 -12.94
C GLY C 465 -1.62 -21.93 -13.72
N ARG C 466 -1.20 -22.28 -14.93
CA ARG C 466 -1.97 -23.16 -15.79
C ARG C 466 -1.72 -24.59 -15.37
N HIS C 467 -2.71 -25.45 -15.54
CA HIS C 467 -2.55 -26.86 -15.21
C HIS C 467 -1.70 -27.49 -16.30
N GLY C 468 -0.49 -27.91 -15.93
CA GLY C 468 0.40 -28.52 -16.90
C GLY C 468 0.35 -30.02 -16.79
N PHE C 469 0.66 -30.71 -17.88
CA PHE C 469 0.62 -32.16 -17.88
C PHE C 469 1.58 -32.78 -18.90
N ILE C 470 1.71 -34.09 -18.84
CA ILE C 470 2.57 -34.83 -19.76
C ILE C 470 1.76 -35.98 -20.34
N ASN C 471 1.69 -36.07 -21.67
CA ASN C 471 0.94 -37.13 -22.29
C ASN C 471 1.84 -38.13 -23.01
N ILE C 472 2.41 -39.06 -22.25
CA ILE C 472 3.32 -40.06 -22.81
C ILE C 472 2.78 -40.54 -24.12
N GLU C 473 1.48 -40.76 -24.11
CA GLU C 473 0.75 -41.24 -25.28
C GLU C 473 0.68 -40.22 -26.41
N LYS C 474 -0.06 -39.13 -26.22
CA LYS C 474 -0.24 -38.10 -27.24
C LYS C 474 1.00 -37.24 -27.50
N ASP C 475 2.11 -37.56 -26.81
CA ASP C 475 3.36 -36.81 -26.96
C ASP C 475 3.20 -35.31 -26.72
N ILE C 476 2.65 -34.94 -25.58
CA ILE C 476 2.47 -33.54 -25.30
C ILE C 476 3.03 -33.20 -23.93
N ILE C 477 3.95 -32.25 -23.87
CA ILE C 477 4.54 -31.79 -22.61
C ILE C 477 4.20 -30.31 -22.44
N VAL C 478 3.60 -29.96 -21.31
CA VAL C 478 3.19 -28.58 -21.03
C VAL C 478 3.11 -28.20 -19.57
N PHE C 479 3.75 -27.09 -19.21
CA PHE C 479 3.73 -26.63 -17.83
C PHE C 479 3.40 -25.15 -17.64
N ASN D 12 -27.80 50.42 -21.21
CA ASN D 12 -28.67 50.29 -20.00
C ASN D 12 -27.91 50.59 -18.71
N ILE D 13 -28.65 50.62 -17.60
CA ILE D 13 -28.12 50.90 -16.25
C ILE D 13 -26.78 50.18 -15.99
N THR D 14 -26.58 49.07 -16.68
CA THR D 14 -25.37 48.29 -16.53
C THR D 14 -24.12 49.00 -17.07
N LEU D 15 -24.13 49.31 -18.37
CA LEU D 15 -22.99 49.99 -18.97
C LEU D 15 -22.67 51.24 -18.14
N LYS D 16 -23.74 51.90 -17.67
CA LYS D 16 -23.61 53.11 -16.84
C LYS D 16 -22.56 52.91 -15.74
N ILE D 17 -22.88 51.99 -14.85
CA ILE D 17 -22.07 51.61 -13.70
C ILE D 17 -20.61 51.35 -14.03
N ILE D 18 -20.38 50.71 -15.19
CA ILE D 18 -19.04 50.37 -15.65
C ILE D 18 -18.19 51.60 -16.01
N GLU D 19 -18.84 52.65 -16.48
CA GLU D 19 -18.10 53.85 -16.83
C GLU D 19 -17.97 54.74 -15.61
N THR D 20 -19.05 54.81 -14.83
CA THR D 20 -19.05 55.60 -13.61
C THR D 20 -17.98 55.04 -12.69
N TYR D 21 -17.57 53.80 -12.98
CA TYR D 21 -16.56 53.10 -12.19
C TYR D 21 -15.20 53.16 -12.88
N LEU D 22 -15.20 52.84 -14.18
CA LEU D 22 -13.98 52.87 -14.95
C LEU D 22 -13.50 54.28 -15.18
N GLY D 23 -14.37 55.25 -14.88
CA GLY D 23 -14.01 56.63 -15.11
C GLY D 23 -13.62 56.67 -16.59
N ARG D 24 -14.46 56.03 -17.41
CA ARG D 24 -14.26 55.94 -18.85
C ARG D 24 -15.18 54.90 -19.44
N VAL D 25 -15.13 54.77 -20.76
CA VAL D 25 -15.95 53.82 -21.48
C VAL D 25 -15.31 52.42 -21.43
N PRO D 26 -16.14 51.36 -21.26
CA PRO D 26 -15.61 50.00 -21.21
C PRO D 26 -15.39 49.46 -22.63
N SER D 27 -14.26 48.79 -22.85
CA SER D 27 -13.96 48.27 -24.17
C SER D 27 -14.97 47.19 -24.52
N VAL D 28 -14.92 46.72 -25.77
CA VAL D 28 -15.82 45.69 -26.24
C VAL D 28 -15.86 44.54 -25.22
N ASN D 29 -14.66 44.15 -24.76
CA ASN D 29 -14.49 43.07 -23.79
C ASN D 29 -14.83 43.50 -22.37
N GLU D 30 -14.00 44.38 -21.82
CA GLU D 30 -14.19 44.89 -20.48
C GLU D 30 -15.65 44.86 -20.05
N TYR D 31 -16.55 45.19 -20.98
CA TYR D 31 -17.96 45.15 -20.64
C TYR D 31 -18.31 43.76 -20.15
N HIS D 32 -18.32 42.80 -21.08
CA HIS D 32 -18.65 41.41 -20.79
C HIS D 32 -18.08 40.89 -19.47
N MET D 33 -16.80 41.18 -19.21
CA MET D 33 -16.13 40.76 -17.98
C MET D 33 -16.82 41.31 -16.72
N LEU D 34 -16.59 42.60 -16.47
CA LEU D 34 -17.13 43.31 -15.33
C LEU D 34 -18.65 43.25 -15.22
N LYS D 35 -19.30 43.13 -16.36
CA LYS D 35 -20.76 43.02 -16.46
C LYS D 35 -21.27 42.23 -15.27
N SER D 36 -20.52 41.18 -14.93
CA SER D 36 -20.81 40.30 -13.81
C SER D 36 -20.83 41.04 -12.46
N GLN D 37 -19.78 41.83 -12.24
CA GLN D 37 -19.60 42.63 -11.02
C GLN D 37 -20.61 43.76 -10.86
N ALA D 38 -21.88 43.41 -10.83
CA ALA D 38 -22.98 44.36 -10.72
C ALA D 38 -22.84 45.35 -9.58
N ARG D 39 -23.74 45.21 -8.61
CA ARG D 39 -23.77 46.09 -7.44
C ARG D 39 -22.41 46.23 -6.82
N ASN D 40 -21.60 45.17 -6.86
CA ASN D 40 -20.25 45.23 -6.31
C ASN D 40 -19.65 46.57 -6.75
N ILE D 41 -19.55 46.72 -8.05
CA ILE D 41 -19.02 47.93 -8.65
C ILE D 41 -19.93 49.14 -8.41
N GLN D 42 -21.24 48.95 -8.58
CA GLN D 42 -22.21 50.03 -8.36
C GLN D 42 -22.12 50.50 -6.90
N LYS D 43 -22.35 49.60 -5.98
CA LYS D 43 -22.28 49.91 -4.57
C LYS D 43 -20.97 50.64 -4.28
N ILE D 44 -19.84 50.04 -4.66
CA ILE D 44 -18.55 50.69 -4.39
C ILE D 44 -18.63 52.18 -4.66
N THR D 45 -19.26 52.53 -5.77
CA THR D 45 -19.37 53.92 -6.18
C THR D 45 -20.33 54.76 -5.31
N VAL D 46 -21.64 54.50 -5.39
CA VAL D 46 -22.60 55.27 -4.58
C VAL D 46 -22.42 54.94 -3.10
N PHE D 47 -21.16 54.97 -2.70
CA PHE D 47 -20.69 54.70 -1.36
C PHE D 47 -19.86 55.95 -1.01
N ASN D 48 -20.25 56.64 0.04
CA ASN D 48 -19.55 57.85 0.42
C ASN D 48 -18.08 57.59 0.75
N LYS D 49 -17.21 58.23 -0.01
CA LYS D 49 -15.80 58.07 0.20
C LYS D 49 -15.38 58.91 1.41
N ASP D 50 -15.89 60.15 1.46
CA ASP D 50 -15.57 61.09 2.54
C ASP D 50 -15.59 60.39 3.88
N ILE D 51 -16.80 60.05 4.31
CA ILE D 51 -17.01 59.39 5.60
C ILE D 51 -15.84 58.42 5.83
N PHE D 52 -15.42 57.73 4.77
CA PHE D 52 -14.33 56.80 4.93
C PHE D 52 -13.09 57.61 5.26
N VAL D 53 -12.77 58.54 4.37
CA VAL D 53 -11.60 59.41 4.52
C VAL D 53 -11.46 59.92 5.95
N SER D 54 -12.59 60.20 6.60
CA SER D 54 -12.56 60.71 7.96
C SER D 54 -12.50 59.61 9.02
N LEU D 55 -12.93 58.39 8.66
CA LEU D 55 -12.91 57.28 9.61
C LEU D 55 -11.49 56.75 9.84
N VAL D 56 -10.68 56.73 8.78
CA VAL D 56 -9.30 56.27 8.92
C VAL D 56 -8.60 57.35 9.74
N LYS D 57 -9.08 58.58 9.57
CA LYS D 57 -8.54 59.72 10.28
C LYS D 57 -8.89 59.54 11.75
N LYS D 58 -10.19 59.41 12.01
CA LYS D 58 -10.69 59.22 13.37
C LYS D 58 -9.95 58.09 14.08
N ASN D 59 -9.42 57.17 13.28
CA ASN D 59 -8.65 56.04 13.81
C ASN D 59 -7.23 56.50 14.00
N LYS D 60 -6.65 57.05 12.94
CA LYS D 60 -5.28 57.56 12.97
C LYS D 60 -4.97 57.96 14.41
N LYS D 61 -5.71 58.96 14.89
CA LYS D 61 -5.53 59.42 16.26
C LYS D 61 -6.28 58.49 17.21
N ARG D 62 -5.58 57.46 17.70
CA ARG D 62 -6.19 56.51 18.64
C ARG D 62 -5.30 55.28 18.76
N PHE D 63 -4.76 54.85 17.64
CA PHE D 63 -3.88 53.68 17.64
C PHE D 63 -2.68 54.08 16.79
N PHE D 64 -2.86 55.17 16.04
CA PHE D 64 -1.82 55.70 15.15
C PHE D 64 -1.65 57.20 15.29
N SER D 65 -1.79 57.71 16.51
CA SER D 65 -1.65 59.14 16.77
C SER D 65 -0.23 59.60 16.41
N ASP D 66 0.74 58.71 16.64
CA ASP D 66 2.16 58.95 16.40
C ASP D 66 2.62 58.67 14.96
N VAL D 67 1.98 59.25 13.96
CA VAL D 67 2.42 58.98 12.58
C VAL D 67 2.77 60.21 11.76
N ASN D 68 3.70 60.02 10.82
CA ASN D 68 4.19 61.07 9.95
C ASN D 68 3.25 61.34 8.75
N THR D 69 1.95 61.50 9.01
CA THR D 69 0.99 61.75 7.93
C THR D 69 0.04 62.91 8.19
N SER D 70 -0.59 63.41 7.13
CA SER D 70 -1.53 64.54 7.21
C SER D 70 -2.93 64.26 6.66
N ALA D 71 -3.91 65.02 7.14
CA ALA D 71 -5.32 64.87 6.73
C ALA D 71 -5.58 64.95 5.24
N SER D 72 -4.87 65.86 4.56
CA SER D 72 -5.01 66.06 3.11
C SER D 72 -4.11 65.03 2.38
N GLU D 73 -3.06 64.57 3.08
CA GLU D 73 -2.12 63.57 2.57
C GLU D 73 -2.85 62.21 2.55
N ILE D 74 -3.31 61.79 3.73
CA ILE D 74 -4.04 60.54 3.88
C ILE D 74 -5.24 60.57 2.94
N LYS D 75 -6.13 61.53 3.16
CA LYS D 75 -7.34 61.70 2.34
C LYS D 75 -7.12 61.26 0.90
N ASP D 76 -5.98 61.65 0.32
CA ASP D 76 -5.73 61.25 -1.06
C ASP D 76 -5.66 59.73 -1.05
N ARG D 77 -4.58 59.17 -0.50
CA ARG D 77 -4.41 57.72 -0.42
C ARG D 77 -5.74 57.00 -0.62
N ILE D 78 -6.65 57.23 0.33
CA ILE D 78 -7.98 56.65 0.31
C ILE D 78 -8.62 56.86 -1.06
N LEU D 79 -8.82 58.12 -1.43
CA LEU D 79 -9.40 58.43 -2.73
C LEU D 79 -8.49 57.83 -3.82
N SER D 80 -7.18 58.14 -3.71
CA SER D 80 -6.13 57.69 -4.63
C SER D 80 -6.31 56.22 -4.99
N TYR D 81 -6.77 55.42 -4.03
CA TYR D 81 -6.99 54.00 -4.27
C TYR D 81 -8.31 53.88 -5.05
N PHE D 82 -9.40 54.41 -4.49
CA PHE D 82 -10.69 54.33 -5.16
C PHE D 82 -10.66 55.07 -6.48
N SER D 83 -9.47 55.44 -6.95
CA SER D 83 -9.33 56.17 -8.22
C SER D 83 -8.61 55.39 -9.32
N LYS D 84 -7.97 54.28 -8.95
CA LYS D 84 -7.24 53.48 -9.93
C LYS D 84 -8.09 52.70 -10.93
N GLN D 85 -9.41 52.69 -10.76
CA GLN D 85 -10.29 51.99 -11.70
C GLN D 85 -10.09 52.60 -13.07
N THR D 86 -9.85 53.91 -13.08
CA THR D 86 -9.66 54.70 -14.29
C THR D 86 -8.33 54.50 -15.03
N GLN D 87 -7.31 54.06 -14.31
CA GLN D 87 -5.99 53.83 -14.91
C GLN D 87 -5.74 52.34 -15.16
N THR D 88 -6.40 51.51 -14.37
CA THR D 88 -6.25 50.08 -14.53
C THR D 88 -6.95 49.58 -15.79
N TYR D 89 -6.16 49.01 -16.69
CA TYR D 89 -6.67 48.51 -17.96
C TYR D 89 -6.52 46.98 -18.07
N ASN D 90 -5.86 46.39 -17.08
CA ASN D 90 -5.66 44.94 -17.02
C ASN D 90 -6.91 44.36 -16.36
N ILE D 91 -7.74 43.70 -17.16
CA ILE D 91 -8.96 43.10 -16.67
C ILE D 91 -8.71 42.36 -15.36
N GLY D 92 -7.59 41.68 -15.29
CA GLY D 92 -7.23 40.95 -14.08
C GLY D 92 -7.04 41.89 -12.92
N LYS D 93 -6.11 42.85 -13.07
CA LYS D 93 -5.83 43.84 -12.02
C LYS D 93 -7.12 44.59 -11.70
N LEU D 94 -7.93 44.83 -12.72
CA LEU D 94 -9.22 45.49 -12.53
C LEU D 94 -10.05 44.65 -11.55
N PHE D 95 -10.35 43.41 -11.96
CA PHE D 95 -11.10 42.47 -11.13
C PHE D 95 -10.50 42.40 -9.73
N THR D 96 -9.17 42.46 -9.67
CA THR D 96 -8.45 42.39 -8.41
C THR D 96 -8.70 43.58 -7.50
N ILE D 97 -8.67 44.77 -8.05
CA ILE D 97 -8.89 45.94 -7.21
C ILE D 97 -10.36 46.07 -6.80
N ILE D 98 -11.26 45.52 -7.60
CA ILE D 98 -12.68 45.60 -7.27
C ILE D 98 -13.06 44.74 -6.06
N GLU D 99 -12.46 43.55 -5.98
CA GLU D 99 -12.76 42.64 -4.87
C GLU D 99 -12.26 43.20 -3.55
N LEU D 100 -11.20 43.96 -3.62
CA LEU D 100 -10.63 44.55 -2.44
C LEU D 100 -11.35 45.85 -2.07
N GLN D 101 -11.76 46.63 -3.05
CA GLN D 101 -12.46 47.86 -2.73
C GLN D 101 -13.73 47.47 -1.99
N SER D 102 -14.29 46.32 -2.39
CA SER D 102 -15.52 45.82 -1.79
C SER D 102 -15.36 45.37 -0.34
N VAL D 103 -14.16 44.92 0.02
CA VAL D 103 -13.90 44.49 1.38
C VAL D 103 -14.01 45.73 2.27
N LEU D 104 -13.39 46.82 1.85
CA LEU D 104 -13.48 48.03 2.61
C LEU D 104 -14.96 48.34 2.75
N VAL D 105 -15.58 48.63 1.61
CA VAL D 105 -17.00 48.99 1.51
C VAL D 105 -18.04 48.33 2.42
N THR D 106 -17.92 47.02 2.62
CA THR D 106 -18.90 46.32 3.45
C THR D 106 -18.41 46.03 4.86
N THR D 107 -17.12 45.77 5.02
CA THR D 107 -16.58 45.44 6.32
C THR D 107 -15.85 46.51 7.12
N TYR D 108 -15.20 47.45 6.46
CA TYR D 108 -14.47 48.45 7.23
C TYR D 108 -15.29 48.99 8.39
N THR D 109 -16.53 49.40 8.11
CA THR D 109 -17.39 49.91 9.15
C THR D 109 -17.55 48.86 10.23
N ASP D 110 -18.24 47.77 9.89
CA ASP D 110 -18.54 46.68 10.81
C ASP D 110 -17.34 46.09 11.54
N ILE D 111 -16.28 45.79 10.81
CA ILE D 111 -15.10 45.17 11.40
C ILE D 111 -14.05 46.06 12.09
N LEU D 112 -13.72 47.18 11.46
CA LEU D 112 -12.72 48.11 12.00
C LEU D 112 -13.27 49.43 12.54
N GLY D 113 -13.92 50.20 11.68
CA GLY D 113 -14.48 51.47 12.11
C GLY D 113 -15.06 51.41 13.51
N VAL D 114 -15.89 50.40 13.76
CA VAL D 114 -16.51 50.22 15.07
C VAL D 114 -15.56 50.54 16.21
N LEU D 115 -14.31 50.10 16.09
CA LEU D 115 -13.31 50.35 17.12
C LEU D 115 -13.51 51.73 17.71
N THR D 116 -13.31 52.76 16.88
CA THR D 116 -13.45 54.14 17.30
C THR D 116 -14.89 54.53 17.70
N ILE D 117 -15.41 53.85 18.73
CA ILE D 117 -16.75 54.09 19.29
C ILE D 117 -16.85 53.36 20.64
N ASN D 130 0.34 35.85 44.06
CA ASN D 130 -0.71 34.96 43.58
C ASN D 130 -0.19 33.96 42.52
N VAL D 131 0.25 34.49 41.37
CA VAL D 131 0.78 33.70 40.25
C VAL D 131 2.25 33.26 40.42
N THR D 132 3.13 34.22 40.70
CA THR D 132 4.56 33.97 40.89
C THR D 132 4.83 32.65 41.62
N SER D 133 3.94 32.31 42.54
CA SER D 133 4.03 31.08 43.33
C SER D 133 4.72 29.88 42.64
N MET D 134 4.17 29.45 41.51
CA MET D 134 4.73 28.31 40.78
C MET D 134 6.05 28.56 40.07
N GLU D 135 6.56 29.79 40.11
CA GLU D 135 7.82 30.12 39.44
C GLU D 135 8.82 29.01 39.70
N GLU D 136 8.65 28.37 40.84
CA GLU D 136 9.51 27.25 41.22
C GLU D 136 9.28 26.13 40.20
N LEU D 137 8.13 25.47 40.36
CA LEU D 137 7.72 24.36 39.51
C LEU D 137 8.05 24.62 38.03
N ALA D 138 7.78 25.85 37.56
CA ALA D 138 8.04 26.22 36.17
C ALA D 138 9.47 25.82 35.82
N ARG D 139 10.43 26.42 36.50
CA ARG D 139 11.84 26.12 36.29
C ARG D 139 12.07 24.61 36.34
N ASP D 140 11.56 23.98 37.40
CA ASP D 140 11.71 22.55 37.61
C ASP D 140 11.25 21.66 36.45
N MET D 141 9.98 21.79 36.05
CA MET D 141 9.41 20.99 34.97
C MET D 141 10.13 21.31 33.67
N LEU D 142 10.45 22.60 33.51
CA LEU D 142 11.15 23.10 32.34
C LEU D 142 12.50 22.37 32.19
N ASN D 143 13.28 22.40 33.27
CA ASN D 143 14.59 21.77 33.34
C ASN D 143 14.57 20.31 32.92
N SER D 144 13.65 19.54 33.53
CA SER D 144 13.51 18.11 33.24
C SER D 144 13.79 17.94 31.74
N MET D 145 13.29 18.91 30.98
CA MET D 145 13.44 18.97 29.53
C MET D 145 14.84 19.54 29.21
N ASN D 146 14.89 20.79 28.73
CA ASN D 146 16.14 21.50 28.41
C ASN D 146 17.25 20.82 27.59
N VAL D 147 17.12 19.52 27.33
CA VAL D 147 18.13 18.81 26.54
C VAL D 147 17.96 19.12 25.05
N ALA D 148 18.74 20.06 24.52
CA ALA D 148 18.64 20.42 23.11
C ALA D 148 19.96 20.32 22.32
N VAL D 149 20.09 21.16 21.28
CA VAL D 149 21.28 21.23 20.41
C VAL D 149 22.49 20.45 20.91
N VAL D 161 10.01 42.51 11.64
CA VAL D 161 9.31 43.05 12.81
C VAL D 161 9.45 44.58 12.88
N SER D 162 8.49 45.32 12.31
CA SER D 162 8.51 46.79 12.31
C SER D 162 7.59 47.29 13.41
N SER D 163 7.98 48.38 14.06
CA SER D 163 7.21 48.96 15.17
C SER D 163 5.73 49.24 14.88
N LEU D 164 5.29 48.97 13.65
CA LEU D 164 3.88 49.16 13.35
C LEU D 164 3.25 48.12 14.27
N VAL D 165 4.08 47.13 14.62
CA VAL D 165 3.74 46.04 15.53
C VAL D 165 3.04 46.68 16.72
N LYS D 166 3.66 47.73 17.21
CA LYS D 166 3.17 48.49 18.34
C LYS D 166 1.76 49.03 18.13
N ASN D 167 1.61 49.97 17.21
CA ASN D 167 0.31 50.55 16.93
C ASN D 167 -0.75 49.44 16.87
N VAL D 168 -0.50 48.46 16.01
CA VAL D 168 -1.42 47.35 15.84
C VAL D 168 -1.76 46.68 17.17
N ASN D 169 -0.72 46.30 17.92
CA ASN D 169 -0.94 45.67 19.21
C ASN D 169 -1.85 46.53 20.07
N LYS D 170 -2.06 47.77 19.65
CA LYS D 170 -2.93 48.69 20.38
C LYS D 170 -4.36 48.58 19.85
N LEU D 171 -4.47 48.28 18.56
CA LEU D 171 -5.77 48.12 17.92
C LEU D 171 -6.38 46.83 18.42
N MET D 172 -5.62 45.75 18.27
CA MET D 172 -6.06 44.42 18.67
C MET D 172 -6.69 44.33 20.06
N GLU D 173 -6.17 45.14 20.98
CA GLU D 173 -6.70 45.15 22.33
C GLU D 173 -8.19 45.44 22.21
N GLU D 174 -8.51 46.64 21.74
CA GLU D 174 -9.89 47.07 21.58
C GLU D 174 -10.69 46.03 20.79
N TYR D 175 -10.05 45.43 19.79
CA TYR D 175 -10.70 44.43 18.94
C TYR D 175 -11.32 43.32 19.76
N LEU D 176 -10.48 42.57 20.47
CA LEU D 176 -10.96 41.49 21.31
C LEU D 176 -12.15 41.93 22.15
N ARG D 177 -12.12 43.20 22.57
CA ARG D 177 -13.18 43.78 23.39
C ARG D 177 -14.47 43.94 22.59
N ARG D 178 -14.34 44.60 21.43
CA ARG D 178 -15.47 44.85 20.54
C ARG D 178 -16.01 43.53 20.04
N HIS D 179 -15.16 42.82 19.30
CA HIS D 179 -15.47 41.52 18.68
C HIS D 179 -15.16 40.29 19.57
N ASN D 180 -16.06 40.02 20.52
CA ASN D 180 -15.91 38.88 21.41
C ASN D 180 -16.09 37.57 20.64
N LYS D 181 -17.27 37.47 20.02
CA LYS D 181 -17.68 36.31 19.27
C LYS D 181 -17.16 36.13 17.84
N SER D 182 -16.36 37.08 17.34
CA SER D 182 -15.82 36.97 15.98
C SER D 182 -14.32 37.14 16.01
N CYS D 183 -13.73 36.78 17.15
CA CYS D 183 -12.30 36.87 17.33
C CYS D 183 -11.94 36.50 18.75
N ILE D 184 -11.20 35.40 18.87
CA ILE D 184 -10.77 34.93 20.16
C ILE D 184 -9.24 34.94 20.13
N CYS D 185 -8.63 35.13 21.29
CA CYS D 185 -7.16 35.22 21.42
C CYS D 185 -6.45 34.21 22.32
N TYR D 186 -5.13 34.18 22.18
CA TYR D 186 -4.29 33.30 22.97
C TYR D 186 -2.83 33.74 22.85
N GLY D 187 -1.94 32.76 22.96
CA GLY D 187 -0.52 33.03 22.87
C GLY D 187 -0.06 33.90 24.01
N SER D 188 1.15 34.45 23.85
CA SER D 188 1.78 35.31 24.84
C SER D 188 0.85 36.34 25.49
N TYR D 189 0.22 37.18 24.67
CA TYR D 189 -0.66 38.22 25.18
C TYR D 189 -1.55 37.70 26.32
N SER D 190 -2.56 36.92 25.95
CA SER D 190 -3.53 36.35 26.89
C SER D 190 -3.07 36.14 28.34
N LEU D 191 -1.97 35.41 28.54
CA LEU D 191 -1.49 35.16 29.90
C LEU D 191 -1.21 36.45 30.68
N TYR D 192 -0.82 37.51 29.96
CA TYR D 192 -0.56 38.80 30.58
C TYR D 192 -1.90 39.37 31.06
N LEU D 193 -3.00 38.80 30.57
CA LEU D 193 -4.32 39.24 30.99
C LEU D 193 -4.73 38.49 32.26
N ILE D 194 -3.85 37.62 32.74
CA ILE D 194 -4.07 36.83 33.98
C ILE D 194 -2.86 37.10 34.88
N ASN D 195 -1.77 37.54 34.24
CA ASN D 195 -0.55 37.90 34.94
C ASN D 195 0.07 39.07 34.19
N PRO D 196 -0.35 40.28 34.55
CA PRO D 196 0.16 41.52 33.93
C PRO D 196 1.69 41.60 34.01
N ASN D 197 2.29 40.52 34.50
CA ASN D 197 3.73 40.40 34.65
C ASN D 197 4.21 39.41 33.60
N ILE D 198 3.57 39.41 32.42
CA ILE D 198 3.96 38.50 31.35
C ILE D 198 4.46 39.25 30.12
N ARG D 199 5.76 39.06 29.82
CA ARG D 199 6.42 39.73 28.68
C ARG D 199 6.11 39.13 27.30
N TYR D 200 5.09 39.71 26.64
CA TYR D 200 4.65 39.27 25.33
C TYR D 200 5.12 40.17 24.18
N GLY D 201 4.89 39.69 22.96
CA GLY D 201 5.26 40.43 21.76
C GLY D 201 4.12 40.53 20.77
N ASP D 202 3.43 39.42 20.54
CA ASP D 202 2.33 39.41 19.60
C ASP D 202 0.98 39.02 20.19
N ILE D 203 -0.04 39.82 19.88
CA ILE D 203 -1.40 39.51 20.32
C ILE D 203 -1.82 38.45 19.30
N ASP D 204 -1.89 37.20 19.73
CA ASP D 204 -2.26 36.09 18.83
C ASP D 204 -3.77 35.81 18.83
N ILE D 205 -4.32 35.54 17.65
CA ILE D 205 -5.75 35.29 17.58
C ILE D 205 -6.23 34.23 16.59
N LEU D 206 -7.50 33.90 16.77
CA LEU D 206 -8.23 32.94 15.95
C LEU D 206 -9.52 33.74 15.71
N GLN D 207 -9.94 33.86 14.45
CA GLN D 207 -11.17 34.60 14.11
C GLN D 207 -11.89 34.09 12.86
N THR D 208 -13.21 34.00 12.96
CA THR D 208 -14.06 33.50 11.90
C THR D 208 -14.00 34.26 10.57
N ASN D 209 -13.37 35.43 10.55
CA ASN D 209 -13.33 36.21 9.33
C ASN D 209 -11.94 36.68 8.93
N SER D 210 -10.94 36.18 9.64
CA SER D 210 -9.54 36.54 9.39
C SER D 210 -9.24 37.01 7.97
N ARG D 211 -9.89 36.40 6.99
CA ARG D 211 -9.68 36.76 5.59
C ARG D 211 -9.98 38.23 5.37
N THR D 212 -11.10 38.69 5.94
CA THR D 212 -11.50 40.09 5.83
C THR D 212 -10.56 40.89 6.72
N PHE D 213 -10.66 40.61 8.01
CA PHE D 213 -9.87 41.23 9.06
C PHE D 213 -8.52 41.72 8.60
N LEU D 214 -7.81 40.90 7.85
CA LEU D 214 -6.50 41.29 7.40
C LEU D 214 -6.60 42.28 6.23
N ILE D 215 -7.44 41.97 5.25
CA ILE D 215 -7.60 42.87 4.11
C ILE D 215 -7.83 44.27 4.67
N ASP D 216 -8.83 44.39 5.53
CA ASP D 216 -9.14 45.66 6.15
C ASP D 216 -7.86 46.26 6.73
N LEU D 217 -7.42 45.73 7.87
CA LEU D 217 -6.19 46.19 8.51
C LEU D 217 -5.14 46.54 7.48
N ALA D 218 -4.95 45.64 6.53
CA ALA D 218 -3.97 45.86 5.48
C ALA D 218 -4.14 47.28 5.00
N PHE D 219 -5.35 47.60 4.56
CA PHE D 219 -5.65 48.95 4.08
C PHE D 219 -5.42 49.97 5.17
N LEU D 220 -5.90 49.68 6.37
CA LEU D 220 -5.71 50.58 7.47
C LEU D 220 -4.27 51.06 7.42
N ILE D 221 -3.34 50.12 7.55
CA ILE D 221 -1.92 50.42 7.50
C ILE D 221 -1.49 51.05 6.18
N LYS D 222 -1.89 50.42 5.07
CA LYS D 222 -1.56 50.93 3.73
C LYS D 222 -1.95 52.41 3.62
N PHE D 223 -3.03 52.81 4.28
CA PHE D 223 -3.50 54.20 4.26
C PHE D 223 -2.71 55.06 5.23
N ILE D 224 -3.16 55.10 6.48
CA ILE D 224 -2.47 55.89 7.50
C ILE D 224 -0.94 55.91 7.32
N THR D 225 -0.35 54.72 7.17
CA THR D 225 1.10 54.60 7.01
C THR D 225 1.59 55.17 5.71
N GLY D 226 0.94 54.72 4.64
CA GLY D 226 1.35 55.11 3.31
C GLY D 226 2.29 53.98 2.93
N ASN D 227 2.27 52.93 3.75
CA ASN D 227 3.13 51.78 3.50
C ASN D 227 2.48 50.76 2.58
N ASN D 228 3.31 50.17 1.71
CA ASN D 228 2.89 49.16 0.76
C ASN D 228 3.08 47.77 1.35
N ILE D 229 2.13 47.33 2.17
CA ILE D 229 2.25 46.01 2.78
C ILE D 229 1.82 44.88 1.87
N ILE D 230 1.94 43.69 2.43
CA ILE D 230 1.62 42.47 1.74
C ILE D 230 0.94 41.53 2.71
N LEU D 231 0.04 40.72 2.18
CA LEU D 231 -0.69 39.77 3.00
C LEU D 231 -0.46 38.41 2.40
N SER D 232 0.13 37.51 3.17
CA SER D 232 0.42 36.17 2.68
C SER D 232 -0.21 35.00 3.44
N LYS D 233 -0.33 33.87 2.73
CA LYS D 233 -0.87 32.64 3.30
C LYS D 233 0.33 31.69 3.24
N ILE D 234 0.63 31.07 4.37
CA ILE D 234 1.77 30.16 4.46
C ILE D 234 1.39 28.69 4.35
N PRO D 235 1.51 28.12 3.15
CA PRO D 235 1.19 26.73 2.83
C PRO D 235 1.40 25.72 3.95
N TYR D 236 2.31 26.03 4.86
CA TYR D 236 2.63 25.14 5.97
C TYR D 236 1.53 25.11 7.04
N LEU D 237 1.20 26.28 7.56
CA LEU D 237 0.17 26.33 8.60
C LEU D 237 -1.23 26.26 7.98
N ARG D 238 -2.14 25.61 8.69
CA ARG D 238 -3.53 25.45 8.23
C ARG D 238 -4.36 26.71 8.50
N ASN D 239 -4.93 27.29 7.44
CA ASN D 239 -5.76 28.49 7.54
C ASN D 239 -4.92 29.59 8.17
N TYR D 240 -3.86 29.99 7.47
CA TYR D 240 -2.99 31.01 8.01
C TYR D 240 -2.61 32.13 7.06
N MET D 241 -2.88 33.35 7.52
CA MET D 241 -2.54 34.54 6.76
C MET D 241 -1.93 35.58 7.71
N VAL D 242 -0.67 35.91 7.45
CA VAL D 242 0.04 36.88 8.25
C VAL D 242 0.35 38.11 7.40
N ILE D 243 -0.16 39.26 7.82
CA ILE D 243 0.13 40.46 7.06
C ILE D 243 1.53 40.84 7.50
N LYS D 244 2.50 40.76 6.60
CA LYS D 244 3.86 41.15 6.94
C LYS D 244 4.06 42.60 6.48
N ASP D 245 5.30 43.07 6.51
CA ASP D 245 5.59 44.43 6.10
C ASP D 245 6.17 44.54 4.70
N GLU D 246 6.22 45.78 4.24
CA GLU D 246 6.77 46.17 2.95
C GLU D 246 8.15 45.52 2.82
N ASN D 247 8.84 45.36 3.95
CA ASN D 247 10.18 44.78 3.98
C ASN D 247 10.18 43.42 4.68
N ASP D 248 9.01 42.80 4.78
CA ASP D 248 8.86 41.50 5.43
C ASP D 248 8.86 41.60 6.96
N ASN D 249 8.58 42.81 7.47
CA ASN D 249 8.54 43.05 8.92
C ASN D 249 7.22 42.51 9.44
N HIS D 250 7.25 41.33 10.05
CA HIS D 250 6.03 40.74 10.56
C HIS D 250 5.17 41.71 11.37
N ILE D 251 4.14 42.23 10.71
CA ILE D 251 3.20 43.15 11.36
C ILE D 251 2.34 42.34 12.30
N ILE D 252 1.62 41.35 11.76
CA ILE D 252 0.74 40.49 12.57
C ILE D 252 0.11 39.33 11.79
N ASP D 253 0.12 38.14 12.38
CA ASP D 253 -0.43 36.93 11.76
C ASP D 253 -1.75 36.50 12.38
N SER D 254 -2.55 35.75 11.61
CA SER D 254 -3.84 35.26 12.09
C SER D 254 -4.20 33.87 11.56
N PHE D 255 -5.01 33.15 12.34
CA PHE D 255 -5.49 31.80 11.99
C PHE D 255 -7.03 31.89 11.86
N ASN D 256 -7.59 31.34 10.78
CA ASN D 256 -9.05 31.38 10.58
C ASN D 256 -9.68 30.07 11.02
N ILE D 257 -10.88 30.14 11.60
CA ILE D 257 -11.57 28.95 12.07
C ILE D 257 -13.08 29.02 11.88
N ARG D 258 -13.67 27.91 11.45
CA ARG D 258 -15.11 27.84 11.24
C ARG D 258 -15.81 28.35 12.50
N GLN D 259 -17.03 28.84 12.36
CA GLN D 259 -17.77 29.32 13.52
C GLN D 259 -17.97 28.07 14.36
N ASP D 260 -18.16 26.96 13.65
CA ASP D 260 -18.33 25.65 14.27
C ASP D 260 -17.27 25.52 15.34
N THR D 261 -16.04 25.44 14.90
CA THR D 261 -14.88 25.32 15.77
C THR D 261 -14.80 26.45 16.80
N MET D 262 -15.05 27.67 16.35
CA MET D 262 -15.00 28.82 17.24
C MET D 262 -15.72 28.56 18.56
N ASN D 263 -16.77 27.76 18.53
CA ASN D 263 -17.52 27.46 19.74
C ASN D 263 -16.83 26.43 20.62
N VAL D 264 -16.58 25.25 20.06
CA VAL D 264 -15.95 24.17 20.81
C VAL D 264 -14.63 24.56 21.47
N VAL D 265 -14.05 25.68 21.04
CA VAL D 265 -12.80 26.11 21.63
C VAL D 265 -13.00 26.52 23.08
N PRO D 266 -12.13 26.03 23.97
CA PRO D 266 -12.20 26.35 25.39
C PRO D 266 -12.01 27.85 25.54
N LYS D 267 -13.11 28.60 25.44
CA LYS D 267 -13.04 30.06 25.57
C LYS D 267 -13.23 30.55 27.00
N ILE D 268 -12.56 31.65 27.34
CA ILE D 268 -12.64 32.24 28.68
C ILE D 268 -12.85 33.76 28.61
N PHE D 269 -13.54 34.32 29.61
CA PHE D 269 -13.78 35.75 29.65
C PHE D 269 -12.99 36.47 30.74
N ILE D 270 -12.43 37.62 30.38
CA ILE D 270 -11.68 38.47 31.29
C ILE D 270 -11.24 39.69 30.51
N ASP D 271 -11.78 40.84 30.92
CA ASP D 271 -11.46 42.11 30.28
C ASP D 271 -12.27 42.33 29.02
N ASN D 272 -13.49 41.79 29.01
CA ASN D 272 -14.40 41.94 27.87
C ASN D 272 -13.85 41.35 26.57
N ILE D 273 -12.92 40.42 26.71
CA ILE D 273 -12.30 39.77 25.58
C ILE D 273 -12.20 38.27 25.90
N TYR D 274 -12.28 37.44 24.87
CA TYR D 274 -12.19 36.00 25.09
C TYR D 274 -10.77 35.48 24.89
N ILE D 275 -10.31 34.66 25.84
CA ILE D 275 -8.99 34.07 25.72
C ILE D 275 -9.21 32.58 25.58
N VAL D 276 -8.21 31.89 25.06
CA VAL D 276 -8.31 30.46 24.92
C VAL D 276 -8.03 29.90 26.31
N ASP D 277 -9.06 29.38 26.97
CA ASP D 277 -8.89 28.81 28.29
C ASP D 277 -7.45 28.32 28.52
N PRO D 278 -6.71 28.99 29.42
CA PRO D 278 -5.31 28.70 29.77
C PRO D 278 -4.97 27.22 29.96
N THR D 279 -5.96 26.42 30.35
CA THR D 279 -5.77 24.98 30.53
C THR D 279 -5.37 24.43 29.19
N PHE D 280 -6.28 24.62 28.24
CA PHE D 280 -6.08 24.19 26.87
C PHE D 280 -4.72 24.76 26.43
N GLN D 281 -4.60 26.08 26.49
CA GLN D 281 -3.37 26.76 26.10
C GLN D 281 -2.12 26.14 26.71
N LEU D 282 -2.28 25.41 27.81
CA LEU D 282 -1.14 24.77 28.46
C LEU D 282 -0.88 23.40 27.86
N LEU D 283 -1.92 22.79 27.31
CA LEU D 283 -1.82 21.49 26.68
C LEU D 283 -0.92 21.60 25.42
N ASN D 284 -1.16 22.65 24.64
CA ASN D 284 -0.35 22.90 23.43
C ASN D 284 1.05 23.17 23.93
N MET D 285 1.12 23.82 25.09
CA MET D 285 2.39 24.17 25.72
C MET D 285 3.22 22.91 25.73
N ILE D 286 2.58 21.83 26.16
CA ILE D 286 3.18 20.52 26.25
C ILE D 286 3.39 19.93 24.86
N LYS D 287 2.44 20.17 23.98
CA LYS D 287 2.55 19.64 22.64
C LYS D 287 3.63 20.37 21.85
N MET D 288 3.88 21.63 22.20
CA MET D 288 4.88 22.44 21.53
C MET D 288 6.27 21.86 21.78
N PHE D 289 6.56 21.60 23.05
CA PHE D 289 7.86 21.08 23.45
C PHE D 289 8.23 19.70 22.97
N SER D 290 7.45 19.15 22.05
CA SER D 290 7.78 17.85 21.49
C SER D 290 8.31 18.20 20.12
N GLN D 291 8.48 19.51 19.90
CA GLN D 291 9.01 20.02 18.66
C GLN D 291 10.46 20.35 18.92
N ILE D 292 11.37 19.45 18.53
CA ILE D 292 12.79 19.67 18.75
C ILE D 292 13.11 21.13 18.48
N ASP D 293 12.73 21.58 17.29
CA ASP D 293 12.95 22.96 16.86
C ASP D 293 12.72 23.93 18.03
N ARG D 294 11.65 23.68 18.78
CA ARG D 294 11.26 24.50 19.92
C ARG D 294 12.06 24.18 21.20
N LEU D 295 12.89 23.14 21.12
CA LEU D 295 13.75 22.76 22.24
C LEU D 295 15.11 23.41 22.00
N GLU D 296 15.35 23.80 20.75
CA GLU D 296 16.57 24.51 20.38
C GLU D 296 16.18 25.97 20.58
N ASP D 297 15.03 26.13 21.23
CA ASP D 297 14.42 27.42 21.55
C ASP D 297 14.26 27.45 23.07
N LEU D 298 14.27 26.25 23.67
CA LEU D 298 14.16 26.13 25.12
C LEU D 298 15.58 26.30 25.66
N SER D 299 16.54 25.70 24.97
CA SER D 299 17.94 25.85 25.35
C SER D 299 18.31 27.25 24.87
N LYS D 300 17.54 28.23 25.34
CA LYS D 300 17.70 29.64 24.99
C LYS D 300 17.05 30.56 26.03
N ASP D 301 15.71 30.62 26.00
CA ASP D 301 14.91 31.45 26.92
C ASP D 301 14.29 30.58 28.03
N PRO D 302 15.10 29.77 28.74
CA PRO D 302 14.57 28.93 29.81
C PRO D 302 13.64 29.68 30.75
N GLU D 303 13.69 31.01 30.68
CA GLU D 303 12.85 31.82 31.53
C GLU D 303 11.61 32.29 30.79
N LYS D 304 11.78 32.62 29.51
CA LYS D 304 10.67 33.08 28.68
C LYS D 304 9.43 32.24 28.93
N PHE D 305 9.61 30.93 28.79
CA PHE D 305 8.51 29.99 28.97
C PHE D 305 8.24 29.83 30.45
N ASN D 306 9.30 30.00 31.24
CA ASN D 306 9.24 29.87 32.70
C ASN D 306 8.13 30.71 33.34
N ALA D 307 7.70 31.75 32.62
CA ALA D 307 6.66 32.65 33.10
C ALA D 307 5.29 32.19 32.61
N ARG D 308 5.13 32.16 31.29
CA ARG D 308 3.87 31.73 30.70
C ARG D 308 3.53 30.42 31.41
N MET D 309 4.53 29.55 31.46
CA MET D 309 4.43 28.26 32.11
C MET D 309 3.57 28.31 33.36
N ALA D 310 4.24 28.59 34.47
CA ALA D 310 3.59 28.67 35.78
C ALA D 310 2.31 29.52 35.76
N THR D 311 2.25 30.55 34.92
CA THR D 311 1.06 31.38 34.87
C THR D 311 -0.11 30.46 34.53
N MET D 312 0.24 29.28 33.99
CA MET D 312 -0.74 28.25 33.60
C MET D 312 -0.88 27.24 34.72
N LEU D 313 0.25 26.68 35.15
CA LEU D 313 0.24 25.72 36.25
C LEU D 313 -0.57 26.34 37.38
N GLU D 314 -0.45 27.66 37.47
CA GLU D 314 -1.13 28.47 38.48
C GLU D 314 -2.64 28.58 38.24
N TYR D 315 -3.02 28.83 36.98
CA TYR D 315 -4.42 28.98 36.65
C TYR D 315 -5.22 27.76 37.06
N VAL D 316 -4.95 26.64 36.41
CA VAL D 316 -5.65 25.41 36.71
C VAL D 316 -5.60 25.03 38.18
N ARG D 317 -4.39 24.97 38.74
CA ARG D 317 -4.22 24.61 40.15
C ARG D 317 -5.22 25.35 41.02
N TYR D 318 -5.46 26.61 40.65
CA TYR D 318 -6.41 27.44 41.36
C TYR D 318 -7.82 27.22 40.84
N THR D 319 -7.96 27.04 39.53
CA THR D 319 -9.25 26.84 38.88
C THR D 319 -9.91 25.48 39.16
N HIS D 320 -9.17 24.42 38.89
CA HIS D 320 -9.67 23.07 39.08
C HIS D 320 -8.82 22.35 40.13
N GLY D 321 -8.28 23.13 41.08
CA GLY D 321 -7.43 22.59 42.15
C GLY D 321 -6.60 21.40 41.73
N ILE D 322 -5.59 21.63 40.90
CA ILE D 322 -4.78 20.53 40.40
C ILE D 322 -3.83 19.90 41.42
N VAL D 323 -4.06 18.61 41.64
CA VAL D 323 -3.27 17.79 42.57
C VAL D 323 -1.79 17.90 42.19
N PHE D 324 -1.06 18.75 42.92
CA PHE D 324 0.37 18.96 42.67
C PHE D 324 1.26 18.32 43.70
N ASP D 325 1.50 17.02 43.51
CA ASP D 325 2.37 16.22 44.36
C ASP D 325 3.13 15.35 43.37
N GLY D 326 4.46 15.42 43.40
CA GLY D 326 5.28 14.64 42.49
C GLY D 326 4.76 13.26 42.16
N LYS D 327 3.96 12.71 43.09
CA LYS D 327 3.35 11.39 42.97
C LYS D 327 2.26 11.32 41.88
N ARG D 328 2.52 10.53 40.83
CA ARG D 328 1.53 10.38 39.76
C ARG D 328 1.68 9.17 38.82
N ASN D 329 0.66 8.32 38.88
CA ASN D 329 0.54 7.09 38.09
C ASN D 329 0.04 7.22 36.63
N ASN D 330 -0.03 6.04 36.00
CA ASN D 330 -0.49 5.81 34.64
C ASN D 330 -0.35 7.01 33.69
N MET D 331 0.84 7.62 33.67
CA MET D 331 1.08 8.78 32.81
C MET D 331 1.84 8.44 31.51
N PRO D 332 2.05 9.43 30.61
CA PRO D 332 2.75 9.03 29.39
C PRO D 332 2.53 7.58 28.93
N MET D 333 1.27 7.27 28.58
CA MET D 333 0.89 5.93 28.12
C MET D 333 1.98 5.39 27.19
N LYS D 334 2.25 4.08 27.29
CA LYS D 334 3.28 3.46 26.46
C LYS D 334 3.03 3.79 24.99
N CYS D 335 3.90 4.64 24.45
CA CYS D 335 3.81 5.08 23.07
C CYS D 335 4.75 4.21 22.24
N ILE D 336 4.23 3.58 21.19
CA ILE D 336 5.04 2.70 20.35
C ILE D 336 5.10 3.24 18.92
N ILE D 337 6.27 3.78 18.57
CA ILE D 337 6.47 4.39 17.25
C ILE D 337 6.94 3.48 16.13
N ASP D 338 6.03 2.80 15.44
CA ASP D 338 6.49 1.99 14.33
C ASP D 338 7.16 3.03 13.44
N GLU D 339 8.45 2.87 13.18
CA GLU D 339 9.17 3.83 12.35
C GLU D 339 9.07 3.53 10.85
N ASN D 340 8.57 2.34 10.51
CA ASN D 340 8.41 1.94 9.11
C ASN D 340 7.14 2.52 8.51
N ASN D 341 6.18 2.88 9.38
CA ASN D 341 4.92 3.45 8.92
C ASN D 341 4.87 4.91 9.30
N ARG D 342 5.82 5.30 10.15
CA ARG D 342 5.86 6.66 10.65
C ARG D 342 4.53 6.92 11.37
N ILE D 343 4.19 6.03 12.30
CA ILE D 343 2.96 6.14 13.08
C ILE D 343 3.14 5.58 14.48
N VAL D 344 2.80 6.40 15.46
CA VAL D 344 2.91 6.03 16.87
C VAL D 344 1.80 5.08 17.27
N THR D 345 1.66 4.86 18.57
CA THR D 345 0.62 3.98 19.12
C THR D 345 0.55 4.22 20.64
N VAL D 346 -0.39 5.06 21.07
CA VAL D 346 -0.57 5.40 22.49
C VAL D 346 -1.72 4.63 23.15
N THR D 347 -1.49 4.18 24.39
CA THR D 347 -2.47 3.41 25.14
C THR D 347 -3.26 4.23 26.14
N THR D 348 -4.15 5.08 25.63
CA THR D 348 -4.97 5.93 26.47
C THR D 348 -5.80 5.12 27.45
N LYS D 349 -6.04 3.86 27.10
CA LYS D 349 -6.81 2.92 27.90
C LYS D 349 -7.16 3.41 29.33
N ASP D 350 -6.14 3.52 30.17
CA ASP D 350 -6.30 3.94 31.56
C ASP D 350 -7.00 5.26 31.73
N TYR D 351 -7.67 5.71 30.68
CA TYR D 351 -8.37 6.98 30.74
C TYR D 351 -9.64 7.01 29.91
N PHE D 352 -9.52 6.63 28.63
CA PHE D 352 -10.69 6.67 27.76
C PHE D 352 -11.10 5.32 27.19
N SER D 353 -12.39 5.18 26.96
CA SER D 353 -13.00 3.96 26.43
C SER D 353 -12.11 3.23 25.45
N PHE D 354 -11.52 3.99 24.54
CA PHE D 354 -10.62 3.45 23.53
C PHE D 354 -9.24 3.22 24.11
N LYS D 355 -8.72 2.02 23.92
CA LYS D 355 -7.41 1.67 24.45
C LYS D 355 -6.31 2.38 23.68
N LYS D 356 -6.26 2.12 22.39
CA LYS D 356 -5.25 2.70 21.52
C LYS D 356 -5.67 4.03 20.93
N CYS D 357 -4.68 4.73 20.42
CA CYS D 357 -4.86 6.01 19.78
C CYS D 357 -3.72 6.02 18.78
N LEU D 358 -4.06 5.73 17.53
CA LEU D 358 -3.09 5.67 16.47
C LEU D 358 -2.73 7.07 16.01
N VAL D 359 -1.65 7.60 16.58
CA VAL D 359 -1.18 8.94 16.25
C VAL D 359 -0.39 8.86 14.97
N TYR D 360 -0.98 9.33 13.89
CA TYR D 360 -0.30 9.30 12.61
C TYR D 360 0.71 10.44 12.54
N LEU D 361 1.70 10.29 11.66
CA LEU D 361 2.72 11.31 11.49
C LEU D 361 2.76 11.75 10.02
N ASP D 362 1.78 11.27 9.26
CA ASP D 362 1.63 11.57 7.83
C ASP D 362 0.17 11.86 7.56
N GLU D 363 -0.25 13.08 7.92
CA GLU D 363 -1.62 13.53 7.74
C GLU D 363 -2.29 12.99 6.47
N ASN D 364 -1.64 13.23 5.34
CA ASN D 364 -2.16 12.79 4.06
C ASN D 364 -2.43 11.30 4.04
N VAL D 365 -1.84 10.57 4.98
CA VAL D 365 -2.06 9.12 5.04
C VAL D 365 -3.34 8.90 5.80
N LEU D 366 -3.28 9.26 7.07
CA LEU D 366 -4.42 9.16 7.96
C LEU D 366 -5.70 9.47 7.22
N SER D 367 -5.67 10.54 6.44
CA SER D 367 -6.83 10.97 5.67
C SER D 367 -7.36 9.88 4.77
N SER D 368 -6.49 9.29 3.96
CA SER D 368 -6.93 8.24 3.05
C SER D 368 -7.42 7.02 3.80
N ASP D 369 -6.60 6.55 4.74
CA ASP D 369 -6.97 5.37 5.53
C ASP D 369 -8.29 5.66 6.23
N ILE D 370 -8.45 6.89 6.68
CA ILE D 370 -9.69 7.32 7.33
C ILE D 370 -10.81 7.10 6.34
N LEU D 371 -10.57 7.58 5.12
CA LEU D 371 -11.54 7.43 4.04
C LEU D 371 -11.80 5.94 3.90
N ASP D 372 -10.71 5.16 3.91
CA ASP D 372 -10.81 3.72 3.77
C ASP D 372 -11.69 3.18 4.89
N LEU D 373 -11.63 3.81 6.05
CA LEU D 373 -12.45 3.40 7.17
C LEU D 373 -13.89 3.77 6.89
N ASN D 374 -14.10 4.35 5.71
CA ASN D 374 -15.43 4.75 5.29
C ASN D 374 -16.03 5.75 6.27
N ALA D 375 -15.16 6.48 6.97
CA ALA D 375 -15.60 7.49 7.94
C ALA D 375 -15.52 8.87 7.31
N ASP D 376 -16.61 9.61 7.40
CA ASP D 376 -16.68 10.93 6.80
C ASP D 376 -17.12 12.01 7.77
N THR D 377 -17.22 11.65 9.04
CA THR D 377 -17.63 12.56 10.09
C THR D 377 -16.55 12.62 11.15
N SER D 378 -15.31 12.82 10.73
CA SER D 378 -14.18 12.90 11.66
C SER D 378 -14.23 14.29 12.27
N CYS D 379 -13.84 14.41 13.53
CA CYS D 379 -13.88 15.72 14.16
C CYS D 379 -12.66 16.55 13.86
N ASP D 380 -12.82 17.61 13.07
CA ASP D 380 -11.70 18.48 12.76
C ASP D 380 -11.82 19.77 13.54
N PHE D 381 -10.74 20.13 14.21
CA PHE D 381 -10.72 21.35 14.99
C PHE D 381 -9.65 22.26 14.42
N GLU D 382 -9.67 22.36 13.10
CA GLU D 382 -8.77 23.20 12.33
C GLU D 382 -7.37 23.37 12.91
N SER D 383 -6.82 24.57 12.73
CA SER D 383 -5.48 24.91 13.20
C SER D 383 -5.30 24.83 14.72
N VAL D 384 -6.37 24.50 15.42
CA VAL D 384 -6.27 24.39 16.86
C VAL D 384 -5.43 23.14 17.13
N THR D 385 -6.07 21.98 17.10
CA THR D 385 -5.41 20.71 17.34
C THR D 385 -4.49 20.35 16.19
N ASN D 386 -4.64 21.04 15.06
CA ASN D 386 -3.83 20.78 13.86
C ASN D 386 -4.01 19.32 13.41
N SER D 387 -5.26 18.88 13.39
CA SER D 387 -5.56 17.52 13.01
C SER D 387 -7.05 17.28 13.13
N VAL D 388 -7.44 16.09 12.71
CA VAL D 388 -8.81 15.65 12.73
C VAL D 388 -8.77 14.34 13.51
N TYR D 389 -9.42 14.29 14.67
CA TYR D 389 -9.44 13.07 15.48
C TYR D 389 -10.57 12.16 15.03
N LEU D 390 -10.33 10.85 15.09
CA LEU D 390 -11.35 9.88 14.71
C LEU D 390 -11.38 8.67 15.64
N ILE D 391 -12.57 8.13 15.90
CA ILE D 391 -12.67 6.97 16.75
C ILE D 391 -13.43 5.87 16.07
N HIS D 392 -12.97 5.45 14.90
CA HIS D 392 -13.68 4.37 14.24
C HIS D 392 -13.40 3.18 15.13
N ASP D 393 -14.35 2.27 15.19
CA ASP D 393 -14.29 1.06 16.01
C ASP D 393 -13.44 1.16 17.28
N ASN D 394 -13.96 1.88 18.27
CA ASN D 394 -13.32 2.02 19.57
C ASN D 394 -11.83 2.34 19.56
N ILE D 395 -11.34 2.85 18.45
CA ILE D 395 -9.93 3.21 18.34
C ILE D 395 -9.80 4.63 17.83
N MET D 396 -8.84 5.35 18.40
CA MET D 396 -8.59 6.72 18.01
C MET D 396 -7.43 6.88 17.02
N TYR D 397 -7.75 7.52 15.90
CA TYR D 397 -6.79 7.78 14.84
C TYR D 397 -6.56 9.28 14.84
N THR D 398 -5.31 9.70 14.74
CA THR D 398 -5.02 11.11 14.75
C THR D 398 -3.67 11.44 14.11
N TYR D 399 -3.43 12.72 13.87
CA TYR D 399 -2.20 13.18 13.28
C TYR D 399 -1.49 14.23 14.14
N PHE D 400 -0.24 13.94 14.49
CA PHE D 400 0.55 14.83 15.33
C PHE D 400 1.31 15.85 14.47
N SER D 401 0.93 17.12 14.61
CA SER D 401 1.54 18.19 13.83
C SER D 401 3.04 18.44 14.05
N ASN D 402 3.65 17.80 15.03
CA ASN D 402 5.08 18.02 15.29
C ASN D 402 6.01 16.83 15.04
N THR D 403 7.29 17.01 15.33
CA THR D 403 8.29 15.95 15.15
C THR D 403 8.31 15.15 16.45
N ILE D 404 8.61 13.87 16.35
CA ILE D 404 8.65 13.05 17.55
C ILE D 404 10.05 12.90 18.15
N LEU D 405 10.13 13.02 19.47
CA LEU D 405 11.39 12.92 20.20
C LEU D 405 11.74 11.49 20.61
N LEU D 406 13.01 11.13 20.37
CA LEU D 406 13.52 9.80 20.72
C LEU D 406 14.59 9.89 21.80
N SER D 407 14.47 9.01 22.80
CA SER D 407 15.44 8.94 23.90
C SER D 407 16.49 7.94 23.47
N ASP D 408 16.16 7.19 22.42
CA ASP D 408 17.05 6.18 21.91
C ASP D 408 16.40 5.61 20.65
N LYS D 409 17.10 4.71 19.96
CA LYS D 409 16.58 4.08 18.73
C LYS D 409 15.27 3.33 19.03
N GLY D 410 14.15 3.87 18.55
CA GLY D 410 12.85 3.25 18.76
C GLY D 410 12.23 3.65 20.10
N LYS D 411 13.04 4.27 20.93
CA LYS D 411 12.61 4.71 22.25
C LYS D 411 12.06 6.13 22.15
N VAL D 412 10.77 6.26 22.41
CA VAL D 412 10.06 7.53 22.32
C VAL D 412 10.37 8.44 23.49
N HIS D 413 11.34 9.34 23.33
CA HIS D 413 11.67 10.25 24.42
C HIS D 413 10.38 10.74 25.07
N GLU D 414 10.40 10.81 26.40
CA GLU D 414 9.25 11.22 27.21
C GLU D 414 8.57 12.53 26.85
N ILE D 415 9.35 13.58 26.58
CA ILE D 415 8.78 14.88 26.24
C ILE D 415 7.87 14.77 25.02
N SER D 416 7.85 13.57 24.43
CA SER D 416 7.00 13.27 23.29
C SER D 416 5.63 12.84 23.86
N ALA D 417 5.64 11.78 24.67
CA ALA D 417 4.42 11.28 25.30
C ALA D 417 3.76 12.47 26.02
N ARG D 418 4.52 13.57 26.11
CA ARG D 418 4.03 14.81 26.72
C ARG D 418 2.99 15.37 25.76
N GLY D 419 3.48 15.88 24.63
CA GLY D 419 2.58 16.44 23.64
C GLY D 419 1.57 15.42 23.19
N LEU D 420 2.05 14.24 22.82
CA LEU D 420 1.18 13.17 22.35
C LEU D 420 -0.10 13.17 23.17
N CYS D 421 0.06 13.05 24.49
CA CYS D 421 -1.08 13.05 25.40
C CYS D 421 -1.94 14.30 25.17
N ALA D 422 -1.42 15.44 25.62
CA ALA D 422 -2.07 16.75 25.49
C ALA D 422 -2.97 16.77 24.27
N HIS D 423 -2.37 16.48 23.12
CA HIS D 423 -3.07 16.42 21.85
C HIS D 423 -4.44 15.84 22.14
N ILE D 424 -4.45 14.56 22.44
CA ILE D 424 -5.67 13.83 22.76
C ILE D 424 -6.57 14.65 23.65
N LEU D 425 -6.02 15.10 24.77
CA LEU D 425 -6.76 15.90 25.74
C LEU D 425 -7.42 17.09 25.06
N LEU D 426 -6.68 17.73 24.16
CA LEU D 426 -7.21 18.87 23.43
C LEU D 426 -8.58 18.42 22.91
N TYR D 427 -8.58 17.25 22.27
CA TYR D 427 -9.80 16.67 21.75
C TYR D 427 -10.78 16.62 22.89
N GLN D 428 -10.35 15.91 23.93
CA GLN D 428 -11.14 15.74 25.13
C GLN D 428 -11.77 17.05 25.56
N MET D 429 -11.02 18.13 25.39
CA MET D 429 -11.49 19.46 25.77
C MET D 429 -12.44 20.11 24.77
N LEU D 430 -12.17 19.95 23.48
CA LEU D 430 -13.02 20.55 22.47
C LEU D 430 -14.32 19.75 22.35
N THR D 431 -14.42 18.72 23.17
CA THR D 431 -15.57 17.82 23.18
C THR D 431 -16.15 17.69 24.58
N SER D 432 -15.46 18.29 25.55
CA SER D 432 -15.86 18.27 26.96
C SER D 432 -16.00 16.86 27.53
N GLY D 433 -14.86 16.25 27.87
CA GLY D 433 -14.89 14.91 28.42
C GLY D 433 -13.93 14.72 29.57
N GLU D 434 -14.05 13.57 30.23
CA GLU D 434 -13.20 13.19 31.38
C GLU D 434 -11.73 13.44 31.07
N TYR D 435 -11.21 14.60 31.47
CA TYR D 435 -9.82 14.95 31.22
C TYR D 435 -9.09 15.41 32.48
N LYS D 436 -9.68 16.38 33.17
CA LYS D 436 -9.13 16.97 34.41
C LYS D 436 -8.17 15.96 35.01
N GLN D 437 -8.73 14.80 35.27
CA GLN D 437 -8.01 13.69 35.84
C GLN D 437 -6.69 13.50 35.11
N CYS D 438 -6.75 13.03 33.86
CA CYS D 438 -5.53 12.80 33.13
C CYS D 438 -4.54 13.95 33.11
N LEU D 439 -5.01 15.16 32.85
CA LEU D 439 -4.11 16.31 32.80
C LEU D 439 -3.35 16.50 34.09
N SER D 440 -4.09 16.60 35.19
CA SER D 440 -3.50 16.76 36.52
C SER D 440 -2.43 15.66 36.62
N ASP D 441 -2.84 14.44 36.29
CA ASP D 441 -1.95 13.28 36.30
C ASP D 441 -0.71 13.54 35.43
N LEU D 442 -0.94 14.01 34.20
CA LEU D 442 0.14 14.28 33.26
C LEU D 442 1.13 15.30 33.80
N LEU D 443 0.61 16.36 34.38
CA LEU D 443 1.44 17.42 34.95
C LEU D 443 2.46 16.88 35.95
N ASN D 444 1.96 16.19 36.97
CA ASN D 444 2.80 15.63 38.02
C ASN D 444 3.98 14.83 37.46
N SER D 445 3.76 14.21 36.31
CA SER D 445 4.81 13.40 35.67
C SER D 445 5.96 14.26 35.13
N MET D 446 5.75 15.58 35.16
CA MET D 446 6.73 16.56 34.69
C MET D 446 7.62 17.08 35.82
N MET D 447 7.13 16.94 37.06
CA MET D 447 7.87 17.37 38.26
C MET D 447 9.22 16.64 38.38
N ASN D 448 10.31 17.41 38.32
CA ASN D 448 11.71 16.91 38.40
C ASN D 448 11.98 15.56 37.72
N ARG D 449 12.68 15.62 36.58
CA ARG D 449 12.98 14.42 35.83
C ARG D 449 14.31 14.50 35.09
N ASP D 450 14.85 13.32 34.75
CA ASP D 450 16.11 13.21 34.03
C ASP D 450 16.13 14.04 32.75
N LYS D 451 17.14 14.90 32.62
CA LYS D 451 17.33 15.67 31.38
C LYS D 451 17.78 14.55 30.43
N ILE D 452 16.86 13.66 30.09
CA ILE D 452 17.17 12.52 29.22
C ILE D 452 17.69 12.91 27.84
N PRO D 453 18.79 12.27 27.42
CA PRO D 453 19.38 12.56 26.12
C PRO D 453 18.39 12.28 24.98
N ILE D 454 18.47 13.09 23.92
CA ILE D 454 17.60 12.93 22.76
C ILE D 454 18.35 12.22 21.64
N TYR D 455 18.10 10.91 21.49
CA TYR D 455 18.75 10.12 20.46
C TYR D 455 18.46 10.62 19.04
N SER D 456 17.18 10.62 18.64
CA SER D 456 16.79 11.09 17.30
C SER D 456 15.40 11.73 17.31
N HIS D 457 14.92 12.07 16.11
CA HIS D 457 13.59 12.65 15.96
C HIS D 457 13.03 12.46 14.55
N THR D 458 11.70 12.43 14.47
CA THR D 458 10.97 12.23 13.20
C THR D 458 10.96 13.45 12.31
N GLU D 459 10.97 13.20 11.00
CA GLU D 459 10.92 14.27 10.02
C GLU D 459 9.48 14.58 9.63
N ARG D 460 8.91 15.60 10.27
CA ARG D 460 7.53 16.02 9.98
C ARG D 460 7.18 16.07 8.48
N ASP D 461 6.07 15.46 8.13
CA ASP D 461 5.60 15.42 6.74
C ASP D 461 5.52 16.82 6.13
N LYS D 462 6.01 16.96 4.91
CA LYS D 462 5.99 18.24 4.24
C LYS D 462 4.59 18.57 3.77
N LYS D 463 4.14 19.78 4.07
CA LYS D 463 2.82 20.21 3.64
C LYS D 463 3.07 21.00 2.37
N PRO D 464 2.38 20.63 1.29
CA PRO D 464 2.49 21.27 -0.03
C PRO D 464 1.74 22.61 -0.20
N GLY D 465 1.74 23.14 -1.42
CA GLY D 465 1.05 24.40 -1.68
C GLY D 465 1.97 25.58 -1.92
N ARG D 466 1.60 26.43 -2.86
CA ARG D 466 2.40 27.61 -3.20
C ARG D 466 2.12 28.71 -2.20
N HIS D 467 3.13 29.54 -1.93
CA HIS D 467 2.94 30.65 -1.01
C HIS D 467 2.15 31.70 -1.74
N GLY D 468 0.92 31.93 -1.28
CA GLY D 468 0.06 32.92 -1.91
C GLY D 468 0.09 34.22 -1.16
N PHE D 469 -0.16 35.34 -1.84
CA PHE D 469 -0.13 36.64 -1.19
C PHE D 469 -1.05 37.65 -1.86
N ILE D 470 -1.20 38.81 -1.23
CA ILE D 470 -2.03 39.87 -1.77
C ILE D 470 -1.21 41.15 -1.74
N ASN D 471 -1.07 41.81 -2.89
CA ASN D 471 -0.30 43.03 -2.95
C ASN D 471 -1.17 44.25 -3.19
N ILE D 472 -1.79 44.75 -2.13
CA ILE D 472 -2.68 45.91 -2.22
C ILE D 472 -2.09 46.93 -3.16
N GLU D 473 -0.79 47.10 -3.00
CA GLU D 473 0.00 48.02 -3.79
C GLU D 473 0.13 47.61 -5.27
N LYS D 474 0.87 46.54 -5.54
CA LYS D 474 1.10 46.08 -6.91
C LYS D 474 -0.12 45.44 -7.57
N ASP D 475 -1.25 45.43 -6.86
CA ASP D 475 -2.50 44.85 -7.37
C ASP D 475 -2.34 43.41 -7.82
N ILE D 476 -1.85 42.55 -6.94
CA ILE D 476 -1.69 41.16 -7.32
C ILE D 476 -2.28 40.25 -6.26
N ILE D 477 -3.20 39.39 -6.69
CA ILE D 477 -3.84 38.43 -5.78
C ILE D 477 -3.50 37.03 -6.25
N VAL D 478 -2.95 36.21 -5.36
CA VAL D 478 -2.55 34.85 -5.70
C VAL D 478 -2.53 33.85 -4.56
N PHE D 479 -3.18 32.71 -4.76
CA PHE D 479 -3.22 31.69 -3.74
C PHE D 479 -2.89 30.29 -4.22
N1 U5P I . 3.53 -30.18 -28.99
C2 U5P I . 4.13 -31.37 -28.58
N3 U5P I . 4.97 -31.25 -27.50
C4 U5P I . 5.30 -30.09 -26.82
C5 U5P I . 4.70 -28.89 -27.34
C6 U5P I . 3.86 -28.98 -28.38
O2 U5P I . 3.91 -32.45 -29.14
O4 U5P I . 5.97 -30.15 -25.78
C1' U5P I . 2.53 -30.25 -30.06
C2' U5P I . 1.19 -29.61 -29.69
O2' U5P I . 0.30 -30.56 -29.13
C3' U5P I . 0.70 -29.10 -31.05
C4' U5P I . 2.01 -28.66 -31.73
O3' U5P I . 0.10 -30.28 -31.64
O4' U5P I . 3.04 -29.53 -31.17
C5' U5P I . 2.43 -27.21 -31.54
O5' U5P I . 3.50 -26.87 -32.50
P U5P I . 5.01 -27.50 -32.39
O1P U5P I . 4.87 -29.03 -32.35
O2P U5P I . 5.66 -26.98 -31.11
PG 3AT J . -6.08 -41.04 3.67
O1G 3AT J . -4.93 -40.81 2.57
O2G 3AT J . -7.40 -40.31 3.09
O3G 3AT J . -6.44 -42.61 3.84
PB 3AT J . -4.33 -39.41 5.11
O1B 3AT J . -3.37 -39.78 4.06
O2B 3AT J . -3.61 -39.47 6.56
O3B 3AT J . -5.65 -40.41 5.12
PA 3AT J . -4.75 -37.21 3.40
O1A 3AT J . -5.08 -38.21 2.37
O2A 3AT J . -5.76 -35.99 3.22
O3A 3AT J . -4.87 -37.84 4.95
O5' 3AT J . -3.31 -36.45 3.17
C5' 3AT J . -2.33 -36.89 4.12
C4' 3AT J . -1.67 -35.78 4.93
O4' 3AT J . -1.94 -34.46 4.36
C3' 3AT J . -2.11 -35.78 6.42
C2' 3AT J . -2.69 -34.35 6.59
O2' 3AT J . -2.44 -33.76 7.88
C1' 3AT J . -2.06 -33.52 5.44
N9 3AT J . -2.94 -32.36 5.12
C8 3AT J . -4.22 -32.39 4.56
N7 3AT J . -4.70 -31.19 4.41
C5 3AT J . -3.78 -30.31 4.86
C6 3AT J . -3.71 -28.88 4.97
N6 3AT J . -4.79 -28.12 4.54
N1 3AT J . -2.58 -28.28 5.48
C2 3AT J . -1.50 -28.98 5.91
N3 3AT J . -1.54 -30.35 5.82
C4 3AT J . -2.63 -31.03 5.32
CA CA K . -2.20 -37.80 -1.53
CA CA L . -3.00 -39.20 1.86
N1 U5P M . -2.21 39.55 -12.05
C2 U5P M . -3.24 40.35 -11.57
N3 U5P M . -4.31 39.65 -11.03
C4 U5P M . -4.46 38.27 -10.94
C5 U5P M . -3.36 37.52 -11.50
C6 U5P M . -2.31 38.16 -12.03
O2 U5P M . -3.23 41.57 -11.62
O4 U5P M . -5.45 37.80 -10.37
C1' U5P M . -0.99 40.22 -12.56
C2' U5P M . 0.20 39.28 -12.79
O2' U5P M . 0.96 39.07 -11.62
C3' U5P M . 0.97 40.03 -13.88
C4' U5P M . -0.16 40.59 -14.74
O3' U5P M . 1.65 41.09 -13.19
O4' U5P M . -1.29 40.78 -13.83
C5' U5P M . -0.63 39.76 -15.94
O5' U5P M . -1.41 38.62 -15.49
P U5P M . -2.72 38.11 -16.33
O1P U5P M . -3.90 38.99 -15.89
O2P U5P M . -2.94 36.64 -15.91
PG 3AT N . 5.45 35.09 22.30
O1G 3AT N . 4.26 35.21 21.20
O2G 3AT N . 6.81 34.70 21.50
O3G 3AT N . 5.73 36.51 23.00
PB 3AT N . 3.81 32.93 23.10
O1B 3AT N . 2.83 33.58 22.17
O2B 3AT N . 3.08 32.54 24.51
O3B 3AT N . 5.11 33.94 23.43
PA 3AT N . 4.40 31.48 20.85
O1A 3AT N . 4.74 32.81 20.29
O2A 3AT N . 5.47 30.44 20.34
O3A 3AT N . 4.40 31.51 22.49
O5' 3AT N . 3.00 30.89 20.21
C5' 3AT N . 1.90 30.95 21.15
C4' 3AT N . 0.94 29.75 21.09
O4' 3AT N . 1.24 28.86 19.98
C3' 3AT N . 0.94 28.89 22.38
C2' 3AT N . 0.54 27.47 21.82
O2' 3AT N . -0.78 27.04 22.23
C1' 3AT N . 0.66 27.57 20.27
N9 3AT N . 1.51 26.43 19.79
C8 3AT N . 2.88 26.21 19.97
N7 3AT N . 3.27 25.10 19.43
C5 3AT N . 2.21 24.51 18.83
C6 3AT N . 1.99 23.30 18.08
N6 3AT N . 3.05 22.46 17.84
N1 3AT N . 0.72 23.00 17.62
C2 3AT N . -0.38 23.81 17.84
N3 3AT N . -0.22 24.98 18.54
C4 3AT N . 1.04 25.34 19.05
CA CA O . 1.66 34.92 15.99
CA CA P . 2.44 33.96 19.81
#